data_4GKA
#
_entry.id   4GKA
#
_cell.length_a   53.882
_cell.length_b   233.670
_cell.length_c   70.077
_cell.angle_alpha   90.00
_cell.angle_beta   97.33
_cell.angle_gamma   90.00
#
_symmetry.space_group_name_H-M   'P 1 21 1'
#
loop_
_entity.id
_entity.type
_entity.pdbx_description
1 polymer 'Purine nucleoside phosphorylase'
2 non-polymer 'PHOSPHATE ION'
3 non-polymer GLYCEROL
4 water water
#
_entity_poly.entity_id   1
_entity_poly.type   'polypeptide(L)'
_entity_poly.pdbx_seq_one_letter_code
;MRGSHHHHHHGMASMTGGQQMGRDLYDDDDKDPTLMENGYTYEDYKNTAEYLLSHTKHRPQVAIICGSGLGGLTDKLTQA
QIFDYSEIPNFPRSTVPGHAGRLVFGFLNGRACVMMQGRFHMYEGYPLYKVTFPVRVFHLLGVDTLVVTNAAGGLNPKFE
VGDIMLIRDHINLPGFSGQNPLRGPNDERFGDRFPAMSDAYDRTMRQRALSTYKQMGEQRELQEGTYVMVAGPSFETVAE
CRVLQKLGADAVGMSTVPEVIVARHCGLRVFGFSLITNKVIMDYESLEKANWEEVLAAGKQAAQKLEQFVSILMASIPLP
DKAS
;
_entity_poly.pdbx_strand_id   A,B,C,D,E,F
#
loop_
_chem_comp.id
_chem_comp.type
_chem_comp.name
_chem_comp.formula
GOL non-polymer GLYCEROL 'C3 H8 O3'
PO4 non-polymer 'PHOSPHATE ION' 'O4 P -3'
#
# COMPACT_ATOMS: atom_id res chain seq x y z
N ASN A 38 -12.88 -7.26 -20.21
CA ASN A 38 -12.42 -8.62 -20.64
C ASN A 38 -13.49 -9.67 -20.37
N GLY A 39 -13.95 -10.31 -21.45
CA GLY A 39 -14.96 -11.37 -21.39
C GLY A 39 -14.45 -12.73 -20.94
N TYR A 40 -13.13 -12.88 -20.79
CA TYR A 40 -12.55 -14.13 -20.31
C TYR A 40 -12.18 -14.05 -18.84
N THR A 41 -12.52 -15.08 -18.08
CA THR A 41 -12.03 -15.23 -16.71
C THR A 41 -10.64 -15.87 -16.72
N TYR A 42 -9.98 -15.90 -15.56
CA TYR A 42 -8.71 -16.61 -15.43
C TYR A 42 -8.88 -18.09 -15.75
N GLU A 43 -10.04 -18.64 -15.42
CA GLU A 43 -10.32 -20.06 -15.60
C GLU A 43 -10.42 -20.48 -17.06
N ASP A 44 -11.02 -19.62 -17.87
CA ASP A 44 -11.10 -19.82 -19.31
C ASP A 44 -9.71 -20.00 -19.96
N TYR A 45 -8.73 -19.21 -19.50
CA TYR A 45 -7.35 -19.35 -19.92
C TYR A 45 -6.78 -20.68 -19.45
N LYS A 46 -6.95 -20.96 -18.15
CA LYS A 46 -6.39 -22.18 -17.57
C LYS A 46 -6.99 -23.42 -18.22
N ASN A 47 -8.30 -23.41 -18.44
CA ASN A 47 -8.97 -24.55 -19.06
C ASN A 47 -8.45 -24.81 -20.46
N THR A 48 -8.32 -23.76 -21.25
CA THR A 48 -7.74 -23.89 -22.57
C THR A 48 -6.30 -24.44 -22.48
N ALA A 49 -5.52 -23.97 -21.51
CA ALA A 49 -4.15 -24.45 -21.35
C ALA A 49 -4.11 -25.94 -20.94
N GLU A 50 -4.92 -26.29 -19.96
CA GLU A 50 -4.99 -27.68 -19.46
C GLU A 50 -5.39 -28.64 -20.58
N TYR A 51 -6.36 -28.23 -21.39
CA TYR A 51 -6.76 -29.01 -22.55
C TYR A 51 -5.58 -29.29 -23.46
N LEU A 52 -4.75 -28.29 -23.67
CA LEU A 52 -3.60 -28.45 -24.53
C LEU A 52 -2.55 -29.33 -23.85
N LEU A 53 -2.25 -29.02 -22.59
CA LEU A 53 -1.23 -29.76 -21.83
C LEU A 53 -1.55 -31.27 -21.73
N SER A 54 -2.83 -31.60 -21.73
CA SER A 54 -3.30 -32.98 -21.65
C SER A 54 -3.66 -33.59 -23.01
N HIS A 55 -3.33 -32.92 -24.10
CA HIS A 55 -3.50 -33.50 -25.44
C HIS A 55 -2.23 -33.49 -26.28
N THR A 56 -1.16 -32.93 -25.73
CA THR A 56 0.15 -33.07 -26.34
C THR A 56 1.15 -33.20 -25.23
N LYS A 57 2.24 -33.89 -25.53
CA LYS A 57 3.35 -33.99 -24.62
C LYS A 57 4.42 -32.95 -24.96
N HIS A 58 4.29 -32.30 -26.12
CA HIS A 58 5.18 -31.19 -26.45
C HIS A 58 5.04 -30.14 -25.35
N ARG A 59 6.18 -29.54 -24.99
CA ARG A 59 6.22 -28.48 -23.99
C ARG A 59 7.09 -27.36 -24.56
N PRO A 60 6.46 -26.34 -25.15
CA PRO A 60 7.20 -25.30 -25.85
C PRO A 60 7.80 -24.30 -24.90
N GLN A 61 8.97 -23.78 -25.25
CA GLN A 61 9.58 -22.65 -24.54
C GLN A 61 9.21 -21.33 -25.24
N VAL A 62 8.98 -21.41 -26.54
CA VAL A 62 8.86 -20.26 -27.40
C VAL A 62 7.57 -20.35 -28.18
N ALA A 63 6.80 -19.27 -28.23
CA ALA A 63 5.67 -19.17 -29.14
C ALA A 63 6.03 -18.27 -30.31
N ILE A 64 5.53 -18.62 -31.49
CA ILE A 64 5.75 -17.81 -32.69
C ILE A 64 4.42 -17.55 -33.40
N ILE A 65 4.09 -16.27 -33.59
CA ILE A 65 2.87 -15.91 -34.33
C ILE A 65 3.23 -15.59 -35.80
N CYS A 66 2.71 -16.40 -36.72
CA CYS A 66 3.01 -16.22 -38.15
C CYS A 66 1.97 -15.30 -38.79
N GLY A 67 2.43 -14.20 -39.41
CA GLY A 67 1.55 -13.25 -40.07
C GLY A 67 1.16 -13.69 -41.46
N SER A 68 0.49 -12.78 -42.18
CA SER A 68 0.09 -12.97 -43.57
C SER A 68 1.28 -13.43 -44.45
N GLY A 69 1.08 -14.51 -45.22
CA GLY A 69 2.13 -15.06 -46.09
C GLY A 69 3.26 -15.81 -45.40
N LEU A 70 3.19 -15.97 -44.09
CA LEU A 70 4.29 -16.56 -43.32
C LEU A 70 3.90 -17.89 -42.67
N GLY A 71 2.76 -18.45 -43.07
CA GLY A 71 2.32 -19.76 -42.55
C GLY A 71 3.26 -20.91 -42.94
N GLY A 72 3.99 -20.76 -44.03
CA GLY A 72 4.94 -21.78 -44.45
C GLY A 72 6.03 -22.11 -43.44
N LEU A 73 6.19 -21.29 -42.42
CA LEU A 73 7.18 -21.56 -41.36
C LEU A 73 6.89 -22.86 -40.58
N THR A 74 5.64 -23.30 -40.58
CA THR A 74 5.28 -24.58 -39.96
C THR A 74 5.94 -25.78 -40.68
N ASP A 75 6.20 -25.63 -41.98
CA ASP A 75 6.90 -26.64 -42.77
C ASP A 75 8.22 -27.09 -42.14
N LYS A 76 8.89 -26.17 -41.46
CA LYS A 76 10.22 -26.42 -40.91
C LYS A 76 10.20 -27.09 -39.54
N LEU A 77 9.02 -27.29 -38.95
CA LEU A 77 8.93 -28.00 -37.67
C LEU A 77 9.16 -29.50 -37.86
N THR A 78 9.78 -30.12 -36.87
CA THR A 78 9.93 -31.57 -36.83
C THR A 78 9.13 -32.10 -35.64
N GLN A 79 8.54 -33.29 -35.83
CA GLN A 79 7.69 -33.92 -34.83
C GLN A 79 6.46 -33.07 -34.54
N ALA A 80 5.84 -32.60 -35.63
CA ALA A 80 4.75 -31.64 -35.54
C ALA A 80 3.46 -32.30 -35.07
N GLN A 81 2.80 -31.67 -34.11
CA GLN A 81 1.41 -32.00 -33.77
C GLN A 81 0.54 -30.75 -33.99
N ILE A 82 -0.55 -30.95 -34.73
CA ILE A 82 -1.44 -29.89 -35.18
C ILE A 82 -2.77 -29.92 -34.44
N PHE A 83 -3.20 -28.77 -33.89
CA PHE A 83 -4.57 -28.55 -33.44
C PHE A 83 -5.21 -27.50 -34.35
N ASP A 84 -6.42 -27.73 -34.85
CA ASP A 84 -7.20 -26.68 -35.50
C ASP A 84 -7.70 -25.75 -34.40
N TYR A 85 -7.76 -24.45 -34.67
CA TYR A 85 -8.31 -23.52 -33.67
C TYR A 85 -9.73 -23.91 -33.26
N SER A 86 -10.49 -24.45 -34.21
CA SER A 86 -11.87 -24.84 -33.97
C SER A 86 -12.01 -25.91 -32.89
N GLU A 87 -11.02 -26.79 -32.75
CA GLU A 87 -11.05 -27.84 -31.72
C GLU A 87 -10.48 -27.42 -30.37
N ILE A 88 -9.97 -26.20 -30.25
CA ILE A 88 -9.40 -25.73 -28.98
C ILE A 88 -10.46 -24.91 -28.24
N PRO A 89 -10.74 -25.26 -26.95
CA PRO A 89 -11.70 -24.50 -26.16
C PRO A 89 -11.35 -23.02 -26.10
N ASN A 90 -12.38 -22.17 -26.22
CA ASN A 90 -12.28 -20.71 -26.05
C ASN A 90 -11.49 -19.96 -27.13
N PHE A 91 -11.06 -20.65 -28.17
CA PHE A 91 -10.17 -20.04 -29.15
C PHE A 91 -10.98 -19.32 -30.22
N PRO A 92 -10.54 -18.12 -30.60
CA PRO A 92 -11.12 -17.42 -31.74
C PRO A 92 -10.70 -18.04 -33.09
N ARG A 93 -11.28 -17.53 -34.18
CA ARG A 93 -11.07 -18.07 -35.53
C ARG A 93 -10.42 -17.08 -36.49
N SER A 94 -9.55 -17.58 -37.35
CA SER A 94 -8.95 -16.75 -38.35
C SER A 94 -9.95 -16.65 -39.45
N THR A 95 -10.50 -15.45 -39.69
CA THR A 95 -11.42 -15.26 -40.80
C THR A 95 -10.74 -14.79 -42.07
N VAL A 96 -9.44 -14.48 -42.04
CA VAL A 96 -8.79 -13.93 -43.26
C VAL A 96 -8.14 -15.03 -44.09
N PRO A 97 -8.50 -15.13 -45.35
CA PRO A 97 -7.83 -16.19 -46.14
C PRO A 97 -6.32 -15.99 -46.12
N GLY A 98 -5.57 -17.09 -46.15
CA GLY A 98 -4.14 -17.03 -45.99
C GLY A 98 -3.67 -17.22 -44.56
N HIS A 99 -4.57 -17.08 -43.60
CA HIS A 99 -4.29 -17.32 -42.18
C HIS A 99 -4.99 -18.66 -41.84
N ALA A 100 -4.20 -19.73 -41.81
CA ALA A 100 -4.74 -21.08 -41.85
C ALA A 100 -5.61 -21.47 -40.68
N GLY A 101 -5.26 -21.01 -39.48
CA GLY A 101 -6.05 -21.31 -38.30
C GLY A 101 -5.64 -22.60 -37.60
N ARG A 102 -4.33 -22.83 -37.52
CA ARG A 102 -3.77 -24.02 -36.84
C ARG A 102 -2.72 -23.63 -35.80
N LEU A 103 -2.84 -24.23 -34.62
CA LEU A 103 -1.80 -24.20 -33.61
C LEU A 103 -0.91 -25.44 -33.79
N VAL A 104 0.36 -25.23 -34.09
CA VAL A 104 1.28 -26.32 -34.42
C VAL A 104 2.45 -26.36 -33.46
N PHE A 105 2.50 -27.42 -32.65
CA PHE A 105 3.63 -27.70 -31.74
C PHE A 105 4.73 -28.50 -32.43
N GLY A 106 5.97 -28.32 -32.00
CA GLY A 106 7.08 -29.10 -32.53
C GLY A 106 8.43 -28.52 -32.21
N PHE A 107 9.44 -28.93 -32.99
CA PHE A 107 10.80 -28.45 -32.80
C PHE A 107 11.27 -27.67 -34.02
N LEU A 108 11.84 -26.51 -33.78
CA LEU A 108 12.36 -25.68 -34.85
C LEU A 108 13.82 -25.47 -34.56
N ASN A 109 14.66 -25.98 -35.46
CA ASN A 109 16.09 -25.95 -35.28
C ASN A 109 16.36 -26.43 -33.85
N GLY A 110 15.77 -27.57 -33.52
CA GLY A 110 15.94 -28.21 -32.21
C GLY A 110 15.28 -27.56 -31.01
N ARG A 111 14.64 -26.40 -31.21
CA ARG A 111 14.02 -25.68 -30.11
C ARG A 111 12.54 -26.03 -30.05
N ALA A 112 12.07 -26.28 -28.83
CA ALA A 112 10.67 -26.65 -28.56
C ALA A 112 9.80 -25.40 -28.66
N CYS A 113 8.88 -25.39 -29.62
CA CYS A 113 8.05 -24.22 -29.75
C CYS A 113 6.64 -24.54 -30.21
N VAL A 114 5.81 -23.51 -30.23
CA VAL A 114 4.45 -23.61 -30.71
C VAL A 114 4.16 -22.42 -31.61
N MET A 115 3.51 -22.69 -32.73
CA MET A 115 3.27 -21.68 -33.73
C MET A 115 1.80 -21.45 -33.96
N MET A 116 1.39 -20.20 -33.89
CA MET A 116 0.12 -19.78 -34.45
C MET A 116 0.30 -19.64 -35.95
N GLN A 117 -0.28 -20.58 -36.68
CA GLN A 117 -0.36 -20.50 -38.14
C GLN A 117 -1.65 -19.74 -38.50
N GLY A 118 -1.52 -18.42 -38.65
CA GLY A 118 -2.66 -17.50 -38.72
C GLY A 118 -2.88 -16.82 -37.37
N ARG A 119 -3.35 -15.58 -37.39
CA ARG A 119 -3.59 -14.80 -36.20
C ARG A 119 -4.90 -14.06 -36.37
N PHE A 120 -5.26 -13.26 -35.36
CA PHE A 120 -6.51 -12.50 -35.33
C PHE A 120 -6.24 -11.01 -35.44
N HIS A 121 -7.21 -10.28 -35.97
CA HIS A 121 -7.07 -8.84 -36.15
C HIS A 121 -8.31 -8.10 -35.70
N MET A 122 -8.07 -6.92 -35.13
CA MET A 122 -9.11 -6.02 -34.76
C MET A 122 -10.10 -5.79 -35.90
N TYR A 123 -9.59 -5.56 -37.11
CA TYR A 123 -10.51 -5.28 -38.22
C TYR A 123 -11.52 -6.42 -38.51
N GLU A 124 -11.24 -7.63 -38.04
CA GLU A 124 -12.17 -8.73 -38.28
C GLU A 124 -13.45 -8.57 -37.44
N GLY A 125 -13.38 -7.72 -36.43
CA GLY A 125 -14.48 -7.45 -35.55
C GLY A 125 -14.19 -7.90 -34.15
N TYR A 126 -12.99 -8.46 -33.92
CA TYR A 126 -12.59 -8.97 -32.64
C TYR A 126 -12.13 -7.89 -31.64
N PRO A 127 -12.68 -7.90 -30.42
CA PRO A 127 -12.13 -7.06 -29.39
C PRO A 127 -10.74 -7.54 -29.09
N LEU A 128 -9.93 -6.68 -28.49
CA LEU A 128 -8.52 -7.02 -28.30
C LEU A 128 -8.27 -8.13 -27.28
N TYR A 129 -9.19 -8.37 -26.36
CA TYR A 129 -9.01 -9.46 -25.41
C TYR A 129 -9.14 -10.83 -26.13
N LYS A 130 -9.88 -10.90 -27.22
CA LYS A 130 -9.86 -12.08 -28.07
C LYS A 130 -8.60 -12.12 -28.93
N VAL A 131 -8.25 -11.00 -29.56
CA VAL A 131 -7.09 -10.98 -30.44
C VAL A 131 -5.90 -11.58 -29.71
N THR A 132 -5.77 -11.25 -28.42
CA THR A 132 -4.61 -11.63 -27.63
C THR A 132 -4.82 -12.81 -26.71
N PHE A 133 -5.97 -13.46 -26.78
CA PHE A 133 -6.24 -14.60 -25.91
C PHE A 133 -5.09 -15.62 -25.90
N PRO A 134 -4.57 -16.01 -27.08
CA PRO A 134 -3.53 -17.04 -27.10
C PRO A 134 -2.29 -16.70 -26.28
N VAL A 135 -1.97 -15.42 -26.16
CA VAL A 135 -0.71 -15.02 -25.55
C VAL A 135 -0.68 -15.41 -24.08
N ARG A 136 -1.80 -15.29 -23.40
CA ARG A 136 -1.86 -15.72 -22.01
C ARG A 136 -1.89 -17.23 -21.87
N VAL A 137 -2.52 -17.91 -22.83
CA VAL A 137 -2.51 -19.34 -22.84
C VAL A 137 -1.05 -19.79 -22.88
N PHE A 138 -0.32 -19.30 -23.88
CA PHE A 138 1.07 -19.64 -24.02
C PHE A 138 1.83 -19.48 -22.71
N HIS A 139 1.57 -18.39 -22.00
CA HIS A 139 2.20 -18.14 -20.73
C HIS A 139 1.95 -19.31 -19.77
N LEU A 140 0.69 -19.71 -19.66
CA LEU A 140 0.29 -20.82 -18.80
C LEU A 140 0.83 -22.16 -19.28
N LEU A 141 1.08 -22.30 -20.58
CA LEU A 141 1.76 -23.49 -21.09
C LEU A 141 3.20 -23.58 -20.62
N GLY A 142 3.77 -22.47 -20.15
CA GLY A 142 5.17 -22.44 -19.73
C GLY A 142 6.12 -21.77 -20.73
N VAL A 143 5.57 -21.24 -21.82
CA VAL A 143 6.36 -20.45 -22.80
C VAL A 143 7.00 -19.25 -22.12
N ASP A 144 8.22 -18.89 -22.51
CA ASP A 144 8.89 -17.70 -21.93
C ASP A 144 9.34 -16.66 -22.98
N THR A 145 9.22 -17.00 -24.25
CA THR A 145 9.60 -16.12 -25.33
C THR A 145 8.48 -16.10 -26.37
N LEU A 146 8.10 -14.91 -26.81
CA LEU A 146 7.14 -14.77 -27.91
C LEU A 146 7.82 -14.13 -29.10
N VAL A 147 7.69 -14.75 -30.26
CA VAL A 147 8.17 -14.16 -31.51
C VAL A 147 6.99 -13.73 -32.38
N VAL A 148 6.88 -12.43 -32.65
CA VAL A 148 5.82 -11.91 -33.52
C VAL A 148 6.34 -11.59 -34.93
N THR A 149 5.58 -12.02 -35.95
CA THR A 149 5.88 -11.69 -37.32
C THR A 149 4.65 -11.07 -37.99
N ASN A 150 4.87 -10.14 -38.92
CA ASN A 150 3.76 -9.60 -39.71
C ASN A 150 4.21 -9.24 -41.10
N ALA A 151 3.23 -9.04 -41.97
CA ALA A 151 3.48 -8.39 -43.26
C ALA A 151 3.18 -6.92 -43.07
N ALA A 152 4.05 -6.03 -43.55
CA ALA A 152 3.84 -4.60 -43.36
C ALA A 152 4.14 -3.74 -44.59
N GLY A 153 3.58 -2.54 -44.59
CA GLY A 153 3.92 -1.54 -45.59
C GLY A 153 5.12 -0.71 -45.16
N GLY A 154 6.02 -0.45 -46.09
CA GLY A 154 7.23 0.33 -45.77
C GLY A 154 6.88 1.79 -45.81
N LEU A 155 7.15 2.50 -44.71
CA LEU A 155 7.00 3.94 -44.65
C LEU A 155 8.34 4.66 -44.81
N ASN A 156 9.41 4.01 -44.39
CA ASN A 156 10.79 4.50 -44.57
C ASN A 156 11.25 4.41 -46.02
N PRO A 157 11.66 5.54 -46.63
CA PRO A 157 12.05 5.57 -48.05
C PRO A 157 13.17 4.59 -48.41
N LYS A 158 14.06 4.27 -47.47
CA LYS A 158 15.17 3.34 -47.79
C LYS A 158 14.80 1.86 -47.76
N PHE A 159 13.59 1.52 -47.31
CA PHE A 159 13.16 0.11 -47.33
C PHE A 159 12.76 -0.28 -48.73
N GLU A 160 12.77 -1.58 -49.00
CA GLU A 160 12.37 -2.10 -50.31
C GLU A 160 11.44 -3.28 -50.10
N VAL A 161 10.69 -3.62 -51.13
CA VAL A 161 9.83 -4.79 -51.07
C VAL A 161 10.69 -6.03 -50.96
N GLY A 162 10.42 -6.84 -49.94
CA GLY A 162 11.19 -8.05 -49.67
C GLY A 162 12.14 -7.93 -48.49
N ASP A 163 12.40 -6.70 -48.04
CA ASP A 163 13.17 -6.48 -46.82
C ASP A 163 12.51 -7.06 -45.55
N ILE A 164 13.35 -7.38 -44.58
CA ILE A 164 12.91 -7.75 -43.26
C ILE A 164 13.29 -6.62 -42.32
N MET A 165 12.33 -6.17 -41.52
CA MET A 165 12.59 -5.12 -40.55
C MET A 165 12.50 -5.71 -39.17
N LEU A 166 13.61 -5.67 -38.45
CA LEU A 166 13.63 -6.02 -37.04
C LEU A 166 12.89 -4.93 -36.28
N ILE A 167 11.90 -5.31 -35.49
CA ILE A 167 11.08 -4.34 -34.76
C ILE A 167 11.78 -3.82 -33.50
N ARG A 168 12.05 -2.53 -33.50
CA ARG A 168 12.81 -1.85 -32.47
C ARG A 168 11.90 -1.27 -31.42
N ASP A 169 10.72 -0.84 -31.87
CA ASP A 169 9.77 -0.16 -31.02
C ASP A 169 8.42 -0.10 -31.76
N HIS A 170 7.36 0.27 -31.06
CA HIS A 170 6.07 0.46 -31.73
C HIS A 170 5.38 1.73 -31.31
N ILE A 171 4.40 2.13 -32.14
CA ILE A 171 3.47 3.21 -31.82
C ILE A 171 2.05 2.62 -31.88
N ASN A 172 1.37 2.57 -30.74
CA ASN A 172 0.05 1.94 -30.61
C ASN A 172 -1.09 2.96 -30.74
N LEU A 173 -1.48 3.31 -31.96
CA LEU A 173 -2.50 4.36 -32.12
C LEU A 173 -3.87 3.95 -31.52
N PRO A 174 -4.31 2.72 -31.75
CA PRO A 174 -5.55 2.30 -31.04
C PRO A 174 -5.46 2.48 -29.52
N GLY A 175 -4.30 2.15 -28.95
CA GLY A 175 -4.06 2.31 -27.52
C GLY A 175 -4.19 3.72 -27.00
N PHE A 176 -3.72 4.69 -27.75
CA PHE A 176 -3.87 6.08 -27.33
C PHE A 176 -5.31 6.38 -26.99
N SER A 177 -6.24 5.76 -27.73
CA SER A 177 -7.66 6.14 -27.71
C SER A 177 -8.53 5.28 -26.81
N GLY A 178 -8.02 4.17 -26.35
CA GLY A 178 -8.82 3.32 -25.45
C GLY A 178 -8.71 1.85 -25.74
N GLN A 179 -8.36 1.51 -26.98
CA GLN A 179 -8.37 0.13 -27.41
C GLN A 179 -7.02 -0.45 -27.02
N ASN A 180 -6.99 -0.96 -25.79
CA ASN A 180 -5.82 -1.60 -25.20
C ASN A 180 -6.31 -2.91 -24.59
N PRO A 181 -5.60 -4.02 -24.85
CA PRO A 181 -6.08 -5.31 -24.39
C PRO A 181 -6.06 -5.44 -22.87
N LEU A 182 -5.28 -4.60 -22.19
CA LEU A 182 -5.23 -4.61 -20.72
C LEU A 182 -6.34 -3.79 -20.08
N ARG A 183 -7.26 -3.23 -20.87
CA ARG A 183 -8.30 -2.39 -20.34
C ARG A 183 -9.29 -3.22 -19.51
N GLY A 184 -9.68 -2.68 -18.36
CA GLY A 184 -10.55 -3.38 -17.44
C GLY A 184 -9.79 -3.70 -16.18
N PRO A 185 -10.43 -4.47 -15.28
CA PRO A 185 -9.78 -4.92 -14.06
C PRO A 185 -8.53 -5.71 -14.36
N ASN A 186 -7.42 -5.36 -13.71
CA ASN A 186 -6.19 -6.11 -13.88
C ASN A 186 -6.14 -7.35 -13.00
N ASP A 187 -5.72 -8.46 -13.59
CA ASP A 187 -5.48 -9.69 -12.85
C ASP A 187 -3.98 -9.82 -12.56
N GLU A 188 -3.62 -9.77 -11.28
CA GLU A 188 -2.20 -9.83 -10.88
C GLU A 188 -1.58 -11.21 -11.04
N ARG A 189 -2.42 -12.22 -11.23
CA ARG A 189 -1.92 -13.52 -11.62
C ARG A 189 -1.25 -13.46 -12.98
N PHE A 190 -1.60 -12.47 -13.81
CA PHE A 190 -0.88 -12.27 -15.07
C PHE A 190 0.21 -11.21 -14.96
N GLY A 191 -0.09 -10.08 -14.33
CA GLY A 191 0.93 -9.05 -14.17
C GLY A 191 0.44 -7.78 -13.51
N ASP A 192 1.25 -6.74 -13.63
CA ASP A 192 0.98 -5.43 -13.03
C ASP A 192 -0.18 -4.66 -13.67
N ARG A 193 -0.67 -3.66 -12.94
CA ARG A 193 -1.72 -2.77 -13.42
C ARG A 193 -1.19 -1.85 -14.53
N PHE A 194 0.05 -1.35 -14.35
CA PHE A 194 0.67 -0.40 -15.28
C PHE A 194 2.02 -0.87 -15.82
N PRO A 195 2.03 -1.92 -16.65
CA PRO A 195 3.31 -2.42 -17.15
C PRO A 195 4.02 -1.46 -18.14
N ALA A 196 5.34 -1.36 -18.02
CA ALA A 196 6.15 -0.55 -18.95
C ALA A 196 6.29 -1.24 -20.32
N MET A 197 6.33 -0.43 -21.37
CA MET A 197 6.54 -0.96 -22.73
C MET A 197 7.81 -0.43 -23.39
N SER A 198 8.56 0.43 -22.69
CA SER A 198 9.74 1.03 -23.29
C SER A 198 10.80 -0.01 -23.63
N ASP A 199 10.78 -1.14 -22.95
CA ASP A 199 11.78 -2.19 -23.20
C ASP A 199 11.13 -3.46 -23.79
N ALA A 200 10.07 -3.26 -24.57
CA ALA A 200 9.26 -4.39 -25.05
C ALA A 200 10.02 -5.32 -25.98
N TYR A 201 10.80 -4.74 -26.89
CA TYR A 201 11.53 -5.55 -27.87
C TYR A 201 12.95 -5.83 -27.35
N ASP A 202 13.17 -7.08 -26.93
CA ASP A 202 14.37 -7.49 -26.20
C ASP A 202 15.71 -7.08 -26.84
N ARG A 203 16.51 -6.34 -26.08
CA ARG A 203 17.80 -5.82 -26.58
C ARG A 203 18.81 -6.93 -26.96
N THR A 204 18.88 -7.96 -26.13
CA THR A 204 19.80 -9.08 -26.38
C THR A 204 19.50 -9.72 -27.73
N MET A 205 18.25 -10.13 -27.91
CA MET A 205 17.82 -10.75 -29.17
C MET A 205 18.06 -9.84 -30.36
N ARG A 206 17.90 -8.53 -30.17
CA ARG A 206 18.14 -7.53 -31.22
CA ARG A 206 18.11 -7.59 -31.27
C ARG A 206 19.60 -7.58 -31.68
N GLN A 207 20.50 -7.57 -30.70
CA GLN A 207 21.95 -7.65 -30.97
C GLN A 207 22.32 -8.96 -31.66
N ARG A 208 21.81 -10.07 -31.15
CA ARG A 208 22.08 -11.38 -31.72
C ARG A 208 21.43 -11.57 -33.09
N ALA A 209 20.32 -10.89 -33.32
CA ALA A 209 19.70 -10.93 -34.63
C ALA A 209 20.54 -10.17 -35.67
N LEU A 210 21.03 -8.98 -35.30
CA LEU A 210 21.88 -8.16 -36.17
C LEU A 210 23.19 -8.90 -36.47
N SER A 211 23.87 -9.32 -35.42
CA SER A 211 25.06 -10.17 -35.50
C SER A 211 24.90 -11.41 -36.41
N THR A 212 23.81 -12.16 -36.21
CA THR A 212 23.57 -13.42 -36.93
C THR A 212 23.25 -13.26 -38.42
N TYR A 213 22.50 -12.21 -38.73
CA TYR A 213 22.16 -11.92 -40.11
C TYR A 213 23.41 -11.55 -40.88
N LYS A 214 24.33 -10.82 -40.24
CA LYS A 214 25.58 -10.45 -40.90
C LYS A 214 26.40 -11.67 -41.27
N GLN A 215 26.35 -12.71 -40.44
CA GLN A 215 26.94 -14.00 -40.78
C GLN A 215 26.21 -14.58 -41.98
N MET A 216 24.88 -14.62 -41.91
CA MET A 216 24.07 -14.90 -43.09
C MET A 216 24.49 -13.87 -44.14
N GLY A 217 24.85 -14.33 -45.34
CA GLY A 217 25.33 -13.44 -46.39
C GLY A 217 24.19 -13.11 -47.33
N GLU A 218 23.80 -11.84 -47.36
CA GLU A 218 22.65 -11.40 -48.13
C GLU A 218 22.95 -10.07 -48.81
N GLN A 219 22.21 -9.77 -49.89
CA GLN A 219 22.41 -8.51 -50.64
C GLN A 219 21.96 -7.29 -49.79
N ARG A 220 20.72 -7.32 -49.31
CA ARG A 220 20.18 -6.27 -48.44
C ARG A 220 20.55 -6.58 -47.00
N GLU A 221 20.84 -5.55 -46.21
CA GLU A 221 21.05 -5.73 -44.78
C GLU A 221 19.70 -5.82 -44.06
N LEU A 222 19.72 -6.40 -42.86
CA LEU A 222 18.54 -6.46 -42.02
C LEU A 222 18.19 -5.07 -41.55
N GLN A 223 17.00 -4.59 -41.95
CA GLN A 223 16.50 -3.29 -41.53
C GLN A 223 16.05 -3.32 -40.08
N GLU A 224 15.92 -2.14 -39.48
CA GLU A 224 15.48 -2.01 -38.12
C GLU A 224 14.62 -0.76 -38.05
N GLY A 225 13.55 -0.77 -37.24
CA GLY A 225 12.67 0.38 -37.16
C GLY A 225 11.45 0.25 -36.26
N THR A 226 10.59 1.27 -36.33
CA THR A 226 9.35 1.35 -35.54
C THR A 226 8.11 0.89 -36.33
N TYR A 227 7.30 0.03 -35.71
CA TYR A 227 6.02 -0.44 -36.28
C TYR A 227 4.85 0.36 -35.71
N VAL A 228 4.02 0.89 -36.57
CA VAL A 228 2.82 1.58 -36.10
C VAL A 228 1.61 0.71 -36.42
N MET A 229 0.76 0.50 -35.44
CA MET A 229 -0.50 -0.20 -35.69
C MET A 229 -1.58 0.80 -36.02
N VAL A 230 -2.27 0.56 -37.13
CA VAL A 230 -3.58 1.19 -37.42
C VAL A 230 -4.65 0.08 -37.50
N ALA A 231 -5.91 0.37 -37.18
CA ALA A 231 -6.91 -0.70 -37.11
C ALA A 231 -7.28 -1.34 -38.46
N GLY A 232 -7.39 -0.53 -39.51
CA GLY A 232 -7.91 -0.97 -40.80
C GLY A 232 -9.44 -1.17 -40.72
N PRO A 233 -10.02 -1.94 -41.64
CA PRO A 233 -9.37 -2.73 -42.70
C PRO A 233 -9.07 -2.03 -44.02
N SER A 234 -9.53 -0.80 -44.21
CA SER A 234 -9.25 -0.11 -45.44
C SER A 234 -7.79 0.41 -45.40
N PHE A 235 -7.14 0.51 -46.55
CA PHE A 235 -5.74 0.93 -46.60
C PHE A 235 -5.63 2.46 -46.50
N GLU A 236 -4.43 2.96 -46.26
CA GLU A 236 -4.25 4.36 -45.90
C GLU A 236 -4.32 5.31 -47.09
N THR A 237 -4.75 6.52 -46.84
CA THR A 237 -4.70 7.57 -47.85
C THR A 237 -3.24 8.13 -47.85
N VAL A 238 -2.91 8.91 -48.88
CA VAL A 238 -1.58 9.53 -48.93
C VAL A 238 -1.36 10.43 -47.71
N ALA A 239 -2.33 11.28 -47.40
CA ALA A 239 -2.21 12.15 -46.28
C ALA A 239 -2.06 11.38 -44.97
N GLU A 240 -2.70 10.20 -44.87
CA GLU A 240 -2.56 9.36 -43.69
C GLU A 240 -1.16 8.74 -43.62
N CYS A 241 -0.63 8.30 -44.76
CA CYS A 241 0.76 7.81 -44.78
C CYS A 241 1.77 8.87 -44.36
N ARG A 242 1.56 10.09 -44.81
CA ARG A 242 2.44 11.19 -44.40
C ARG A 242 2.38 11.41 -42.89
N VAL A 243 1.18 11.37 -42.32
CA VAL A 243 1.02 11.43 -40.88
C VAL A 243 1.85 10.38 -40.17
N LEU A 244 1.79 9.15 -40.64
CA LEU A 244 2.45 8.06 -39.94
C LEU A 244 3.99 8.19 -40.01
N GLN A 245 4.48 8.64 -41.18
CA GLN A 245 5.89 8.98 -41.35
C GLN A 245 6.31 10.09 -40.39
N LYS A 246 5.53 11.17 -40.31
CA LYS A 246 5.84 12.31 -39.43
C LYS A 246 5.88 11.94 -37.94
N LEU A 247 5.10 10.93 -37.56
CA LEU A 247 5.12 10.40 -36.20
C LEU A 247 6.37 9.57 -35.91
N GLY A 248 7.14 9.24 -36.94
CA GLY A 248 8.35 8.44 -36.78
C GLY A 248 8.23 6.95 -37.02
N ALA A 249 7.15 6.52 -37.66
CA ALA A 249 6.95 5.09 -37.94
C ALA A 249 7.73 4.70 -39.19
N ASP A 250 8.31 3.52 -39.17
CA ASP A 250 9.01 2.98 -40.31
C ASP A 250 8.20 1.97 -41.09
N ALA A 251 7.28 1.30 -40.39
CA ALA A 251 6.37 0.37 -41.04
C ALA A 251 4.98 0.41 -40.43
N VAL A 252 4.00 0.05 -41.24
CA VAL A 252 2.60 0.08 -40.83
C VAL A 252 1.87 -1.24 -41.12
N GLY A 253 1.10 -1.69 -40.15
CA GLY A 253 0.11 -2.72 -40.38
C GLY A 253 -0.97 -2.67 -39.34
N MET A 254 -1.72 -3.75 -39.24
CA MET A 254 -2.96 -3.76 -38.52
C MET A 254 -2.97 -4.86 -37.47
N SER A 255 -1.79 -5.23 -36.96
CA SER A 255 -1.72 -6.32 -35.99
C SER A 255 -0.59 -6.13 -35.00
N THR A 256 -0.32 -7.20 -34.23
CA THR A 256 0.95 -7.43 -33.52
C THR A 256 1.09 -6.71 -32.19
N VAL A 257 0.88 -5.40 -32.20
CA VAL A 257 1.06 -4.59 -31.02
C VAL A 257 0.22 -5.07 -29.81
N PRO A 258 -1.05 -5.41 -30.03
CA PRO A 258 -1.80 -5.91 -28.88
C PRO A 258 -1.20 -7.17 -28.26
N GLU A 259 -0.60 -8.02 -29.10
CA GLU A 259 -0.09 -9.28 -28.63
C GLU A 259 1.14 -9.03 -27.78
N VAL A 260 1.96 -8.09 -28.25
CA VAL A 260 3.21 -7.70 -27.58
C VAL A 260 2.94 -7.12 -26.22
N ILE A 261 1.93 -6.27 -26.14
CA ILE A 261 1.57 -5.65 -24.88
C ILE A 261 1.17 -6.73 -23.86
N VAL A 262 0.35 -7.69 -24.29
CA VAL A 262 -0.13 -8.74 -23.38
C VAL A 262 1.04 -9.63 -22.99
N ALA A 263 1.92 -9.90 -23.94
CA ALA A 263 3.10 -10.71 -23.65
C ALA A 263 4.01 -10.07 -22.60
N ARG A 264 4.25 -8.77 -22.76
CA ARG A 264 5.06 -8.02 -21.81
C ARG A 264 4.41 -7.94 -20.44
N HIS A 265 3.10 -7.83 -20.42
CA HIS A 265 2.36 -7.78 -19.17
C HIS A 265 2.61 -9.06 -18.34
N CYS A 266 2.61 -10.20 -19.01
CA CYS A 266 2.89 -11.46 -18.31
CA CYS A 266 2.89 -11.52 -18.46
C CYS A 266 4.38 -11.81 -18.26
N GLY A 267 5.24 -10.88 -18.66
CA GLY A 267 6.68 -11.04 -18.52
C GLY A 267 7.43 -11.82 -19.58
N LEU A 268 6.78 -12.15 -20.70
CA LEU A 268 7.46 -12.89 -21.74
C LEU A 268 8.51 -12.00 -22.44
N ARG A 269 9.59 -12.62 -22.89
CA ARG A 269 10.60 -11.99 -23.70
C ARG A 269 10.00 -11.87 -25.11
N VAL A 270 10.13 -10.71 -25.74
CA VAL A 270 9.52 -10.49 -27.05
C VAL A 270 10.53 -9.95 -28.06
N PHE A 271 10.49 -10.52 -29.25
CA PHE A 271 11.05 -9.83 -30.40
C PHE A 271 10.22 -10.18 -31.65
N GLY A 272 10.49 -9.48 -32.74
CA GLY A 272 9.65 -9.62 -33.91
C GLY A 272 10.13 -8.93 -35.15
N PHE A 273 9.50 -9.32 -36.27
CA PHE A 273 9.89 -8.88 -37.60
C PHE A 273 8.68 -8.51 -38.44
N SER A 274 8.85 -7.47 -39.25
CA SER A 274 7.95 -7.20 -40.35
C SER A 274 8.62 -7.60 -41.67
N LEU A 275 7.89 -8.33 -42.49
CA LEU A 275 8.22 -8.48 -43.87
C LEU A 275 7.57 -7.34 -44.65
N ILE A 276 8.39 -6.50 -45.29
CA ILE A 276 7.88 -5.38 -46.06
C ILE A 276 7.37 -5.88 -47.39
N THR A 277 6.06 -5.90 -47.55
CA THR A 277 5.46 -6.46 -48.74
C THR A 277 5.13 -5.38 -49.77
N ASN A 278 5.17 -4.12 -49.37
CA ASN A 278 4.89 -3.02 -50.29
C ASN A 278 5.45 -1.72 -49.74
N LYS A 279 5.75 -0.78 -50.63
CA LYS A 279 6.15 0.57 -50.24
C LYS A 279 4.94 1.47 -50.38
N VAL A 280 4.45 2.04 -49.26
CA VAL A 280 3.22 2.82 -49.34
C VAL A 280 3.46 4.11 -50.11
N ILE A 281 2.43 4.57 -50.80
CA ILE A 281 2.54 5.75 -51.67
C ILE A 281 2.44 7.01 -50.83
N MET A 282 3.45 7.87 -50.92
CA MET A 282 3.58 9.07 -50.09
C MET A 282 3.28 10.35 -50.85
N ASP A 283 3.07 10.24 -52.15
CA ASP A 283 2.85 11.41 -53.01
C ASP A 283 1.64 11.19 -53.86
N TYR A 284 1.07 12.27 -54.39
CA TYR A 284 -0.03 12.16 -55.33
C TYR A 284 0.56 11.91 -56.70
N GLU A 285 0.02 10.92 -57.40
CA GLU A 285 0.51 10.54 -58.71
C GLU A 285 -0.64 10.56 -59.68
N SER A 286 -0.37 10.93 -60.90
CA SER A 286 -1.41 10.95 -61.91
C SER A 286 -0.75 10.78 -63.25
N LEU A 287 -1.50 10.26 -64.20
CA LEU A 287 -0.99 10.19 -65.56
C LEU A 287 -1.02 11.54 -66.26
N GLU A 288 -1.78 12.51 -65.73
CA GLU A 288 -1.98 13.83 -66.37
C GLU A 288 -0.82 14.77 -66.06
N GLN A 301 9.48 -15.99 -51.72
CA GLN A 301 10.92 -16.12 -51.62
C GLN A 301 11.49 -15.30 -50.46
N ALA A 302 11.09 -14.04 -50.41
CA ALA A 302 11.44 -13.17 -49.29
C ALA A 302 10.80 -13.69 -48.01
N ALA A 303 9.59 -14.25 -48.16
CA ALA A 303 8.92 -14.89 -47.05
C ALA A 303 9.77 -16.06 -46.56
N GLN A 304 10.17 -16.93 -47.48
CA GLN A 304 11.06 -18.06 -47.15
C GLN A 304 12.36 -17.61 -46.48
N LYS A 305 12.91 -16.49 -46.94
CA LYS A 305 14.09 -15.92 -46.32
C LYS A 305 13.85 -15.66 -44.82
N LEU A 306 12.80 -14.91 -44.50
CA LEU A 306 12.45 -14.61 -43.11
C LEU A 306 12.20 -15.86 -42.32
N GLU A 307 11.47 -16.78 -42.94
CA GLU A 307 11.11 -18.04 -42.32
C GLU A 307 12.39 -18.74 -41.91
N GLN A 308 13.33 -18.81 -42.84
CA GLN A 308 14.64 -19.41 -42.58
C GLN A 308 15.35 -18.67 -41.45
N PHE A 309 15.39 -17.35 -41.53
CA PHE A 309 16.10 -16.54 -40.54
C PHE A 309 15.55 -16.73 -39.13
N VAL A 310 14.23 -16.83 -39.01
CA VAL A 310 13.63 -17.06 -37.69
C VAL A 310 14.04 -18.44 -37.17
N SER A 311 14.06 -19.41 -38.08
CA SER A 311 14.48 -20.78 -37.77
C SER A 311 15.91 -20.82 -37.24
N ILE A 312 16.81 -20.15 -37.96
CA ILE A 312 18.20 -20.00 -37.54
C ILE A 312 18.32 -19.35 -36.15
N LEU A 313 17.55 -18.29 -35.92
CA LEU A 313 17.62 -17.54 -34.66
C LEU A 313 17.13 -18.27 -33.41
N MET A 314 16.47 -19.40 -33.59
CA MET A 314 16.06 -20.24 -32.45
C MET A 314 17.26 -20.57 -31.57
N ALA A 315 18.42 -20.76 -32.21
CA ALA A 315 19.66 -21.09 -31.50
C ALA A 315 20.27 -19.91 -30.71
N SER A 316 19.76 -18.69 -30.91
CA SER A 316 20.19 -17.54 -30.12
C SER A 316 19.26 -17.23 -28.96
N ILE A 317 18.09 -17.85 -28.93
CA ILE A 317 17.17 -17.64 -27.82
C ILE A 317 17.79 -18.28 -26.59
N PRO A 318 17.92 -17.51 -25.49
CA PRO A 318 18.48 -18.16 -24.29
C PRO A 318 17.56 -19.27 -23.75
N LEU A 319 18.14 -20.27 -23.09
CA LEU A 319 17.34 -21.40 -22.60
C LEU A 319 16.67 -21.05 -21.27
N PRO A 320 15.65 -21.83 -20.87
CA PRO A 320 14.89 -21.47 -19.67
C PRO A 320 15.75 -21.39 -18.41
N GLU B 37 -26.31 6.67 -25.75
CA GLU B 37 -24.97 6.32 -25.20
C GLU B 37 -24.96 6.41 -23.67
N ASN B 38 -25.25 7.60 -23.16
CA ASN B 38 -25.25 7.84 -21.73
C ASN B 38 -26.30 6.96 -21.03
N GLY B 39 -25.82 6.11 -20.12
CA GLY B 39 -26.67 5.21 -19.37
C GLY B 39 -27.42 5.86 -18.21
N TYR B 40 -27.15 7.14 -17.93
CA TYR B 40 -27.85 7.91 -16.87
C TYR B 40 -28.94 8.85 -17.44
N THR B 41 -30.08 8.87 -16.78
CA THR B 41 -31.12 9.87 -17.08
C THR B 41 -30.89 11.12 -16.21
N TYR B 42 -31.53 12.22 -16.58
CA TYR B 42 -31.41 13.46 -15.82
C TYR B 42 -31.76 13.21 -14.36
N GLU B 43 -32.84 12.48 -14.16
CA GLU B 43 -33.33 12.12 -12.84
C GLU B 43 -32.25 11.45 -12.00
N ASP B 44 -31.52 10.50 -12.58
CA ASP B 44 -30.47 9.82 -11.85
C ASP B 44 -29.52 10.81 -11.20
N TYR B 45 -29.06 11.78 -11.98
CA TYR B 45 -28.17 12.79 -11.46
C TYR B 45 -28.88 13.54 -10.32
N LYS B 46 -30.11 13.94 -10.60
CA LYS B 46 -30.88 14.74 -9.66
C LYS B 46 -31.09 14.00 -8.35
N ASN B 47 -31.46 12.73 -8.42
CA ASN B 47 -31.61 11.92 -7.22
C ASN B 47 -30.34 11.85 -6.39
N THR B 48 -29.20 11.78 -7.06
CA THR B 48 -27.93 11.69 -6.35
C THR B 48 -27.63 13.02 -5.70
N ALA B 49 -27.98 14.10 -6.39
CA ALA B 49 -27.85 15.45 -5.86
C ALA B 49 -28.78 15.69 -4.67
N GLU B 50 -30.02 15.22 -4.77
CA GLU B 50 -31.01 15.36 -3.70
C GLU B 50 -30.51 14.64 -2.46
N TYR B 51 -30.22 13.35 -2.63
CA TYR B 51 -29.70 12.54 -1.53
C TYR B 51 -28.62 13.28 -0.75
N LEU B 52 -27.60 13.76 -1.45
CA LEU B 52 -26.47 14.41 -0.79
C LEU B 52 -26.90 15.68 -0.05
N LEU B 53 -27.65 16.53 -0.73
CA LEU B 53 -28.16 17.79 -0.18
C LEU B 53 -28.97 17.63 1.09
N SER B 54 -29.69 16.50 1.17
CA SER B 54 -30.54 16.22 2.33
C SER B 54 -29.80 15.47 3.44
N HIS B 55 -28.57 15.02 3.19
CA HIS B 55 -27.77 14.26 4.18
C HIS B 55 -26.53 15.01 4.65
N THR B 56 -26.38 16.25 4.20
CA THR B 56 -25.37 17.15 4.75
C THR B 56 -25.93 18.54 4.69
N LYS B 57 -25.32 19.45 5.42
CA LYS B 57 -25.68 20.86 5.40
C LYS B 57 -24.67 21.66 4.62
N HIS B 58 -23.51 21.07 4.33
CA HIS B 58 -22.51 21.74 3.52
C HIS B 58 -23.11 22.15 2.16
N ARG B 59 -22.65 23.29 1.64
CA ARG B 59 -23.13 23.78 0.34
C ARG B 59 -21.93 24.25 -0.45
N PRO B 60 -21.21 23.33 -1.08
CA PRO B 60 -19.93 23.66 -1.69
C PRO B 60 -20.12 24.58 -2.89
N GLN B 61 -19.15 25.49 -3.05
CA GLN B 61 -19.05 26.31 -4.25
C GLN B 61 -18.03 25.67 -5.18
N VAL B 62 -17.03 25.02 -4.59
CA VAL B 62 -15.89 24.51 -5.31
C VAL B 62 -15.80 23.01 -5.14
N ALA B 63 -15.58 22.30 -6.24
CA ALA B 63 -15.27 20.87 -6.20
C ALA B 63 -13.81 20.66 -6.57
N ILE B 64 -13.19 19.67 -5.96
CA ILE B 64 -11.79 19.36 -6.19
C ILE B 64 -11.64 17.86 -6.36
N ILE B 65 -10.95 17.45 -7.43
CA ILE B 65 -10.70 16.06 -7.74
C ILE B 65 -9.24 15.77 -7.51
N CYS B 66 -8.97 14.89 -6.54
CA CYS B 66 -7.63 14.59 -6.12
C CYS B 66 -7.07 13.42 -6.92
N GLY B 67 -5.96 13.66 -7.60
CA GLY B 67 -5.28 12.61 -8.36
C GLY B 67 -4.38 11.75 -7.50
N SER B 68 -3.62 10.86 -8.15
CA SER B 68 -2.74 9.89 -7.47
C SER B 68 -1.74 10.55 -6.52
N GLY B 69 -1.77 10.10 -5.27
CA GLY B 69 -0.87 10.58 -4.23
C GLY B 69 -1.25 11.93 -3.64
N LEU B 70 -2.48 12.36 -3.86
CA LEU B 70 -2.93 13.69 -3.42
C LEU B 70 -4.17 13.62 -2.52
N GLY B 71 -4.48 12.42 -2.03
CA GLY B 71 -5.58 12.21 -1.10
C GLY B 71 -5.40 13.00 0.18
N GLY B 72 -4.14 13.28 0.53
CA GLY B 72 -3.79 14.09 1.71
C GLY B 72 -4.48 15.45 1.81
N LEU B 73 -4.92 16.00 0.68
CA LEU B 73 -5.57 17.30 0.66
C LEU B 73 -6.87 17.36 1.49
N THR B 74 -7.49 16.20 1.72
CA THR B 74 -8.68 16.11 2.58
C THR B 74 -8.34 16.33 4.06
N ASP B 75 -7.07 16.14 4.41
CA ASP B 75 -6.61 16.42 5.77
C ASP B 75 -6.78 17.89 6.17
N LYS B 76 -6.64 18.79 5.19
CA LYS B 76 -6.70 20.22 5.46
C LYS B 76 -8.14 20.77 5.60
N LEU B 77 -9.13 19.91 5.40
CA LEU B 77 -10.55 20.32 5.49
C LEU B 77 -11.04 20.45 6.93
N THR B 78 -11.68 21.58 7.21
CA THR B 78 -12.34 21.81 8.51
C THR B 78 -13.83 21.51 8.43
N GLN B 79 -14.36 20.90 9.49
CA GLN B 79 -15.77 20.50 9.58
C GLN B 79 -16.14 19.45 8.54
N ALA B 80 -15.17 18.60 8.23
CA ALA B 80 -15.36 17.55 7.24
C ALA B 80 -16.63 16.72 7.51
N GLN B 81 -17.31 16.33 6.44
CA GLN B 81 -18.31 15.25 6.50
C GLN B 81 -18.10 14.31 5.31
N ILE B 82 -17.98 13.02 5.63
CA ILE B 82 -17.55 11.99 4.70
C ILE B 82 -18.74 11.20 4.15
N PHE B 83 -18.69 10.93 2.84
CA PHE B 83 -19.56 9.98 2.19
C PHE B 83 -18.67 9.02 1.41
N ASP B 84 -18.77 7.72 1.70
CA ASP B 84 -18.11 6.71 0.87
C ASP B 84 -18.92 6.57 -0.40
N TYR B 85 -18.23 6.40 -1.53
CA TYR B 85 -18.90 6.25 -2.82
C TYR B 85 -19.99 5.17 -2.73
N SER B 86 -19.66 4.07 -2.05
CA SER B 86 -20.58 2.94 -1.91
C SER B 86 -21.95 3.27 -1.30
N GLU B 87 -22.02 4.31 -0.48
CA GLU B 87 -23.30 4.70 0.13
C GLU B 87 -24.04 5.79 -0.64
N ILE B 88 -23.49 6.23 -1.77
CA ILE B 88 -24.12 7.27 -2.58
C ILE B 88 -24.85 6.64 -3.77
N PRO B 89 -26.14 6.97 -3.97
CA PRO B 89 -26.91 6.41 -5.09
C PRO B 89 -26.33 6.74 -6.46
N ASN B 90 -26.31 5.73 -7.35
CA ASN B 90 -25.93 5.90 -8.76
C ASN B 90 -24.43 6.12 -8.99
N PHE B 91 -23.66 6.15 -7.92
CA PHE B 91 -22.26 6.51 -8.01
C PHE B 91 -21.52 5.27 -8.46
N PRO B 92 -20.48 5.43 -9.30
CA PRO B 92 -19.65 4.28 -9.61
C PRO B 92 -18.81 3.89 -8.40
N ARG B 93 -18.45 2.61 -8.31
CA ARG B 93 -17.45 2.15 -7.35
C ARG B 93 -16.79 0.93 -7.98
N SER B 94 -15.74 0.42 -7.35
CA SER B 94 -15.04 -0.76 -7.86
C SER B 94 -15.87 -2.03 -7.61
N THR B 95 -15.74 -3.02 -8.51
CA THR B 95 -16.20 -4.39 -8.22
C THR B 95 -15.25 -5.01 -7.22
N VAL B 96 -14.03 -4.45 -7.18
CA VAL B 96 -12.96 -4.85 -6.28
C VAL B 96 -12.97 -4.00 -4.99
N PRO B 97 -13.55 -4.53 -3.89
CA PRO B 97 -13.23 -3.96 -2.57
C PRO B 97 -11.73 -3.93 -2.29
N GLY B 98 -11.33 -3.24 -1.23
CA GLY B 98 -9.95 -2.83 -1.03
C GLY B 98 -9.87 -1.33 -1.23
N HIS B 99 -10.78 -0.81 -2.07
CA HIS B 99 -11.03 0.62 -2.19
C HIS B 99 -12.53 0.86 -2.40
N ALA B 100 -13.11 1.71 -1.56
CA ALA B 100 -14.47 2.20 -1.76
C ALA B 100 -14.43 3.59 -2.38
N GLY B 101 -13.43 4.40 -1.99
CA GLY B 101 -13.30 5.80 -2.44
C GLY B 101 -14.33 6.69 -1.76
N ARG B 102 -14.07 7.98 -1.68
CA ARG B 102 -14.98 8.83 -0.90
C ARG B 102 -15.05 10.32 -1.24
N LEU B 103 -16.23 10.85 -0.94
CA LEU B 103 -16.58 12.25 -1.12
C LEU B 103 -16.49 12.91 0.26
N VAL B 104 -15.82 14.05 0.33
CA VAL B 104 -15.62 14.77 1.60
C VAL B 104 -15.98 16.25 1.45
N PHE B 105 -17.06 16.65 2.12
CA PHE B 105 -17.47 18.04 2.18
C PHE B 105 -16.77 18.71 3.37
N GLY B 106 -16.51 20.01 3.25
CA GLY B 106 -15.83 20.76 4.30
C GLY B 106 -15.35 22.11 3.80
N PHE B 107 -14.70 22.86 4.69
CA PHE B 107 -14.13 24.15 4.31
C PHE B 107 -12.65 23.96 4.12
N LEU B 108 -12.14 24.51 3.03
CA LEU B 108 -10.73 24.48 2.78
C LEU B 108 -10.35 25.94 2.81
N ASN B 109 -9.45 26.31 3.71
CA ASN B 109 -9.02 27.71 3.86
C ASN B 109 -10.22 28.64 3.92
N GLY B 110 -11.27 28.19 4.60
CA GLY B 110 -12.50 28.97 4.73
C GLY B 110 -13.47 28.92 3.55
N ARG B 111 -13.09 28.20 2.50
CA ARG B 111 -13.93 28.11 1.30
C ARG B 111 -14.76 26.84 1.28
N ALA B 112 -16.07 26.98 1.12
CA ALA B 112 -16.97 25.82 1.08
C ALA B 112 -16.71 24.97 -0.16
N CYS B 113 -16.43 23.69 0.04
CA CYS B 113 -16.01 22.88 -1.06
C CYS B 113 -16.27 21.38 -0.84
N VAL B 114 -16.17 20.62 -1.93
CA VAL B 114 -16.30 19.17 -1.88
C VAL B 114 -15.15 18.51 -2.64
N MET B 115 -14.65 17.40 -2.09
CA MET B 115 -13.48 16.76 -2.63
C MET B 115 -13.71 15.31 -2.97
N MET B 116 -13.30 14.95 -4.20
CA MET B 116 -13.23 13.54 -4.62
C MET B 116 -11.86 13.02 -4.21
N GLN B 117 -11.85 12.04 -3.32
CA GLN B 117 -10.66 11.31 -2.96
C GLN B 117 -10.79 9.95 -3.62
N GLY B 118 -10.07 9.78 -4.72
CA GLY B 118 -10.24 8.62 -5.59
C GLY B 118 -11.09 9.02 -6.80
N ARG B 119 -10.47 9.03 -7.97
CA ARG B 119 -11.16 9.34 -9.21
C ARG B 119 -11.21 8.10 -10.08
N PHE B 120 -12.06 8.15 -11.10
CA PHE B 120 -12.21 7.03 -12.02
C PHE B 120 -11.36 7.21 -13.27
N HIS B 121 -10.98 6.09 -13.88
CA HIS B 121 -10.20 6.13 -15.10
C HIS B 121 -10.79 5.21 -16.19
N MET B 122 -10.67 5.67 -17.42
CA MET B 122 -11.04 4.87 -18.58
C MET B 122 -10.37 3.50 -18.54
N TYR B 123 -9.12 3.45 -18.09
CA TYR B 123 -8.37 2.21 -18.08
C TYR B 123 -8.88 1.13 -17.12
N GLU B 124 -9.63 1.54 -16.09
CA GLU B 124 -10.23 0.60 -15.15
C GLU B 124 -11.41 -0.13 -15.79
N GLY B 125 -11.88 0.37 -16.93
CA GLY B 125 -12.99 -0.23 -17.63
C GLY B 125 -14.23 0.61 -17.60
N TYR B 126 -14.20 1.77 -16.94
CA TYR B 126 -15.38 2.62 -16.83
C TYR B 126 -15.67 3.32 -18.13
N PRO B 127 -16.94 3.37 -18.55
CA PRO B 127 -17.23 4.26 -19.68
C PRO B 127 -17.14 5.70 -19.23
N LEU B 128 -16.95 6.61 -20.19
CA LEU B 128 -16.66 8.00 -19.86
C LEU B 128 -17.82 8.71 -19.17
N TYR B 129 -19.05 8.21 -19.37
CA TYR B 129 -20.20 8.80 -18.69
C TYR B 129 -20.26 8.42 -17.20
N LYS B 130 -19.49 7.41 -16.79
CA LYS B 130 -19.35 7.06 -15.38
C LYS B 130 -18.18 7.80 -14.78
N VAL B 131 -17.09 7.89 -15.54
CA VAL B 131 -15.92 8.61 -15.12
C VAL B 131 -16.30 10.03 -14.76
N THR B 132 -17.20 10.62 -15.53
CA THR B 132 -17.56 12.03 -15.37
C THR B 132 -18.89 12.28 -14.66
N PHE B 133 -19.55 11.22 -14.20
CA PHE B 133 -20.82 11.33 -13.47
C PHE B 133 -20.77 12.28 -12.27
N PRO B 134 -19.74 12.17 -11.43
CA PRO B 134 -19.64 13.09 -10.28
C PRO B 134 -19.71 14.59 -10.66
N VAL B 135 -19.09 14.95 -11.79
CA VAL B 135 -19.02 16.35 -12.19
C VAL B 135 -20.39 16.94 -12.43
N ARG B 136 -21.28 16.18 -13.04
CA ARG B 136 -22.65 16.69 -13.20
C ARG B 136 -23.44 16.75 -11.88
N VAL B 137 -23.10 15.86 -10.95
CA VAL B 137 -23.73 15.90 -9.63
C VAL B 137 -23.35 17.21 -8.93
N PHE B 138 -22.04 17.50 -8.92
CA PHE B 138 -21.49 18.72 -8.35
C PHE B 138 -22.19 19.96 -8.89
N HIS B 139 -22.37 19.98 -10.20
CA HIS B 139 -23.10 21.05 -10.83
C HIS B 139 -24.49 21.17 -10.20
N LEU B 140 -25.17 20.05 -10.00
CA LEU B 140 -26.49 20.11 -9.40
C LEU B 140 -26.46 20.47 -7.91
N LEU B 141 -25.33 20.24 -7.23
CA LEU B 141 -25.19 20.67 -5.85
C LEU B 141 -25.07 22.19 -5.69
N GLY B 142 -24.70 22.87 -6.79
CA GLY B 142 -24.53 24.31 -6.80
C GLY B 142 -23.09 24.75 -6.99
N VAL B 143 -22.17 23.78 -7.08
CA VAL B 143 -20.77 24.07 -7.39
C VAL B 143 -20.71 24.85 -8.69
N ASP B 144 -19.79 25.82 -8.76
CA ASP B 144 -19.56 26.60 -9.95
C ASP B 144 -18.10 26.60 -10.37
N THR B 145 -17.26 25.90 -9.61
CA THR B 145 -15.85 25.84 -9.91
C THR B 145 -15.32 24.42 -9.68
N LEU B 146 -14.49 23.96 -10.60
CA LEU B 146 -13.86 22.64 -10.49
C LEU B 146 -12.38 22.78 -10.54
N VAL B 147 -11.72 22.19 -9.56
CA VAL B 147 -10.27 22.13 -9.57
C VAL B 147 -9.89 20.67 -9.80
N VAL B 148 -9.03 20.44 -10.78
CA VAL B 148 -8.58 19.10 -11.08
C VAL B 148 -7.12 19.00 -10.80
N THR B 149 -6.70 17.86 -10.27
CA THR B 149 -5.30 17.56 -10.04
C THR B 149 -4.94 16.18 -10.56
N ASN B 150 -3.69 15.98 -10.95
CA ASN B 150 -3.28 14.67 -11.35
C ASN B 150 -1.80 14.51 -11.20
N ALA B 151 -1.37 13.26 -11.31
CA ALA B 151 0.03 12.91 -11.42
C ALA B 151 0.36 12.70 -12.90
N ALA B 152 1.35 13.39 -13.43
CA ALA B 152 1.69 13.21 -14.84
C ALA B 152 3.16 12.94 -15.05
N GLY B 153 3.48 12.37 -16.21
CA GLY B 153 4.87 12.20 -16.66
C GLY B 153 5.25 13.44 -17.44
N GLY B 154 6.46 13.94 -17.23
CA GLY B 154 6.91 15.18 -17.86
C GLY B 154 7.48 14.87 -19.22
N LEU B 155 7.05 15.63 -20.22
CA LEU B 155 7.59 15.50 -21.61
C LEU B 155 8.47 16.68 -21.98
N ASN B 156 8.17 17.85 -21.41
CA ASN B 156 8.98 19.03 -21.64
C ASN B 156 10.32 18.83 -20.95
N PRO B 157 11.43 18.94 -21.71
CA PRO B 157 12.75 18.63 -21.16
C PRO B 157 13.13 19.46 -19.94
N LYS B 158 12.64 20.70 -19.87
CA LYS B 158 12.99 21.58 -18.76
C LYS B 158 12.21 21.31 -17.46
N PHE B 159 11.24 20.40 -17.46
CA PHE B 159 10.57 20.02 -16.22
C PHE B 159 11.48 19.14 -15.37
N GLU B 160 11.19 19.08 -14.07
CA GLU B 160 11.88 18.18 -13.15
C GLU B 160 10.89 17.49 -12.24
N VAL B 161 11.26 16.31 -11.77
CA VAL B 161 10.42 15.58 -10.83
C VAL B 161 10.11 16.50 -9.66
N GLY B 162 8.85 16.55 -9.25
CA GLY B 162 8.41 17.44 -8.20
C GLY B 162 7.82 18.75 -8.71
N ASP B 163 8.08 19.10 -9.96
CA ASP B 163 7.47 20.32 -10.53
C ASP B 163 5.94 20.30 -10.47
N ILE B 164 5.36 21.49 -10.44
CA ILE B 164 3.93 21.66 -10.60
C ILE B 164 3.69 22.35 -11.94
N MET B 165 2.84 21.76 -12.76
CA MET B 165 2.47 22.35 -14.04
C MET B 165 1.06 22.86 -13.93
N LEU B 166 0.93 24.17 -14.04
CA LEU B 166 -0.35 24.79 -14.22
C LEU B 166 -0.87 24.39 -15.62
N ILE B 167 -2.06 23.79 -15.68
CA ILE B 167 -2.61 23.31 -16.95
C ILE B 167 -3.14 24.47 -17.78
N ARG B 168 -2.43 24.76 -18.86
CA ARG B 168 -2.86 25.78 -19.79
C ARG B 168 -3.88 25.27 -20.82
N ASP B 169 -3.69 24.04 -21.26
CA ASP B 169 -4.50 23.49 -22.34
C ASP B 169 -4.37 21.99 -22.33
N HIS B 170 -5.21 21.32 -23.13
CA HIS B 170 -5.06 19.88 -23.30
C HIS B 170 -5.18 19.39 -24.73
N ILE B 171 -4.77 18.15 -24.92
CA ILE B 171 -4.93 17.44 -26.18
C ILE B 171 -5.64 16.15 -25.82
N ASN B 172 -6.87 16.02 -26.31
CA ASN B 172 -7.73 14.87 -25.98
C ASN B 172 -7.64 13.79 -27.07
N LEU B 173 -6.63 12.94 -26.98
CA LEU B 173 -6.46 11.87 -27.96
C LEU B 173 -7.62 10.86 -27.98
N PRO B 174 -8.07 10.40 -26.82
CA PRO B 174 -9.28 9.55 -26.91
C PRO B 174 -10.47 10.22 -27.60
N GLY B 175 -10.70 11.49 -27.29
CA GLY B 175 -11.78 12.26 -27.93
C GLY B 175 -11.70 12.36 -29.45
N PHE B 176 -10.50 12.52 -29.99
CA PHE B 176 -10.33 12.50 -31.44
C PHE B 176 -11.03 11.29 -32.07
N SER B 177 -10.88 10.15 -31.43
CA SER B 177 -11.32 8.89 -31.98
C SER B 177 -12.76 8.46 -31.66
N GLY B 178 -13.43 9.12 -30.69
CA GLY B 178 -14.82 8.81 -30.39
C GLY B 178 -15.16 8.77 -28.91
N GLN B 179 -14.12 8.58 -28.11
CA GLN B 179 -14.24 8.46 -26.69
C GLN B 179 -14.24 9.87 -26.11
N ASN B 180 -15.43 10.46 -26.10
CA ASN B 180 -15.69 11.79 -25.58
C ASN B 180 -16.90 11.62 -24.70
N PRO B 181 -16.87 12.18 -23.49
CA PRO B 181 -17.95 11.87 -22.55
C PRO B 181 -19.27 12.48 -22.93
N LEU B 182 -19.28 13.41 -23.88
CA LEU B 182 -20.51 14.04 -24.35
C LEU B 182 -21.18 13.25 -25.46
N ARG B 183 -20.59 12.13 -25.85
CA ARG B 183 -21.12 11.37 -26.98
C ARG B 183 -22.53 10.83 -26.66
N GLY B 184 -23.43 10.94 -27.61
CA GLY B 184 -24.80 10.57 -27.42
C GLY B 184 -25.67 11.80 -27.54
N PRO B 185 -26.96 11.64 -27.23
CA PRO B 185 -27.90 12.75 -27.22
C PRO B 185 -27.49 13.82 -26.19
N ASN B 186 -27.66 15.07 -26.57
CA ASN B 186 -27.29 16.17 -25.70
C ASN B 186 -28.48 16.54 -24.85
N ASP B 187 -28.24 16.72 -23.56
CA ASP B 187 -29.28 17.21 -22.66
C ASP B 187 -29.07 18.71 -22.42
N GLU B 188 -29.97 19.52 -22.97
CA GLU B 188 -29.89 20.97 -22.87
C GLU B 188 -30.00 21.55 -21.46
N ARG B 189 -30.44 20.75 -20.50
CA ARG B 189 -30.46 21.15 -19.10
C ARG B 189 -29.06 21.23 -18.56
N PHE B 190 -28.12 20.50 -19.15
CA PHE B 190 -26.72 20.62 -18.79
C PHE B 190 -25.94 21.65 -19.63
N GLY B 191 -26.09 21.61 -20.96
CA GLY B 191 -25.20 22.40 -21.85
C GLY B 191 -25.58 22.37 -23.32
N ASP B 192 -24.77 23.00 -24.16
CA ASP B 192 -24.97 22.97 -25.60
C ASP B 192 -24.49 21.67 -26.24
N ARG B 193 -25.03 21.38 -27.43
CA ARG B 193 -24.61 20.25 -28.27
C ARG B 193 -23.13 20.34 -28.60
N PHE B 194 -22.68 21.54 -28.92
CA PHE B 194 -21.29 21.75 -29.36
C PHE B 194 -20.56 22.80 -28.50
N PRO B 195 -20.11 22.43 -27.30
CA PRO B 195 -19.42 23.40 -26.45
C PRO B 195 -17.98 23.65 -26.86
N ALA B 196 -17.55 24.91 -26.78
CA ALA B 196 -16.14 25.28 -27.03
C ALA B 196 -15.30 24.75 -25.89
N MET B 197 -14.06 24.39 -26.18
CA MET B 197 -13.08 24.00 -25.15
C MET B 197 -11.78 24.81 -25.26
N SER B 198 -11.71 25.75 -26.19
CA SER B 198 -10.50 26.54 -26.40
C SER B 198 -10.13 27.44 -25.20
N ASP B 199 -11.14 27.83 -24.44
CA ASP B 199 -10.97 28.66 -23.24
C ASP B 199 -11.27 27.86 -21.95
N ALA B 200 -10.95 26.56 -21.96
CA ALA B 200 -11.37 25.66 -20.88
C ALA B 200 -10.70 25.93 -19.54
N TYR B 201 -9.43 26.29 -19.55
CA TYR B 201 -8.65 26.52 -18.33
C TYR B 201 -8.66 28.02 -18.00
N ASP B 202 -9.51 28.36 -17.04
CA ASP B 202 -9.87 29.74 -16.71
C ASP B 202 -8.65 30.65 -16.70
N ARG B 203 -8.71 31.73 -17.47
CA ARG B 203 -7.59 32.66 -17.58
C ARG B 203 -7.36 33.45 -16.28
N THR B 204 -8.44 33.86 -15.62
CA THR B 204 -8.34 34.63 -14.38
C THR B 204 -7.63 33.81 -13.32
N MET B 205 -8.05 32.56 -13.16
CA MET B 205 -7.41 31.71 -12.16
C MET B 205 -5.97 31.42 -12.49
N ARG B 206 -5.63 31.35 -13.77
CA ARG B 206 -4.26 31.17 -14.21
CA ARG B 206 -4.26 31.12 -14.15
C ARG B 206 -3.40 32.34 -13.74
N GLN B 207 -3.84 33.55 -14.07
CA GLN B 207 -3.10 34.78 -13.70
C GLN B 207 -2.90 34.92 -12.20
N ARG B 208 -3.94 34.64 -11.43
CA ARG B 208 -3.89 34.67 -9.97
C ARG B 208 -2.99 33.57 -9.40
N ALA B 209 -2.98 32.41 -10.05
CA ALA B 209 -2.14 31.30 -9.62
C ALA B 209 -0.67 31.60 -9.86
N LEU B 210 -0.37 32.24 -10.99
CA LEU B 210 1.01 32.63 -11.27
C LEU B 210 1.47 33.68 -10.27
N SER B 211 0.62 34.70 -10.08
CA SER B 211 0.84 35.75 -9.11
C SER B 211 1.05 35.19 -7.68
N THR B 212 0.12 34.34 -7.23
CA THR B 212 0.19 33.73 -5.90
C THR B 212 1.43 32.89 -5.66
N TYR B 213 1.80 32.04 -6.62
CA TYR B 213 2.94 31.15 -6.43
C TYR B 213 4.23 31.96 -6.24
N LYS B 214 4.39 33.01 -7.04
CA LYS B 214 5.53 33.93 -6.93
C LYS B 214 5.74 34.54 -5.53
N GLN B 215 4.65 34.69 -4.75
CA GLN B 215 4.69 35.35 -3.44
C GLN B 215 4.83 34.35 -2.29
N MET B 216 4.35 33.14 -2.48
CA MET B 216 4.91 31.99 -1.78
C MET B 216 6.31 31.94 -2.34
N GLY B 217 7.24 31.36 -1.61
CA GLY B 217 8.64 31.39 -2.00
C GLY B 217 9.19 29.99 -2.12
N GLU B 218 9.46 29.57 -3.35
CA GLU B 218 10.07 28.28 -3.60
C GLU B 218 11.25 28.42 -4.54
N GLN B 219 12.15 27.45 -4.46
CA GLN B 219 13.33 27.39 -5.31
C GLN B 219 12.93 27.47 -6.78
N ARG B 220 11.94 26.67 -7.15
CA ARG B 220 11.60 26.41 -8.54
C ARG B 220 10.27 27.05 -8.94
N GLU B 221 10.25 27.57 -10.17
CA GLU B 221 9.07 28.23 -10.77
C GLU B 221 7.85 27.30 -10.90
N LEU B 222 6.67 27.90 -10.89
CA LEU B 222 5.45 27.21 -11.28
C LEU B 222 5.49 27.01 -12.80
N GLN B 223 5.52 25.74 -13.24
CA GLN B 223 5.52 25.43 -14.67
C GLN B 223 4.15 25.62 -15.25
N GLU B 224 4.10 25.67 -16.58
CA GLU B 224 2.86 25.86 -17.28
C GLU B 224 2.94 25.10 -18.62
N GLY B 225 1.85 24.45 -19.00
CA GLY B 225 1.88 23.70 -20.24
C GLY B 225 0.65 22.88 -20.54
N THR B 226 0.76 22.10 -21.62
CA THR B 226 -0.34 21.36 -22.21
C THR B 226 -0.33 19.95 -21.68
N TYR B 227 -1.46 19.50 -21.14
CA TYR B 227 -1.61 18.10 -20.73
C TYR B 227 -2.20 17.28 -21.89
N VAL B 228 -1.58 16.13 -22.18
CA VAL B 228 -2.14 15.17 -23.12
C VAL B 228 -2.67 13.93 -22.41
N MET B 229 -3.92 13.59 -22.69
CA MET B 229 -4.47 12.35 -22.16
C MET B 229 -4.23 11.21 -23.15
N VAL B 230 -3.73 10.09 -22.61
CA VAL B 230 -3.73 8.82 -23.32
C VAL B 230 -4.46 7.83 -22.44
N ALA B 231 -5.01 6.77 -23.03
CA ALA B 231 -5.90 5.89 -22.28
C ALA B 231 -5.15 5.00 -21.28
N GLY B 232 -3.97 4.51 -21.64
CA GLY B 232 -3.30 3.49 -20.83
C GLY B 232 -4.11 2.18 -20.86
N PRO B 233 -3.89 1.27 -19.87
CA PRO B 233 -3.06 1.42 -18.67
C PRO B 233 -1.56 1.15 -18.86
N SER B 234 -1.14 0.48 -19.91
CA SER B 234 0.30 0.31 -20.16
C SER B 234 0.96 1.69 -20.31
N PHE B 235 2.23 1.79 -19.94
CA PHE B 235 2.97 3.05 -20.10
C PHE B 235 3.55 3.12 -21.50
N GLU B 236 4.06 4.29 -21.84
CA GLU B 236 4.38 4.64 -23.21
C GLU B 236 5.77 4.17 -23.63
N THR B 237 5.94 3.87 -24.91
CA THR B 237 7.24 3.51 -25.46
C THR B 237 8.00 4.79 -25.77
N VAL B 238 9.28 4.64 -26.09
CA VAL B 238 10.09 5.80 -26.45
C VAL B 238 9.52 6.45 -27.72
N ALA B 239 9.20 5.63 -28.72
CA ALA B 239 8.58 6.17 -29.94
C ALA B 239 7.27 6.91 -29.66
N GLU B 240 6.47 6.41 -28.73
CA GLU B 240 5.21 7.06 -28.38
C GLU B 240 5.43 8.40 -27.67
N CYS B 241 6.35 8.42 -26.73
CA CYS B 241 6.70 9.67 -26.03
C CYS B 241 7.20 10.74 -27.00
N ARG B 242 8.01 10.34 -27.97
CA ARG B 242 8.47 11.30 -28.97
C ARG B 242 7.30 11.89 -29.75
N VAL B 243 6.33 11.04 -30.10
CA VAL B 243 5.11 11.50 -30.77
C VAL B 243 4.40 12.54 -29.93
N LEU B 244 4.21 12.24 -28.66
CA LEU B 244 3.53 13.17 -27.76
C LEU B 244 4.24 14.50 -27.64
N GLN B 245 5.56 14.47 -27.63
CA GLN B 245 6.37 15.69 -27.59
C GLN B 245 6.22 16.50 -28.86
N LYS B 246 6.40 15.86 -30.00
CA LYS B 246 6.24 16.54 -31.30
C LYS B 246 4.86 17.21 -31.50
N LEU B 247 3.85 16.66 -30.82
CA LEU B 247 2.49 17.19 -30.87
C LEU B 247 2.31 18.39 -29.97
N GLY B 248 3.31 18.69 -29.16
CA GLY B 248 3.30 19.90 -28.33
C GLY B 248 2.73 19.66 -26.95
N ALA B 249 2.79 18.41 -26.49
CA ALA B 249 2.33 18.10 -25.13
C ALA B 249 3.50 18.28 -24.20
N ASP B 250 3.24 18.86 -23.02
CA ASP B 250 4.25 19.05 -21.99
C ASP B 250 4.24 17.96 -20.94
N ALA B 251 3.04 17.46 -20.63
CA ALA B 251 2.88 16.37 -19.68
C ALA B 251 1.86 15.38 -20.17
N VAL B 252 1.97 14.14 -19.72
CA VAL B 252 1.09 13.08 -20.15
C VAL B 252 0.51 12.32 -18.96
N GLY B 253 -0.76 11.99 -19.04
CA GLY B 253 -1.38 11.11 -18.06
C GLY B 253 -2.62 10.47 -18.62
N MET B 254 -3.42 9.85 -17.74
CA MET B 254 -4.53 9.00 -18.16
C MET B 254 -5.85 9.44 -17.56
N SER B 255 -6.04 10.72 -17.32
CA SER B 255 -7.28 11.17 -16.68
C SER B 255 -7.58 12.62 -17.02
N THR B 256 -8.51 13.19 -16.25
CA THR B 256 -8.73 14.62 -16.15
C THR B 256 -9.50 15.23 -17.31
N VAL B 257 -9.05 15.00 -18.53
CA VAL B 257 -9.65 15.67 -19.68
C VAL B 257 -11.17 15.44 -19.76
N PRO B 258 -11.63 14.21 -19.53
CA PRO B 258 -13.08 14.00 -19.61
C PRO B 258 -13.86 14.86 -18.60
N GLU B 259 -13.37 14.89 -17.37
CA GLU B 259 -14.01 15.67 -16.33
C GLU B 259 -14.05 17.15 -16.72
N VAL B 260 -12.95 17.65 -17.28
CA VAL B 260 -12.91 19.05 -17.70
C VAL B 260 -13.95 19.35 -18.76
N ILE B 261 -14.03 18.46 -19.75
CA ILE B 261 -15.00 18.65 -20.84
C ILE B 261 -16.40 18.73 -20.29
N VAL B 262 -16.76 17.80 -19.43
CA VAL B 262 -18.13 17.78 -18.89
C VAL B 262 -18.38 19.02 -18.01
N ALA B 263 -17.34 19.42 -17.26
CA ALA B 263 -17.44 20.61 -16.43
C ALA B 263 -17.72 21.83 -17.29
N ARG B 264 -16.92 22.02 -18.33
CA ARG B 264 -17.14 23.14 -19.21
C ARG B 264 -18.49 23.06 -19.88
N HIS B 265 -18.95 21.85 -20.19
CA HIS B 265 -20.25 21.70 -20.84
C HIS B 265 -21.40 22.24 -19.98
N CYS B 266 -21.32 22.04 -18.67
CA CYS B 266 -22.38 22.58 -17.80
C CYS B 266 -21.99 23.92 -17.15
N GLY B 267 -20.97 24.58 -17.68
CA GLY B 267 -20.64 25.95 -17.33
C GLY B 267 -19.85 26.22 -16.05
N LEU B 268 -19.14 25.23 -15.53
CA LEU B 268 -18.30 25.44 -14.36
C LEU B 268 -16.99 26.08 -14.77
N ARG B 269 -16.45 26.92 -13.88
CA ARG B 269 -15.11 27.48 -14.01
CA ARG B 269 -15.11 27.46 -14.03
C ARG B 269 -14.12 26.33 -13.75
N VAL B 270 -13.04 26.27 -14.51
CA VAL B 270 -12.10 25.16 -14.34
C VAL B 270 -10.66 25.62 -14.34
N PHE B 271 -9.88 25.08 -13.41
CA PHE B 271 -8.43 25.14 -13.53
C PHE B 271 -7.85 23.94 -12.84
N GLY B 272 -6.56 23.67 -13.05
CA GLY B 272 -5.98 22.50 -12.41
C GLY B 272 -4.50 22.36 -12.56
N PHE B 273 -3.97 21.29 -11.98
CA PHE B 273 -2.53 21.10 -11.94
C PHE B 273 -2.13 19.67 -12.18
N SER B 274 -0.97 19.51 -12.78
CA SER B 274 -0.28 18.23 -12.85
C SER B 274 0.95 18.26 -11.95
N LEU B 275 1.16 17.18 -11.22
CA LEU B 275 2.40 16.97 -10.49
C LEU B 275 3.30 16.07 -11.31
N ILE B 276 4.47 16.58 -11.70
CA ILE B 276 5.42 15.82 -12.51
C ILE B 276 6.12 14.78 -11.64
N THR B 277 5.68 13.54 -11.70
CA THR B 277 6.18 12.51 -10.83
C THR B 277 7.31 11.72 -11.47
N ASN B 278 7.52 11.93 -12.76
CA ASN B 278 8.66 11.33 -13.46
C ASN B 278 8.91 12.05 -14.77
N LYS B 279 10.13 11.90 -15.29
CA LYS B 279 10.50 12.42 -16.59
C LYS B 279 10.58 11.25 -17.55
N VAL B 280 9.74 11.27 -18.59
CA VAL B 280 9.59 10.10 -19.44
C VAL B 280 10.83 9.99 -20.32
N ILE B 281 11.18 8.75 -20.65
CA ILE B 281 12.41 8.49 -21.40
C ILE B 281 12.17 8.77 -22.88
N MET B 282 13.00 9.64 -23.45
CA MET B 282 12.89 10.06 -24.85
C MET B 282 14.00 9.48 -25.73
N ASP B 283 14.89 8.69 -25.13
CA ASP B 283 16.02 8.09 -25.86
C ASP B 283 16.15 6.62 -25.53
N TYR B 284 16.83 5.89 -26.42
CA TYR B 284 17.18 4.52 -26.15
C TYR B 284 18.54 4.57 -25.41
N GLU B 285 18.60 5.29 -24.28
CA GLU B 285 19.87 5.59 -23.60
C GLU B 285 19.62 5.88 -22.12
N GLN B 301 6.40 15.00 -0.50
CA GLN B 301 6.80 16.38 -0.22
C GLN B 301 6.36 17.35 -1.33
N ALA B 302 6.69 17.03 -2.57
CA ALA B 302 6.19 17.78 -3.73
C ALA B 302 4.66 17.76 -3.74
N ALA B 303 4.12 16.61 -3.35
CA ALA B 303 2.67 16.46 -3.20
C ALA B 303 2.11 17.44 -2.18
N GLN B 304 2.68 17.43 -0.98
CA GLN B 304 2.25 18.36 0.08
C GLN B 304 2.33 19.82 -0.37
N LYS B 305 3.38 20.12 -1.13
CA LYS B 305 3.56 21.45 -1.70
C LYS B 305 2.40 21.84 -2.62
N LEU B 306 1.99 20.91 -3.49
CA LEU B 306 0.83 21.14 -4.35
C LEU B 306 -0.44 21.25 -3.52
N GLU B 307 -0.63 20.31 -2.61
CA GLU B 307 -1.79 20.33 -1.73
C GLU B 307 -1.93 21.69 -1.03
N GLN B 308 -0.82 22.19 -0.51
CA GLN B 308 -0.81 23.49 0.16
C GLN B 308 -1.13 24.64 -0.80
N PHE B 309 -0.55 24.57 -2.00
CA PHE B 309 -0.74 25.65 -2.99
C PHE B 309 -2.20 25.74 -3.36
N VAL B 310 -2.85 24.60 -3.51
CA VAL B 310 -4.27 24.54 -3.84
C VAL B 310 -5.06 25.18 -2.71
N SER B 311 -4.68 24.84 -1.49
CA SER B 311 -5.34 25.35 -0.30
C SER B 311 -5.30 26.85 -0.25
N ILE B 312 -4.11 27.39 -0.50
CA ILE B 312 -3.92 28.82 -0.52
C ILE B 312 -4.86 29.47 -1.54
N LEU B 313 -4.89 28.90 -2.75
CA LEU B 313 -5.60 29.49 -3.89
C LEU B 313 -7.10 29.58 -3.72
N MET B 314 -7.69 28.82 -2.80
CA MET B 314 -9.13 28.95 -2.53
C MET B 314 -9.53 30.42 -2.32
N ALA B 315 -8.66 31.16 -1.65
CA ALA B 315 -8.88 32.58 -1.38
C ALA B 315 -9.03 33.41 -2.68
N SER B 316 -8.25 33.06 -3.70
CA SER B 316 -8.25 33.80 -4.96
C SER B 316 -9.36 33.38 -5.95
N ILE B 317 -10.33 32.56 -5.51
CA ILE B 317 -11.44 32.13 -6.37
C ILE B 317 -12.58 33.16 -6.30
N PRO B 318 -13.17 33.52 -7.45
CA PRO B 318 -14.26 34.50 -7.38
C PRO B 318 -15.48 34.02 -6.61
N LEU B 319 -16.37 34.94 -6.27
CA LEU B 319 -17.58 34.60 -5.55
C LEU B 319 -18.61 34.14 -6.52
N PRO B 320 -19.61 33.39 -6.04
CA PRO B 320 -20.74 33.05 -6.89
C PRO B 320 -21.64 34.26 -7.13
N GLY C 39 -24.35 -5.24 -37.51
CA GLY C 39 -25.78 -4.95 -37.24
C GLY C 39 -26.71 -5.27 -38.39
N TYR C 40 -26.49 -4.68 -39.57
CA TYR C 40 -27.37 -4.90 -40.72
C TYR C 40 -26.88 -6.04 -41.58
N THR C 41 -27.79 -6.83 -42.12
CA THR C 41 -27.45 -7.84 -43.10
C THR C 41 -27.65 -7.31 -44.51
N TYR C 42 -27.12 -8.03 -45.49
CA TYR C 42 -27.22 -7.61 -46.87
C TYR C 42 -28.69 -7.44 -47.22
N GLU C 43 -29.49 -8.39 -46.76
CA GLU C 43 -30.91 -8.39 -46.99
C GLU C 43 -31.60 -7.16 -46.40
N ASP C 44 -31.15 -6.66 -45.26
CA ASP C 44 -31.74 -5.45 -44.70
C ASP C 44 -31.60 -4.27 -45.67
N TYR C 45 -30.39 -4.09 -46.21
CA TYR C 45 -30.13 -3.02 -47.16
C TYR C 45 -30.99 -3.19 -48.39
N LYS C 46 -31.11 -4.43 -48.86
CA LYS C 46 -31.90 -4.69 -50.05
C LYS C 46 -33.40 -4.41 -49.84
N ASN C 47 -33.92 -4.77 -48.67
CA ASN C 47 -35.33 -4.50 -48.37
C ASN C 47 -35.60 -2.99 -48.36
N THR C 48 -34.73 -2.23 -47.74
CA THR C 48 -34.87 -0.80 -47.73
C THR C 48 -34.86 -0.26 -49.16
N ALA C 49 -33.89 -0.71 -49.95
CA ALA C 49 -33.81 -0.26 -51.33
C ALA C 49 -35.04 -0.59 -52.16
N GLU C 50 -35.62 -1.78 -51.93
CA GLU C 50 -36.81 -2.21 -52.64
C GLU C 50 -38.06 -1.47 -52.20
N TYR C 51 -38.15 -1.13 -50.92
CA TYR C 51 -39.19 -0.25 -50.47
C TYR C 51 -39.14 1.03 -51.25
N LEU C 52 -37.97 1.66 -51.29
CA LEU C 52 -37.82 2.92 -51.98
C LEU C 52 -38.16 2.79 -53.45
N LEU C 53 -37.67 1.74 -54.09
CA LEU C 53 -37.86 1.58 -55.53
C LEU C 53 -39.30 1.35 -55.95
N SER C 54 -40.08 0.70 -55.09
CA SER C 54 -41.49 0.49 -55.35
C SER C 54 -42.37 1.67 -54.88
N HIS C 55 -41.79 2.61 -54.15
CA HIS C 55 -42.57 3.77 -53.73
C HIS C 55 -42.23 5.06 -54.45
N THR C 56 -41.25 5.04 -55.35
CA THR C 56 -41.00 6.20 -56.21
C THR C 56 -40.65 5.72 -57.58
N LYS C 57 -40.93 6.53 -58.61
CA LYS C 57 -40.49 6.23 -59.97
C LYS C 57 -39.18 6.93 -60.30
N HIS C 58 -38.68 7.73 -59.36
CA HIS C 58 -37.38 8.32 -59.52
C HIS C 58 -36.28 7.26 -59.46
N ARG C 59 -35.31 7.38 -60.35
CA ARG C 59 -34.17 6.47 -60.45
C ARG C 59 -32.88 7.30 -60.41
N PRO C 60 -32.39 7.62 -59.21
CA PRO C 60 -31.24 8.55 -59.11
C PRO C 60 -29.91 7.94 -59.55
N GLN C 61 -29.09 8.72 -60.26
CA GLN C 61 -27.73 8.31 -60.60
C GLN C 61 -26.80 8.81 -59.51
N VAL C 62 -27.23 9.86 -58.83
CA VAL C 62 -26.36 10.58 -57.92
C VAL C 62 -27.06 10.78 -56.59
N ALA C 63 -26.36 10.48 -55.51
CA ALA C 63 -26.77 10.80 -54.17
C ALA C 63 -25.89 11.93 -53.64
N ILE C 64 -26.52 12.86 -52.93
CA ILE C 64 -25.86 14.00 -52.33
C ILE C 64 -26.23 14.10 -50.84
N ILE C 65 -25.22 14.13 -49.99
CA ILE C 65 -25.42 14.32 -48.57
C ILE C 65 -25.19 15.80 -48.25
N CYS C 66 -26.24 16.46 -47.76
CA CYS C 66 -26.20 17.86 -47.39
C CYS C 66 -25.66 17.98 -45.98
N GLY C 67 -24.59 18.73 -45.80
CA GLY C 67 -24.07 19.00 -44.47
C GLY C 67 -24.87 20.09 -43.79
N SER C 68 -24.42 20.45 -42.58
CA SER C 68 -25.04 21.50 -41.78
C SER C 68 -25.12 22.82 -42.51
N GLY C 69 -26.31 23.41 -42.50
CA GLY C 69 -26.53 24.71 -43.15
C GLY C 69 -26.71 24.61 -44.64
N LEU C 70 -26.68 23.40 -45.19
CA LEU C 70 -26.76 23.18 -46.64
C LEU C 70 -28.02 22.45 -47.12
N GLY C 71 -29.01 22.28 -46.24
CA GLY C 71 -30.33 21.76 -46.65
C GLY C 71 -30.99 22.51 -47.79
N GLY C 72 -30.70 23.81 -47.87
CA GLY C 72 -31.09 24.66 -49.01
C GLY C 72 -30.85 24.08 -50.40
N LEU C 73 -29.97 23.09 -50.51
CA LEU C 73 -29.77 22.41 -51.77
C LEU C 73 -31.03 21.70 -52.26
N THR C 74 -31.87 21.21 -51.33
CA THR C 74 -33.13 20.60 -51.73
C THR C 74 -34.06 21.59 -52.42
N ASP C 75 -33.86 22.90 -52.21
CA ASP C 75 -34.71 23.86 -52.92
C ASP C 75 -34.53 23.84 -54.42
N LYS C 76 -33.40 23.31 -54.89
CA LYS C 76 -33.05 23.38 -56.31
C LYS C 76 -33.51 22.18 -57.08
N LEU C 77 -33.99 21.15 -56.39
CA LEU C 77 -34.54 20.00 -57.08
C LEU C 77 -35.82 20.40 -57.73
N THR C 78 -36.12 19.77 -58.87
CA THR C 78 -37.46 19.75 -59.45
C THR C 78 -38.12 18.36 -59.24
N GLN C 79 -39.45 18.32 -59.32
CA GLN C 79 -40.23 17.08 -59.25
C GLN C 79 -40.00 16.29 -57.96
N ALA C 80 -39.91 17.02 -56.85
CA ALA C 80 -39.50 16.49 -55.58
C ALA C 80 -40.48 15.50 -54.98
N GLN C 81 -39.94 14.34 -54.59
CA GLN C 81 -40.65 13.35 -53.80
C GLN C 81 -39.87 13.17 -52.50
N ILE C 82 -40.59 13.19 -51.39
CA ILE C 82 -40.02 13.20 -50.04
C ILE C 82 -40.32 11.92 -49.23
N PHE C 83 -39.31 11.39 -48.56
CA PHE C 83 -39.48 10.28 -47.62
C PHE C 83 -38.87 10.67 -46.31
N ASP C 84 -39.67 10.80 -45.26
CA ASP C 84 -39.11 11.07 -43.93
C ASP C 84 -38.41 9.80 -43.49
N TYR C 85 -37.25 9.95 -42.86
CA TYR C 85 -36.48 8.80 -42.41
C TYR C 85 -37.35 7.81 -41.60
N SER C 86 -38.28 8.33 -40.82
CA SER C 86 -39.17 7.51 -39.98
C SER C 86 -40.10 6.60 -40.75
N GLU C 87 -40.39 6.91 -42.02
CA GLU C 87 -41.20 6.03 -42.87
C GLU C 87 -40.38 5.00 -43.67
N ILE C 88 -39.06 4.99 -43.50
CA ILE C 88 -38.22 4.09 -44.32
C ILE C 88 -37.77 2.93 -43.47
N PRO C 89 -38.04 1.70 -43.92
CA PRO C 89 -37.60 0.53 -43.16
C PRO C 89 -36.11 0.49 -42.95
N ASN C 90 -35.72 0.23 -41.69
CA ASN C 90 -34.35 0.04 -41.28
C ASN C 90 -33.57 1.32 -41.11
N PHE C 91 -34.13 2.47 -41.51
CA PHE C 91 -33.37 3.72 -41.49
C PHE C 91 -33.13 4.11 -40.04
N PRO C 92 -31.90 4.50 -39.69
CA PRO C 92 -31.74 5.16 -38.39
C PRO C 92 -32.59 6.42 -38.26
N ARG C 93 -33.10 6.70 -37.06
CA ARG C 93 -33.71 8.02 -36.77
C ARG C 93 -33.06 8.58 -35.49
N SER C 94 -33.23 9.87 -35.22
CA SER C 94 -32.80 10.46 -33.94
C SER C 94 -33.94 10.33 -32.95
N THR C 95 -33.63 10.00 -31.69
CA THR C 95 -34.63 10.05 -30.58
C THR C 95 -34.96 11.52 -30.25
N VAL C 96 -33.92 12.35 -30.29
CA VAL C 96 -34.02 13.80 -30.21
C VAL C 96 -35.15 14.33 -31.12
N PRO C 97 -36.06 15.18 -30.57
CA PRO C 97 -37.08 15.83 -31.42
C PRO C 97 -36.52 16.92 -32.36
N GLY C 98 -37.37 17.53 -33.18
CA GLY C 98 -36.97 18.68 -34.01
C GLY C 98 -36.47 18.35 -35.40
N HIS C 99 -35.18 18.01 -35.53
CA HIS C 99 -34.62 17.62 -36.83
C HIS C 99 -35.19 16.25 -37.25
N ALA C 100 -36.17 16.29 -38.15
CA ALA C 100 -36.90 15.10 -38.57
C ALA C 100 -36.01 14.14 -39.36
N GLY C 101 -35.32 14.67 -40.38
CA GLY C 101 -34.49 13.84 -41.27
C GLY C 101 -35.26 13.33 -42.49
N ARG C 102 -34.74 13.58 -43.69
CA ARG C 102 -35.44 13.09 -44.89
C ARG C 102 -34.59 12.86 -46.15
N LEU C 103 -35.09 11.97 -47.01
CA LEU C 103 -34.60 11.84 -48.37
C LEU C 103 -35.52 12.60 -49.30
N VAL C 104 -34.92 13.27 -50.27
CA VAL C 104 -35.69 13.91 -51.30
C VAL C 104 -35.13 13.50 -52.65
N PHE C 105 -35.99 12.88 -53.45
CA PHE C 105 -35.69 12.46 -54.78
C PHE C 105 -36.19 13.51 -55.75
N GLY C 106 -35.41 13.79 -56.78
CA GLY C 106 -35.76 14.75 -57.79
C GLY C 106 -34.71 14.89 -58.85
N PHE C 107 -34.80 15.97 -59.61
CA PHE C 107 -33.80 16.25 -60.64
C PHE C 107 -33.07 17.49 -60.18
N LEU C 108 -31.73 17.46 -60.23
CA LEU C 108 -30.92 18.62 -59.96
C LEU C 108 -30.23 18.96 -61.27
N ASN C 109 -30.62 20.09 -61.86
CA ASN C 109 -30.03 20.57 -63.11
C ASN C 109 -30.16 19.49 -64.17
N GLY C 110 -31.34 18.89 -64.25
CA GLY C 110 -31.57 17.81 -65.21
C GLY C 110 -31.09 16.41 -64.82
N ARG C 111 -30.30 16.30 -63.74
CA ARG C 111 -29.73 15.01 -63.34
C ARG C 111 -30.52 14.34 -62.22
N ALA C 112 -30.86 13.07 -62.40
CA ALA C 112 -31.66 12.34 -61.42
C ALA C 112 -30.82 12.13 -60.15
N CYS C 113 -31.34 12.59 -59.03
CA CYS C 113 -30.63 12.41 -57.79
C CYS C 113 -31.50 12.25 -56.56
N VAL C 114 -30.84 11.88 -55.47
CA VAL C 114 -31.45 11.78 -54.18
C VAL C 114 -30.56 12.55 -53.23
N MET C 115 -31.20 13.37 -52.40
CA MET C 115 -30.55 14.10 -51.36
C MET C 115 -30.91 13.60 -49.99
N MET C 116 -29.88 13.53 -49.13
CA MET C 116 -30.03 13.36 -47.68
C MET C 116 -30.03 14.69 -47.03
N GLN C 117 -31.15 15.04 -46.44
CA GLN C 117 -31.27 16.24 -45.66
C GLN C 117 -31.37 15.81 -44.20
N GLY C 118 -30.27 15.99 -43.47
CA GLY C 118 -30.11 15.41 -42.11
C GLY C 118 -29.23 14.17 -42.19
N ARG C 119 -28.03 14.25 -41.66
CA ARG C 119 -27.04 13.17 -41.80
C ARG C 119 -26.63 12.76 -40.41
N PHE C 120 -26.09 11.54 -40.26
CA PHE C 120 -25.83 10.98 -38.94
C PHE C 120 -24.38 11.13 -38.58
N HIS C 121 -24.13 11.37 -37.30
CA HIS C 121 -22.79 11.60 -36.84
C HIS C 121 -22.53 10.64 -35.72
N MET C 122 -21.27 10.26 -35.63
CA MET C 122 -20.73 9.47 -34.54
C MET C 122 -21.01 10.13 -33.18
N TYR C 123 -20.81 11.45 -33.07
CA TYR C 123 -21.01 12.12 -31.77
C TYR C 123 -22.43 12.00 -31.20
N GLU C 124 -23.42 11.72 -32.05
CA GLU C 124 -24.80 11.56 -31.58
C GLU C 124 -25.00 10.21 -30.92
N GLY C 125 -24.02 9.32 -31.06
CA GLY C 125 -24.04 8.00 -30.45
C GLY C 125 -24.24 6.87 -31.45
N TYR C 126 -24.53 7.22 -32.69
CA TYR C 126 -24.70 6.22 -33.73
C TYR C 126 -23.39 5.48 -33.97
N PRO C 127 -23.45 4.14 -33.98
CA PRO C 127 -22.32 3.38 -34.49
C PRO C 127 -22.18 3.60 -35.99
N LEU C 128 -20.95 3.39 -36.47
CA LEU C 128 -20.60 3.77 -37.84
C LEU C 128 -21.40 3.03 -38.90
N TYR C 129 -21.86 1.81 -38.60
CA TYR C 129 -22.65 1.07 -39.56
C TYR C 129 -24.05 1.68 -39.71
N LYS C 130 -24.49 2.47 -38.75
CA LYS C 130 -25.73 3.22 -38.94
C LYS C 130 -25.44 4.53 -39.62
N VAL C 131 -24.32 5.16 -39.23
CA VAL C 131 -23.93 6.42 -39.91
C VAL C 131 -23.87 6.23 -41.43
N THR C 132 -23.34 5.11 -41.88
CA THR C 132 -23.15 4.88 -43.28
C THR C 132 -24.18 4.00 -43.97
N PHE C 133 -25.18 3.52 -43.23
CA PHE C 133 -26.28 2.69 -43.80
C PHE C 133 -26.87 3.23 -45.11
N PRO C 134 -27.24 4.51 -45.12
CA PRO C 134 -27.84 5.04 -46.32
C PRO C 134 -26.99 4.88 -47.56
N VAL C 135 -25.66 4.93 -47.41
CA VAL C 135 -24.78 4.87 -48.60
C VAL C 135 -24.90 3.54 -49.33
N ARG C 136 -24.91 2.48 -48.56
CA ARG C 136 -25.15 1.17 -49.16
C ARG C 136 -26.52 1.03 -49.78
N VAL C 137 -27.51 1.69 -49.20
CA VAL C 137 -28.85 1.73 -49.80
C VAL C 137 -28.79 2.40 -51.18
N PHE C 138 -28.13 3.55 -51.25
CA PHE C 138 -28.00 4.30 -52.51
C PHE C 138 -27.40 3.47 -53.65
N HIS C 139 -26.36 2.72 -53.32
CA HIS C 139 -25.76 1.75 -54.22
C HIS C 139 -26.81 0.74 -54.70
N LEU C 140 -27.56 0.16 -53.80
CA LEU C 140 -28.57 -0.81 -54.21
C LEU C 140 -29.68 -0.16 -55.02
N LEU C 141 -29.92 1.14 -54.83
CA LEU C 141 -30.87 1.87 -55.66
C LEU C 141 -30.41 2.02 -57.09
N GLY C 142 -29.11 1.93 -57.33
CA GLY C 142 -28.52 2.18 -58.66
C GLY C 142 -27.63 3.42 -58.79
N VAL C 143 -27.39 4.12 -57.69
CA VAL C 143 -26.58 5.34 -57.68
C VAL C 143 -25.12 4.99 -57.97
N ASP C 144 -24.46 5.75 -58.84
CA ASP C 144 -23.05 5.49 -59.13
C ASP C 144 -22.11 6.59 -58.64
N THR C 145 -22.68 7.66 -58.10
CA THR C 145 -21.90 8.81 -57.65
C THR C 145 -22.48 9.37 -56.34
N LEU C 146 -21.59 9.59 -55.38
CA LEU C 146 -21.90 10.21 -54.11
C LEU C 146 -21.21 11.53 -54.01
N VAL C 147 -22.00 12.59 -53.78
CA VAL C 147 -21.42 13.90 -53.48
C VAL C 147 -21.61 14.13 -51.97
N VAL C 148 -20.50 14.45 -51.31
CA VAL C 148 -20.51 14.73 -49.88
C VAL C 148 -20.24 16.19 -49.65
N THR C 149 -21.05 16.82 -48.78
CA THR C 149 -20.83 18.19 -48.35
C THR C 149 -20.85 18.24 -46.83
N ASN C 150 -20.13 19.20 -46.28
CA ASN C 150 -20.06 19.42 -44.86
C ASN C 150 -19.66 20.85 -44.52
N ALA C 151 -19.77 21.19 -43.25
CA ALA C 151 -19.32 22.48 -42.74
C ALA C 151 -18.10 22.17 -41.91
N ALA C 152 -17.02 22.94 -42.09
CA ALA C 152 -15.76 22.66 -41.43
C ALA C 152 -15.02 23.91 -40.92
N GLY C 153 -14.13 23.68 -39.96
CA GLY C 153 -13.24 24.69 -39.44
C GLY C 153 -11.95 24.77 -40.28
N GLY C 154 -11.64 25.96 -40.77
CA GLY C 154 -10.43 26.16 -41.56
C GLY C 154 -9.22 26.03 -40.68
N LEU C 155 -8.28 25.17 -41.06
CA LEU C 155 -6.99 25.04 -40.38
C LEU C 155 -5.85 25.68 -41.19
N ASN C 156 -6.04 25.80 -42.49
CA ASN C 156 -5.07 26.40 -43.36
C ASN C 156 -5.17 27.91 -43.22
N PRO C 157 -4.07 28.58 -42.85
CA PRO C 157 -4.11 30.03 -42.62
C PRO C 157 -4.67 30.86 -43.78
N LYS C 158 -4.49 30.40 -45.02
CA LYS C 158 -4.96 31.19 -46.14
C LYS C 158 -6.44 31.01 -46.45
N PHE C 159 -7.15 30.15 -45.72
CA PHE C 159 -8.60 30.01 -45.92
C PHE C 159 -9.26 31.16 -45.20
N GLU C 160 -10.43 31.58 -45.69
CA GLU C 160 -11.31 32.53 -44.98
C GLU C 160 -12.72 31.94 -44.82
N VAL C 161 -13.46 32.40 -43.80
CA VAL C 161 -14.87 32.04 -43.62
C VAL C 161 -15.61 32.31 -44.92
N GLY C 162 -16.45 31.35 -45.31
CA GLY C 162 -17.16 31.41 -46.58
C GLY C 162 -16.43 30.78 -47.75
N ASP C 163 -15.17 30.40 -47.57
CA ASP C 163 -14.48 29.64 -48.61
C ASP C 163 -15.09 28.24 -48.82
N ILE C 164 -15.03 27.78 -50.06
CA ILE C 164 -15.32 26.41 -50.42
C ILE C 164 -13.99 25.64 -50.61
N MET C 165 -13.86 24.50 -49.93
CA MET C 165 -12.69 23.64 -50.11
C MET C 165 -13.09 22.37 -50.85
N LEU C 166 -12.58 22.22 -52.08
CA LEU C 166 -12.71 20.96 -52.77
C LEU C 166 -11.91 19.94 -51.99
N ILE C 167 -12.53 18.82 -51.61
CA ILE C 167 -11.84 17.82 -50.82
C ILE C 167 -10.95 16.95 -51.71
N ARG C 168 -9.66 16.94 -51.41
CA ARG C 168 -8.65 16.23 -52.17
C ARG C 168 -8.31 14.94 -51.50
N ASP C 169 -8.43 14.90 -50.18
CA ASP C 169 -8.02 13.75 -49.41
C ASP C 169 -8.52 13.88 -47.97
N HIS C 170 -8.41 12.82 -47.19
CA HIS C 170 -8.80 12.93 -45.81
C HIS C 170 -7.83 12.23 -44.88
N ILE C 171 -7.99 12.54 -43.61
CA ILE C 171 -7.30 11.84 -42.57
C ILE C 171 -8.33 11.31 -41.57
N ASN C 172 -8.43 9.99 -41.43
CA ASN C 172 -9.47 9.35 -40.61
C ASN C 172 -8.94 9.06 -39.22
N LEU C 173 -8.97 10.04 -38.32
CA LEU C 173 -8.40 9.81 -37.00
C LEU C 173 -9.20 8.72 -36.24
N PRO C 174 -10.53 8.74 -36.30
CA PRO C 174 -11.23 7.61 -35.63
C PRO C 174 -10.88 6.25 -36.24
N GLY C 175 -10.68 6.25 -37.56
CA GLY C 175 -10.30 5.04 -38.27
C GLY C 175 -8.98 4.43 -37.80
N PHE C 176 -7.97 5.26 -37.54
CA PHE C 176 -6.72 4.74 -36.98
C PHE C 176 -6.90 3.84 -35.75
N SER C 177 -7.84 4.18 -34.88
CA SER C 177 -7.97 3.55 -33.56
CA SER C 177 -7.96 3.54 -33.57
C SER C 177 -8.99 2.42 -33.49
N GLY C 178 -9.71 2.18 -34.58
CA GLY C 178 -10.72 1.09 -34.62
C GLY C 178 -12.10 1.49 -35.11
N GLN C 179 -12.44 2.77 -35.10
CA GLN C 179 -13.74 3.23 -35.56
C GLN C 179 -13.67 3.40 -37.07
N ASN C 180 -13.78 2.25 -37.74
CA ASN C 180 -13.87 2.16 -39.19
C ASN C 180 -15.16 1.45 -39.50
N PRO C 181 -15.92 1.98 -40.47
CA PRO C 181 -17.24 1.43 -40.74
C PRO C 181 -17.22 0.04 -41.37
N LEU C 182 -16.07 -0.37 -41.89
CA LEU C 182 -15.93 -1.73 -42.48
C LEU C 182 -15.43 -2.76 -41.50
N ARG C 183 -15.16 -2.37 -40.27
CA ARG C 183 -14.67 -3.28 -39.26
C ARG C 183 -15.71 -4.37 -39.02
N GLY C 184 -15.27 -5.61 -38.88
CA GLY C 184 -16.21 -6.74 -38.82
C GLY C 184 -16.15 -7.56 -40.10
N PRO C 185 -16.95 -8.60 -40.18
CA PRO C 185 -16.97 -9.42 -41.40
C PRO C 185 -17.20 -8.61 -42.65
N ASN C 186 -16.55 -8.97 -43.73
CA ASN C 186 -16.76 -8.29 -44.98
C ASN C 186 -17.81 -9.01 -45.82
N ASP C 187 -18.53 -8.24 -46.64
CA ASP C 187 -19.55 -8.79 -47.55
C ASP C 187 -19.14 -8.47 -48.97
N GLU C 188 -18.81 -9.49 -49.74
CA GLU C 188 -18.27 -9.27 -51.08
C GLU C 188 -19.34 -8.87 -52.07
N ARG C 189 -20.60 -8.97 -51.69
CA ARG C 189 -21.65 -8.34 -52.50
C ARG C 189 -21.47 -6.81 -52.50
N PHE C 190 -20.81 -6.24 -51.48
CA PHE C 190 -20.52 -4.81 -51.48
C PHE C 190 -19.11 -4.53 -52.00
N GLY C 191 -18.11 -5.18 -51.47
CA GLY C 191 -16.75 -4.97 -51.96
C GLY C 191 -15.71 -5.85 -51.33
N ASP C 192 -14.46 -5.42 -51.40
CA ASP C 192 -13.32 -6.20 -50.96
C ASP C 192 -13.10 -6.10 -49.47
N ARG C 193 -12.33 -7.03 -48.91
CA ARG C 193 -11.94 -7.02 -47.49
C ARG C 193 -11.02 -5.85 -47.16
N PHE C 194 -10.10 -5.51 -48.06
CA PHE C 194 -9.13 -4.44 -47.83
C PHE C 194 -9.17 -3.41 -48.97
N PRO C 195 -10.21 -2.58 -49.01
CA PRO C 195 -10.26 -1.62 -50.09
C PRO C 195 -9.25 -0.48 -49.92
N ALA C 196 -8.70 -0.03 -51.04
CA ALA C 196 -7.82 1.14 -51.10
C ALA C 196 -8.61 2.44 -50.99
N MET C 197 -8.07 3.43 -50.30
CA MET C 197 -8.65 4.77 -50.18
C MET C 197 -7.77 5.90 -50.76
N SER C 198 -6.60 5.58 -51.27
CA SER C 198 -5.68 6.61 -51.81
C SER C 198 -6.26 7.38 -53.01
N ASP C 199 -7.16 6.76 -53.76
CA ASP C 199 -7.87 7.38 -54.88
C ASP C 199 -9.36 7.69 -54.57
N ALA C 200 -9.70 7.91 -53.30
CA ALA C 200 -11.11 8.11 -52.90
C ALA C 200 -11.80 9.28 -53.57
N TYR C 201 -11.10 10.41 -53.71
CA TYR C 201 -11.73 11.63 -54.24
C TYR C 201 -11.44 11.77 -55.74
N ASP C 202 -12.48 11.54 -56.54
CA ASP C 202 -12.35 11.30 -57.98
C ASP C 202 -11.60 12.39 -58.70
N ARG C 203 -10.58 11.99 -59.45
CA ARG C 203 -9.67 12.95 -60.10
C ARG C 203 -10.38 13.72 -61.17
N THR C 204 -11.16 13.03 -62.00
CA THR C 204 -11.92 13.67 -63.07
C THR C 204 -12.84 14.76 -62.53
N MET C 205 -13.59 14.48 -61.46
CA MET C 205 -14.46 15.50 -60.89
C MET C 205 -13.67 16.64 -60.31
N ARG C 206 -12.51 16.38 -59.76
CA ARG C 206 -11.64 17.45 -59.25
CA ARG C 206 -11.74 17.48 -59.22
C ARG C 206 -11.24 18.43 -60.34
N GLN C 207 -10.79 17.88 -61.47
CA GLN C 207 -10.38 18.72 -62.60
C GLN C 207 -11.56 19.53 -63.09
N ARG C 208 -12.68 18.87 -63.36
CA ARG C 208 -13.87 19.57 -63.85
C ARG C 208 -14.42 20.62 -62.87
N ALA C 209 -14.25 20.40 -61.58
CA ALA C 209 -14.64 21.39 -60.62
C ALA C 209 -13.72 22.63 -60.63
N LEU C 210 -12.41 22.42 -60.67
CA LEU C 210 -11.48 23.58 -60.73
C LEU C 210 -11.76 24.36 -62.00
N SER C 211 -11.89 23.64 -63.11
CA SER C 211 -12.14 24.25 -64.39
C SER C 211 -13.46 25.00 -64.42
N THR C 212 -14.52 24.39 -63.89
CA THR C 212 -15.84 25.05 -63.86
C THR C 212 -15.86 26.26 -62.94
N TYR C 213 -15.28 26.15 -61.75
CA TYR C 213 -15.39 27.24 -60.77
C TYR C 213 -14.92 28.56 -61.35
N LYS C 214 -13.87 28.48 -62.17
CA LYS C 214 -13.37 29.61 -62.93
C LYS C 214 -14.48 30.27 -63.75
N GLN C 215 -15.37 29.48 -64.34
CA GLN C 215 -16.56 30.04 -64.99
C GLN C 215 -17.20 31.03 -64.01
N MET C 216 -17.63 30.54 -62.84
CA MET C 216 -18.37 31.39 -61.91
C MET C 216 -17.45 32.54 -61.56
N GLY C 217 -17.92 33.77 -61.78
CA GLY C 217 -17.10 34.94 -61.59
C GLY C 217 -16.97 35.28 -60.11
N GLU C 218 -16.24 34.46 -59.38
CA GLU C 218 -16.11 34.63 -57.95
C GLU C 218 -14.79 35.32 -57.64
N GLN C 219 -14.72 35.92 -56.46
CA GLN C 219 -13.58 36.76 -56.11
C GLN C 219 -12.44 35.89 -55.68
N ARG C 220 -12.74 34.95 -54.80
CA ARG C 220 -11.76 34.05 -54.22
C ARG C 220 -11.75 32.79 -55.04
N GLU C 221 -10.58 32.15 -55.12
CA GLU C 221 -10.49 30.90 -55.85
C GLU C 221 -11.07 29.78 -54.99
N LEU C 222 -11.43 28.71 -55.69
CA LEU C 222 -11.82 27.48 -55.06
C LEU C 222 -10.61 26.84 -54.39
N GLN C 223 -10.66 26.77 -53.06
CA GLN C 223 -9.61 26.11 -52.29
C GLN C 223 -9.65 24.58 -52.48
N GLU C 224 -8.62 23.92 -51.97
CA GLU C 224 -8.48 22.48 -52.13
C GLU C 224 -7.57 22.00 -51.00
N GLY C 225 -7.79 20.79 -50.53
CA GLY C 225 -7.05 20.35 -49.36
C GLY C 225 -7.61 19.14 -48.68
N THR C 226 -7.06 18.86 -47.52
CA THR C 226 -7.28 17.63 -46.80
C THR C 226 -8.19 17.85 -45.63
N TYR C 227 -9.21 17.00 -45.54
CA TYR C 227 -10.21 17.05 -44.46
C TYR C 227 -9.84 16.05 -43.40
N VAL C 228 -9.83 16.48 -42.16
CA VAL C 228 -9.60 15.57 -41.08
C VAL C 228 -10.89 15.39 -40.27
N MET C 229 -11.24 14.16 -39.99
CA MET C 229 -12.38 13.94 -39.15
C MET C 229 -11.88 13.74 -37.74
N VAL C 230 -12.59 14.38 -36.79
CA VAL C 230 -12.48 14.10 -35.35
C VAL C 230 -13.92 13.78 -34.87
N ALA C 231 -14.05 13.04 -33.80
CA ALA C 231 -15.37 12.55 -33.43
C ALA C 231 -16.29 13.64 -32.89
N GLY C 232 -15.72 14.60 -32.19
CA GLY C 232 -16.52 15.63 -31.52
C GLY C 232 -17.20 15.02 -30.31
N PRO C 233 -18.28 15.64 -29.82
CA PRO C 233 -18.96 16.84 -30.25
C PRO C 233 -18.40 18.15 -29.73
N SER C 234 -17.57 18.13 -28.69
CA SER C 234 -16.98 19.38 -28.19
C SER C 234 -15.96 19.91 -29.21
N PHE C 235 -15.81 21.22 -29.29
CA PHE C 235 -14.86 21.81 -30.25
C PHE C 235 -13.42 21.71 -29.78
N GLU C 236 -12.50 22.01 -30.68
CA GLU C 236 -11.09 21.74 -30.49
C GLU C 236 -10.42 22.81 -29.66
N THR C 237 -9.46 22.40 -28.84
CA THR C 237 -8.62 23.35 -28.12
C THR C 237 -7.59 23.89 -29.09
N VAL C 238 -6.89 24.93 -28.68
CA VAL C 238 -5.85 25.52 -29.54
C VAL C 238 -4.76 24.51 -29.79
N ALA C 239 -4.35 23.81 -28.75
CA ALA C 239 -3.28 22.82 -28.90
C ALA C 239 -3.68 21.65 -29.80
N GLU C 240 -4.98 21.33 -29.80
CA GLU C 240 -5.53 20.30 -30.69
C GLU C 240 -5.53 20.77 -32.12
N CYS C 241 -5.88 22.02 -32.36
CA CYS C 241 -5.85 22.60 -33.70
C CYS C 241 -4.44 22.64 -34.29
N ARG C 242 -3.43 22.87 -33.46
CA ARG C 242 -2.05 22.90 -33.94
C ARG C 242 -1.56 21.51 -34.31
N VAL C 243 -2.04 20.51 -33.57
CA VAL C 243 -1.78 19.12 -33.90
C VAL C 243 -2.30 18.80 -35.30
N LEU C 244 -3.56 19.13 -35.55
CA LEU C 244 -4.20 18.80 -36.81
C LEU C 244 -3.52 19.47 -38.00
N GLN C 245 -3.08 20.71 -37.77
CA GLN C 245 -2.30 21.45 -38.74
C GLN C 245 -0.94 20.79 -38.99
N LYS C 246 -0.27 20.34 -37.94
CA LYS C 246 1.01 19.66 -38.10
C LYS C 246 0.88 18.35 -38.87
N LEU C 247 -0.27 17.69 -38.72
CA LEU C 247 -0.56 16.46 -39.43
C LEU C 247 -0.88 16.69 -40.92
N GLY C 248 -1.01 17.94 -41.34
CA GLY C 248 -1.23 18.23 -42.76
C GLY C 248 -2.70 18.46 -43.15
N ALA C 249 -3.58 18.62 -42.17
CA ALA C 249 -5.00 18.85 -42.43
C ALA C 249 -5.27 20.33 -42.70
N ASP C 250 -6.08 20.59 -43.70
CA ASP C 250 -6.51 21.94 -44.05
C ASP C 250 -7.87 22.34 -43.48
N ALA C 251 -8.70 21.34 -43.18
CA ALA C 251 -10.03 21.58 -42.61
C ALA C 251 -10.38 20.42 -41.70
N VAL C 252 -11.17 20.71 -40.66
CA VAL C 252 -11.60 19.75 -39.68
C VAL C 252 -13.10 19.72 -39.48
N GLY C 253 -13.64 18.52 -39.35
CA GLY C 253 -15.05 18.37 -39.00
C GLY C 253 -15.28 17.01 -38.37
N MET C 254 -16.56 16.66 -38.25
CA MET C 254 -16.98 15.53 -37.45
C MET C 254 -17.80 14.55 -38.25
N SER C 255 -17.68 14.61 -39.56
CA SER C 255 -18.50 13.74 -40.41
C SER C 255 -17.75 13.25 -41.68
N THR C 256 -18.52 12.74 -42.63
CA THR C 256 -18.13 12.60 -44.03
C THR C 256 -17.24 11.39 -44.35
N VAL C 257 -16.12 11.25 -43.64
CA VAL C 257 -15.15 10.19 -43.89
C VAL C 257 -15.71 8.76 -43.85
N PRO C 258 -16.49 8.39 -42.83
CA PRO C 258 -17.11 7.06 -42.82
C PRO C 258 -17.96 6.76 -44.05
N GLU C 259 -18.69 7.75 -44.51
CA GLU C 259 -19.49 7.59 -45.70
C GLU C 259 -18.62 7.44 -46.95
N VAL C 260 -17.52 8.21 -47.04
CA VAL C 260 -16.63 8.12 -48.20
C VAL C 260 -16.06 6.71 -48.32
N ILE C 261 -15.62 6.19 -47.18
CA ILE C 261 -15.05 4.85 -47.09
C ILE C 261 -16.03 3.76 -47.51
N VAL C 262 -17.26 3.82 -47.00
CA VAL C 262 -18.26 2.82 -47.41
C VAL C 262 -18.58 3.00 -48.91
N ALA C 263 -18.69 4.24 -49.35
CA ALA C 263 -19.00 4.50 -50.74
C ALA C 263 -17.95 3.85 -51.66
N ARG C 264 -16.67 4.06 -51.34
CA ARG C 264 -15.59 3.55 -52.18
C ARG C 264 -15.52 2.04 -52.09
N HIS C 265 -15.79 1.50 -50.93
CA HIS C 265 -15.86 0.05 -50.79
C HIS C 265 -16.80 -0.56 -51.82
N CYS C 266 -17.95 0.08 -52.04
CA CYS C 266 -18.93 -0.50 -52.96
C CYS C 266 -18.85 0.10 -54.38
N GLY C 267 -17.79 0.84 -54.68
CA GLY C 267 -17.51 1.23 -56.06
C GLY C 267 -18.07 2.57 -56.53
N LEU C 268 -18.65 3.38 -55.65
CA LEU C 268 -19.17 4.69 -56.07
C LEU C 268 -18.05 5.70 -56.35
N ARG C 269 -18.21 6.47 -57.43
CA ARG C 269 -17.46 7.68 -57.64
C ARG C 269 -17.78 8.69 -56.54
N VAL C 270 -16.75 9.27 -55.91
CA VAL C 270 -16.96 10.19 -54.80
C VAL C 270 -16.31 11.52 -55.05
N PHE C 271 -17.03 12.61 -54.83
CA PHE C 271 -16.36 13.90 -54.62
C PHE C 271 -17.13 14.75 -53.62
N GLY C 272 -16.48 15.81 -53.13
CA GLY C 272 -17.12 16.67 -52.19
C GLY C 272 -16.44 17.95 -51.84
N PHE C 273 -17.10 18.68 -50.93
CA PHE C 273 -16.69 20.04 -50.55
C PHE C 273 -16.96 20.30 -49.12
N SER C 274 -16.03 21.01 -48.48
CA SER C 274 -16.28 21.56 -47.16
C SER C 274 -16.55 23.05 -47.35
N LEU C 275 -17.59 23.55 -46.68
CA LEU C 275 -17.80 24.99 -46.54
C LEU C 275 -17.13 25.42 -45.25
N ILE C 276 -16.18 26.35 -45.35
CA ILE C 276 -15.44 26.81 -44.18
C ILE C 276 -16.31 27.81 -43.43
N THR C 277 -16.79 27.42 -42.27
CA THR C 277 -17.71 28.25 -41.50
C THR C 277 -17.02 28.96 -40.34
N ASN C 278 -15.79 28.57 -40.04
CA ASN C 278 -14.96 29.31 -39.09
C ASN C 278 -13.48 29.08 -39.35
N LYS C 279 -12.65 30.04 -38.93
CA LYS C 279 -11.19 29.87 -38.86
C LYS C 279 -10.86 29.49 -37.45
N VAL C 280 -10.36 28.28 -37.25
CA VAL C 280 -10.09 27.83 -35.89
C VAL C 280 -8.93 28.67 -35.32
N ILE C 281 -8.94 28.84 -33.99
CA ILE C 281 -7.97 29.68 -33.32
C ILE C 281 -6.69 28.87 -33.15
N MET C 282 -5.58 29.41 -33.65
CA MET C 282 -4.27 28.75 -33.58
C MET C 282 -3.31 29.36 -32.53
N ASP C 283 -3.69 30.50 -31.95
CA ASP C 283 -2.85 31.24 -30.98
C ASP C 283 -3.63 31.63 -29.73
N TYR C 284 -2.92 31.74 -28.61
CA TYR C 284 -3.56 32.01 -27.32
C TYR C 284 -3.85 33.51 -27.10
N GLN C 301 -25.29 32.92 -47.52
CA GLN C 301 -24.87 33.40 -48.83
C GLN C 301 -23.69 32.58 -49.41
N ALA C 302 -22.71 32.29 -48.57
CA ALA C 302 -21.61 31.38 -48.93
C ALA C 302 -22.18 29.97 -49.10
N ALA C 303 -23.11 29.61 -48.21
CA ALA C 303 -23.85 28.34 -48.33
C ALA C 303 -24.57 28.25 -49.66
N GLN C 304 -25.29 29.32 -50.03
CA GLN C 304 -26.02 29.36 -51.31
C GLN C 304 -25.11 29.25 -52.53
N LYS C 305 -23.90 29.76 -52.36
CA LYS C 305 -22.88 29.66 -53.40
C LYS C 305 -22.43 28.22 -53.65
N LEU C 306 -22.08 27.50 -52.58
CA LEU C 306 -21.78 26.10 -52.67
C LEU C 306 -22.94 25.30 -53.26
N GLU C 307 -24.17 25.69 -52.91
CA GLU C 307 -25.35 24.92 -53.36
C GLU C 307 -25.52 25.12 -54.84
N GLN C 308 -25.25 26.34 -55.30
CA GLN C 308 -25.39 26.60 -56.70
C GLN C 308 -24.24 25.90 -57.47
N PHE C 309 -23.05 25.89 -56.89
CA PHE C 309 -21.88 25.23 -57.54
C PHE C 309 -22.13 23.73 -57.69
N VAL C 310 -22.62 23.10 -56.62
CA VAL C 310 -22.93 21.67 -56.69
C VAL C 310 -23.92 21.43 -57.81
N SER C 311 -24.93 22.30 -57.91
CA SER C 311 -25.96 22.14 -58.93
C SER C 311 -25.41 22.29 -60.34
N ILE C 312 -24.56 23.27 -60.55
CA ILE C 312 -23.86 23.41 -61.85
C ILE C 312 -23.01 22.18 -62.20
N LEU C 313 -22.30 21.64 -61.22
CA LEU C 313 -21.46 20.45 -61.42
C LEU C 313 -22.15 19.16 -61.82
N MET C 314 -23.47 19.06 -61.62
CA MET C 314 -24.15 17.86 -62.07
C MET C 314 -23.92 17.63 -63.57
N ALA C 315 -23.83 18.73 -64.31
CA ALA C 315 -23.61 18.67 -65.75
C ALA C 315 -22.28 17.96 -66.10
N SER C 316 -21.34 17.98 -65.17
CA SER C 316 -20.03 17.40 -65.34
C SER C 316 -19.89 15.97 -64.87
N ILE C 317 -20.90 15.42 -64.21
CA ILE C 317 -20.83 14.06 -63.77
C ILE C 317 -20.99 13.18 -65.00
N PRO C 318 -20.16 12.17 -65.15
CA PRO C 318 -20.30 11.35 -66.37
C PRO C 318 -21.61 10.56 -66.37
N LEU C 319 -22.10 10.22 -67.56
CA LEU C 319 -23.35 9.46 -67.69
C LEU C 319 -23.15 8.02 -67.22
N PRO C 320 -24.24 7.33 -66.87
CA PRO C 320 -24.09 5.96 -66.35
C PRO C 320 -23.36 4.98 -67.28
N GLY D 39 -10.45 -1.52 32.04
CA GLY D 39 -11.62 -1.38 32.98
C GLY D 39 -12.58 -0.21 32.76
N TYR D 40 -12.23 0.76 31.92
CA TYR D 40 -13.10 1.88 31.61
C TYR D 40 -13.80 1.68 30.28
N THR D 41 -15.10 1.95 30.24
CA THR D 41 -15.83 2.03 28.97
C THR D 41 -15.65 3.41 28.34
N TYR D 42 -16.10 3.57 27.09
CA TYR D 42 -16.11 4.89 26.44
C TYR D 42 -17.00 5.85 27.24
N GLU D 43 -18.07 5.31 27.80
CA GLU D 43 -19.02 6.14 28.54
C GLU D 43 -18.44 6.75 29.80
N ASP D 44 -17.61 5.97 30.51
CA ASP D 44 -16.91 6.45 31.69
C ASP D 44 -16.11 7.72 31.38
N TYR D 45 -15.40 7.72 30.25
CA TYR D 45 -14.64 8.89 29.82
C TYR D 45 -15.56 10.07 29.53
N LYS D 46 -16.63 9.79 28.78
CA LYS D 46 -17.56 10.83 28.37
C LYS D 46 -18.25 11.44 29.57
N ASN D 47 -18.68 10.59 30.49
CA ASN D 47 -19.35 11.07 31.70
C ASN D 47 -18.46 11.99 32.49
N THR D 48 -17.20 11.57 32.69
CA THR D 48 -16.24 12.40 33.38
C THR D 48 -16.03 13.74 32.63
N ALA D 49 -15.99 13.68 31.30
CA ALA D 49 -15.83 14.91 30.52
C ALA D 49 -17.06 15.82 30.65
N GLU D 50 -18.25 15.24 30.51
CA GLU D 50 -19.52 16.00 30.58
C GLU D 50 -19.68 16.67 31.95
N TYR D 51 -19.32 15.95 33.01
CA TYR D 51 -19.32 16.51 34.34
C TYR D 51 -18.45 17.75 34.41
N LEU D 52 -17.28 17.70 33.77
CA LEU D 52 -16.37 18.84 33.79
C LEU D 52 -16.92 19.97 32.92
N LEU D 53 -17.36 19.62 31.71
CA LEU D 53 -17.89 20.61 30.78
C LEU D 53 -19.09 21.38 31.34
N SER D 54 -19.87 20.71 32.18
CA SER D 54 -21.04 21.31 32.82
C SER D 54 -20.79 21.85 34.22
N HIS D 55 -19.52 21.93 34.64
CA HIS D 55 -19.18 22.56 35.93
C HIS D 55 -18.13 23.65 35.79
N THR D 56 -17.63 23.86 34.58
CA THR D 56 -16.81 25.02 34.31
C THR D 56 -17.13 25.50 32.92
N LYS D 57 -16.95 26.80 32.72
CA LYS D 57 -17.10 27.37 31.41
C LYS D 57 -15.75 27.49 30.74
N HIS D 58 -14.66 27.26 31.48
CA HIS D 58 -13.32 27.20 30.86
C HIS D 58 -13.32 26.12 29.79
N ARG D 59 -12.67 26.39 28.66
CA ARG D 59 -12.56 25.45 27.58
C ARG D 59 -11.12 25.41 27.11
N PRO D 60 -10.33 24.46 27.64
CA PRO D 60 -8.89 24.46 27.39
C PRO D 60 -8.53 23.93 26.01
N GLN D 61 -7.48 24.50 25.42
CA GLN D 61 -6.88 23.97 24.20
C GLN D 61 -5.69 23.03 24.54
N VAL D 62 -5.11 23.25 25.72
CA VAL D 62 -3.85 22.64 26.10
C VAL D 62 -3.94 22.02 27.48
N ALA D 63 -3.49 20.77 27.62
CA ALA D 63 -3.38 20.15 28.93
C ALA D 63 -1.91 20.10 29.33
N ILE D 64 -1.64 20.32 30.61
CA ILE D 64 -0.28 20.27 31.10
C ILE D 64 -0.27 19.37 32.32
N ILE D 65 0.58 18.35 32.29
CA ILE D 65 0.74 17.45 33.45
C ILE D 65 1.99 17.85 34.22
N CYS D 66 1.81 18.30 35.46
CA CYS D 66 2.93 18.74 36.32
C CYS D 66 3.50 17.58 37.12
N GLY D 67 4.80 17.36 36.98
CA GLY D 67 5.47 16.29 37.73
C GLY D 67 5.86 16.69 39.14
N SER D 68 6.62 15.80 39.80
CA SER D 68 7.21 16.05 41.13
C SER D 68 7.93 17.41 41.22
N GLY D 69 7.57 18.21 42.22
CA GLY D 69 8.15 19.54 42.44
C GLY D 69 7.70 20.64 41.49
N LEU D 70 6.77 20.35 40.59
CA LEU D 70 6.36 21.29 39.54
C LEU D 70 4.91 21.73 39.67
N GLY D 71 4.30 21.46 40.83
CA GLY D 71 2.92 21.89 41.10
C GLY D 71 2.75 23.41 41.18
N GLY D 72 3.83 24.12 41.49
CA GLY D 72 3.84 25.58 41.57
C GLY D 72 3.50 26.29 40.26
N LEU D 73 3.43 25.54 39.16
CA LEU D 73 3.04 26.12 37.87
C LEU D 73 1.60 26.61 37.85
N THR D 74 0.75 26.06 38.72
CA THR D 74 -0.64 26.49 38.83
C THR D 74 -0.73 27.94 39.36
N ASP D 75 0.27 28.36 40.13
CA ASP D 75 0.36 29.75 40.63
C ASP D 75 0.26 30.79 39.52
N LYS D 76 0.71 30.43 38.31
CA LYS D 76 0.78 31.37 37.20
C LYS D 76 -0.50 31.44 36.38
N LEU D 77 -1.50 30.60 36.68
CA LEU D 77 -2.79 30.68 36.00
C LEU D 77 -3.60 31.88 36.47
N THR D 78 -4.34 32.48 35.55
CA THR D 78 -5.28 33.55 35.87
C THR D 78 -6.69 33.03 35.62
N GLN D 79 -7.62 33.45 36.48
CA GLN D 79 -9.01 33.02 36.41
C GLN D 79 -9.11 31.53 36.67
N ALA D 80 -8.39 31.08 37.69
CA ALA D 80 -8.27 29.67 38.01
C ALA D 80 -9.53 29.07 38.64
N GLN D 81 -10.00 27.94 38.10
CA GLN D 81 -11.01 27.14 38.77
C GLN D 81 -10.44 25.74 39.09
N ILE D 82 -10.61 25.33 40.34
CA ILE D 82 -9.99 24.15 40.90
C ILE D 82 -11.02 23.07 41.16
N PHE D 83 -10.74 21.86 40.66
CA PHE D 83 -11.44 20.64 41.06
C PHE D 83 -10.46 19.73 41.77
N ASP D 84 -10.82 19.20 42.93
CA ASP D 84 -10.04 18.13 43.56
C ASP D 84 -10.31 16.84 42.79
N TYR D 85 -9.29 16.01 42.59
CA TYR D 85 -9.48 14.73 41.90
C TYR D 85 -10.57 13.88 42.54
N SER D 86 -10.70 13.99 43.87
CA SER D 86 -11.71 13.25 44.63
C SER D 86 -13.14 13.58 44.20
N GLU D 87 -13.40 14.84 43.81
CA GLU D 87 -14.75 15.26 43.38
C GLU D 87 -15.03 15.01 41.90
N ILE D 88 -14.08 14.46 41.15
CA ILE D 88 -14.29 14.19 39.72
C ILE D 88 -14.65 12.72 39.53
N PRO D 89 -15.80 12.43 38.91
CA PRO D 89 -16.17 11.05 38.64
C PRO D 89 -15.06 10.29 37.93
N ASN D 90 -14.83 9.03 38.35
CA ASN D 90 -13.91 8.08 37.70
C ASN D 90 -12.41 8.41 37.81
N PHE D 91 -12.07 9.43 38.58
CA PHE D 91 -10.71 9.90 38.60
C PHE D 91 -9.89 9.16 39.66
N PRO D 92 -8.67 8.72 39.30
CA PRO D 92 -7.77 8.14 40.29
C PRO D 92 -7.23 9.17 41.28
N ARG D 93 -6.62 8.70 42.37
CA ARG D 93 -6.06 9.58 43.40
C ARG D 93 -4.53 9.62 43.37
N SER D 94 -3.96 10.79 43.63
CA SER D 94 -2.50 10.89 43.78
C SER D 94 -2.12 10.44 45.18
N THR D 95 -1.34 9.37 45.30
CA THR D 95 -0.96 8.87 46.63
C THR D 95 0.42 9.34 47.07
N VAL D 96 1.13 10.06 46.20
CA VAL D 96 2.49 10.48 46.49
C VAL D 96 2.49 11.92 47.02
N PRO D 97 3.09 12.16 48.20
CA PRO D 97 3.27 13.56 48.65
C PRO D 97 4.03 14.39 47.61
N GLY D 98 3.64 15.65 47.48
CA GLY D 98 4.20 16.55 46.49
C GLY D 98 3.39 16.55 45.20
N HIS D 99 2.52 15.56 45.04
CA HIS D 99 1.53 15.53 43.96
C HIS D 99 0.22 15.92 44.58
N ALA D 100 -0.09 17.22 44.50
CA ALA D 100 -1.22 17.79 45.25
C ALA D 100 -2.55 17.08 44.97
N GLY D 101 -2.84 16.80 43.70
CA GLY D 101 -4.09 16.14 43.33
C GLY D 101 -5.22 17.08 42.97
N ARG D 102 -4.92 18.06 42.12
CA ARG D 102 -5.92 19.03 41.69
C ARG D 102 -5.89 19.22 40.18
N LEU D 103 -7.07 19.23 39.59
CA LEU D 103 -7.23 19.66 38.20
C LEU D 103 -7.57 21.16 38.17
N VAL D 104 -6.69 21.98 37.61
CA VAL D 104 -6.85 23.43 37.63
C VAL D 104 -6.95 24.01 36.22
N PHE D 105 -8.15 24.53 35.89
CA PHE D 105 -8.43 25.23 34.63
C PHE D 105 -8.12 26.72 34.73
N GLY D 106 -7.73 27.33 33.61
CA GLY D 106 -7.45 28.77 33.62
C GLY D 106 -6.69 29.24 32.41
N PHE D 107 -6.04 30.41 32.55
CA PHE D 107 -5.25 30.95 31.46
C PHE D 107 -3.79 31.08 31.87
N LEU D 108 -2.91 30.63 30.98
CA LEU D 108 -1.49 30.70 31.21
C LEU D 108 -0.90 31.49 30.06
N ASN D 109 -0.34 32.65 30.39
CA ASN D 109 0.18 33.56 29.38
C ASN D 109 -0.90 33.71 28.30
N GLY D 110 -2.13 33.94 28.75
CA GLY D 110 -3.28 34.14 27.86
C GLY D 110 -3.84 32.90 27.19
N ARG D 111 -3.20 31.75 27.36
CA ARG D 111 -3.66 30.53 26.70
C ARG D 111 -4.58 29.70 27.59
N ALA D 112 -5.70 29.28 27.03
CA ALA D 112 -6.68 28.49 27.78
C ALA D 112 -6.12 27.08 27.97
N CYS D 113 -5.95 26.69 29.22
CA CYS D 113 -5.41 25.38 29.48
C CYS D 113 -5.95 24.75 30.75
N VAL D 114 -5.58 23.49 30.93
CA VAL D 114 -5.94 22.75 32.14
C VAL D 114 -4.70 22.00 32.65
N MET D 115 -4.49 22.05 33.96
CA MET D 115 -3.30 21.47 34.55
C MET D 115 -3.65 20.35 35.51
N MET D 116 -2.99 19.21 35.34
CA MET D 116 -2.92 18.20 36.37
C MET D 116 -1.84 18.60 37.35
N GLN D 117 -2.26 19.03 38.53
CA GLN D 117 -1.35 19.32 39.63
C GLN D 117 -1.20 18.04 40.43
N GLY D 118 -0.13 17.31 40.12
CA GLY D 118 0.03 15.91 40.54
C GLY D 118 -0.46 14.93 39.46
N ARG D 119 0.19 13.76 39.39
CA ARG D 119 -0.11 12.75 38.39
C ARG D 119 -0.09 11.37 39.05
N PHE D 120 -0.30 10.34 38.23
CA PHE D 120 -0.32 8.96 38.69
C PHE D 120 0.84 8.15 38.13
N HIS D 121 1.29 7.18 38.92
CA HIS D 121 2.42 6.34 38.55
C HIS D 121 2.10 4.88 38.73
N MET D 122 2.63 4.08 37.82
CA MET D 122 2.57 2.65 37.90
C MET D 122 2.95 2.12 39.31
N TYR D 123 4.04 2.64 39.87
CA TYR D 123 4.56 2.11 41.14
C TYR D 123 3.59 2.26 42.33
N GLU D 124 2.64 3.17 42.19
CA GLU D 124 1.64 3.36 43.22
C GLU D 124 0.70 2.17 43.26
N GLY D 125 0.67 1.38 42.20
CA GLY D 125 -0.17 0.19 42.14
C GLY D 125 -1.24 0.30 41.09
N TYR D 126 -1.24 1.43 40.37
CA TYR D 126 -2.18 1.68 39.28
C TYR D 126 -1.83 0.97 37.97
N PRO D 127 -2.82 0.30 37.37
CA PRO D 127 -2.63 -0.16 36.00
C PRO D 127 -2.59 1.05 35.11
N LEU D 128 -2.02 0.88 33.92
CA LEU D 128 -1.76 2.00 33.06
C LEU D 128 -3.01 2.65 32.50
N TYR D 129 -4.12 1.92 32.39
CA TYR D 129 -5.36 2.53 31.92
C TYR D 129 -5.90 3.56 32.93
N LYS D 130 -5.61 3.38 34.22
CA LYS D 130 -5.87 4.43 35.20
C LYS D 130 -4.82 5.56 35.16
N VAL D 131 -3.56 5.20 35.08
CA VAL D 131 -2.51 6.22 34.99
C VAL D 131 -2.89 7.24 33.93
N THR D 132 -3.39 6.75 32.80
CA THR D 132 -3.62 7.60 31.63
C THR D 132 -5.06 8.06 31.40
N PHE D 133 -5.95 7.70 32.32
CA PHE D 133 -7.36 8.06 32.18
C PHE D 133 -7.59 9.54 31.83
N PRO D 134 -6.92 10.47 32.52
CA PRO D 134 -7.13 11.88 32.21
C PRO D 134 -6.83 12.31 30.79
N VAL D 135 -5.92 11.61 30.10
CA VAL D 135 -5.50 12.02 28.78
C VAL D 135 -6.64 11.90 27.78
N ARG D 136 -7.45 10.86 27.93
CA ARG D 136 -8.61 10.72 27.08
C ARG D 136 -9.73 11.70 27.42
N VAL D 137 -9.87 11.98 28.70
CA VAL D 137 -10.83 12.96 29.13
C VAL D 137 -10.49 14.28 28.45
N PHE D 138 -9.25 14.72 28.62
CA PHE D 138 -8.79 15.94 27.99
C PHE D 138 -9.18 16.02 26.51
N HIS D 139 -9.00 14.90 25.81
CA HIS D 139 -9.31 14.83 24.38
C HIS D 139 -10.78 15.19 24.17
N LEU D 140 -11.65 14.55 24.93
CA LEU D 140 -13.09 14.81 24.86
C LEU D 140 -13.46 16.22 25.31
N LEU D 141 -12.67 16.83 26.20
CA LEU D 141 -12.87 18.24 26.55
C LEU D 141 -12.58 19.17 25.39
N GLY D 142 -11.87 18.68 24.36
CA GLY D 142 -11.54 19.50 23.20
C GLY D 142 -10.08 19.93 23.15
N VAL D 143 -9.29 19.50 24.13
CA VAL D 143 -7.85 19.79 24.17
C VAL D 143 -7.19 19.21 22.91
N ASP D 144 -6.20 19.93 22.36
CA ASP D 144 -5.49 19.45 21.17
C ASP D 144 -3.97 19.33 21.36
N THR D 145 -3.46 19.81 22.50
CA THR D 145 -2.04 19.76 22.80
C THR D 145 -1.89 19.27 24.24
N LEU D 146 -0.96 18.33 24.46
CA LEU D 146 -0.59 17.89 25.82
C LEU D 146 0.84 18.24 26.13
N VAL D 147 1.07 18.88 27.29
CA VAL D 147 2.44 19.16 27.74
C VAL D 147 2.77 18.31 28.96
N VAL D 148 3.77 17.45 28.84
CA VAL D 148 4.16 16.58 29.94
C VAL D 148 5.45 17.08 30.59
N THR D 149 5.47 17.12 31.91
CA THR D 149 6.69 17.48 32.65
C THR D 149 6.97 16.41 33.68
N ASN D 150 8.25 16.16 33.93
CA ASN D 150 8.62 15.26 35.03
C ASN D 150 9.92 15.68 35.69
N ALA D 151 10.19 15.10 36.85
CA ALA D 151 11.50 15.20 37.48
C ALA D 151 12.23 13.94 37.08
N ALA D 152 13.50 14.05 36.72
CA ALA D 152 14.26 12.90 36.24
C ALA D 152 15.71 12.87 36.71
N GLY D 153 16.28 11.68 36.60
CA GLY D 153 17.69 11.48 36.85
C GLY D 153 18.52 11.65 35.58
N GLY D 154 19.64 12.35 35.67
CA GLY D 154 20.49 12.56 34.52
C GLY D 154 21.33 11.33 34.31
N LEU D 155 21.25 10.73 33.11
CA LEU D 155 22.14 9.63 32.71
C LEU D 155 23.28 10.13 31.80
N ASN D 156 23.02 11.20 31.05
CA ASN D 156 24.05 11.87 30.24
C ASN D 156 25.06 12.62 31.10
N PRO D 157 26.36 12.30 30.92
CA PRO D 157 27.40 12.95 31.74
C PRO D 157 27.43 14.46 31.67
N LYS D 158 27.01 15.04 30.54
CA LYS D 158 27.09 16.51 30.41
C LYS D 158 25.93 17.26 31.07
N PHE D 159 24.90 16.56 31.53
CA PHE D 159 23.78 17.22 32.22
C PHE D 159 24.22 17.60 33.61
N GLU D 160 23.48 18.53 34.22
CA GLU D 160 23.76 18.97 35.58
C GLU D 160 22.45 19.11 36.35
N VAL D 161 22.55 19.10 37.67
CA VAL D 161 21.36 19.27 38.48
C VAL D 161 20.81 20.67 38.22
N GLY D 162 19.53 20.73 37.84
CA GLY D 162 18.88 21.98 37.60
C GLY D 162 18.65 22.24 36.13
N ASP D 163 19.32 21.47 35.27
CA ASP D 163 19.06 21.49 33.83
C ASP D 163 17.63 21.07 33.44
N ILE D 164 17.18 21.61 32.32
CA ILE D 164 15.95 21.22 31.71
C ILE D 164 16.31 20.47 30.45
N MET D 165 15.68 19.32 30.26
CA MET D 165 15.88 18.53 29.06
C MET D 165 14.59 18.50 28.29
N LEU D 166 14.63 19.04 27.08
CA LEU D 166 13.56 18.90 26.12
C LEU D 166 13.50 17.47 25.66
N ILE D 167 12.32 16.84 25.75
CA ILE D 167 12.21 15.42 25.41
C ILE D 167 12.12 15.21 23.90
N ARG D 168 13.15 14.55 23.37
CA ARG D 168 13.29 14.28 21.94
C ARG D 168 12.61 12.96 21.57
N ASP D 169 12.74 11.97 22.45
CA ASP D 169 12.22 10.64 22.17
C ASP D 169 12.12 9.87 23.49
N HIS D 170 11.48 8.71 23.49
CA HIS D 170 11.47 7.88 24.69
C HIS D 170 11.73 6.42 24.37
N ILE D 171 12.16 5.70 25.41
CA ILE D 171 12.31 4.25 25.40
C ILE D 171 11.34 3.73 26.48
N ASN D 172 10.33 2.98 26.05
CA ASN D 172 9.30 2.47 26.92
C ASN D 172 9.58 1.05 27.41
N LEU D 173 10.40 0.88 28.44
CA LEU D 173 10.75 -0.50 28.86
C LEU D 173 9.54 -1.33 29.34
N PRO D 174 8.64 -0.74 30.13
CA PRO D 174 7.43 -1.51 30.49
C PRO D 174 6.68 -2.00 29.26
N GLY D 175 6.56 -1.12 28.25
CA GLY D 175 5.90 -1.45 26.99
C GLY D 175 6.45 -2.67 26.28
N PHE D 176 7.77 -2.77 26.19
CA PHE D 176 8.39 -3.95 25.56
C PHE D 176 7.75 -5.23 26.12
N SER D 177 7.46 -5.22 27.42
CA SER D 177 7.11 -6.43 28.15
C SER D 177 5.63 -6.72 28.28
N GLY D 178 4.79 -5.75 27.95
CA GLY D 178 3.34 -5.97 28.00
C GLY D 178 2.55 -4.85 28.63
N GLN D 179 3.22 -4.03 29.42
CA GLN D 179 2.57 -2.95 30.14
C GLN D 179 2.52 -1.74 29.23
N ASN D 180 1.46 -1.71 28.44
CA ASN D 180 1.17 -0.64 27.51
C ASN D 180 -0.28 -0.24 27.73
N PRO D 181 -0.56 1.07 27.82
CA PRO D 181 -1.93 1.48 28.15
C PRO D 181 -2.92 1.17 27.06
N LEU D 182 -2.45 0.99 25.82
CA LEU D 182 -3.34 0.63 24.72
C LEU D 182 -3.66 -0.85 24.66
N ARG D 183 -3.14 -1.65 25.59
CA ARG D 183 -3.36 -3.10 25.57
C ARG D 183 -4.83 -3.40 25.77
N GLY D 184 -5.35 -4.34 24.99
CA GLY D 184 -6.76 -4.71 25.05
C GLY D 184 -7.44 -4.31 23.76
N PRO D 185 -8.78 -4.50 23.70
CA PRO D 185 -9.55 -4.12 22.52
C PRO D 185 -9.40 -2.64 22.24
N ASN D 186 -9.09 -2.29 20.99
CA ASN D 186 -8.96 -0.89 20.60
C ASN D 186 -10.31 -0.26 20.30
N ASP D 187 -10.50 0.96 20.80
CA ASP D 187 -11.67 1.76 20.48
C ASP D 187 -11.31 2.79 19.42
N GLU D 188 -11.91 2.67 18.24
CA GLU D 188 -11.58 3.55 17.12
C GLU D 188 -12.13 4.96 17.30
N ARG D 189 -13.06 5.12 18.23
CA ARG D 189 -13.47 6.44 18.64
C ARG D 189 -12.30 7.23 19.23
N PHE D 190 -11.28 6.54 19.75
CA PHE D 190 -10.08 7.21 20.22
C PHE D 190 -8.96 7.21 19.18
N GLY D 191 -8.73 6.09 18.51
CA GLY D 191 -7.68 6.05 17.50
C GLY D 191 -7.42 4.69 16.90
N ASP D 192 -6.29 4.58 16.20
CA ASP D 192 -5.91 3.34 15.52
C ASP D 192 -5.52 2.19 16.46
N ARG D 193 -5.50 0.98 15.88
CA ARG D 193 -5.02 -0.20 16.60
C ARG D 193 -3.49 -0.15 16.80
N PHE D 194 -2.77 0.30 15.79
CA PHE D 194 -1.31 0.32 15.83
C PHE D 194 -0.73 1.73 15.59
N PRO D 195 -0.89 2.64 16.55
CA PRO D 195 -0.40 3.99 16.32
C PRO D 195 1.14 4.13 16.38
N ALA D 196 1.69 4.91 15.46
CA ALA D 196 3.11 5.16 15.42
C ALA D 196 3.52 6.07 16.58
N MET D 197 4.73 5.88 17.09
CA MET D 197 5.29 6.72 18.12
C MET D 197 6.59 7.39 17.72
N SER D 198 7.07 7.14 16.49
CA SER D 198 8.34 7.72 16.05
C SER D 198 8.30 9.24 15.95
N ASP D 199 7.11 9.83 15.81
CA ASP D 199 7.01 11.29 15.73
C ASP D 199 6.25 11.86 16.95
N ALA D 200 6.39 11.20 18.11
CA ALA D 200 5.59 11.55 19.29
C ALA D 200 5.84 12.94 19.80
N TYR D 201 7.09 13.36 19.80
CA TYR D 201 7.45 14.66 20.37
C TYR D 201 7.55 15.71 19.24
N ASP D 202 6.54 16.58 19.18
CA ASP D 202 6.31 17.48 18.04
C ASP D 202 7.55 18.26 17.60
N ARG D 203 7.91 18.13 16.33
CA ARG D 203 9.12 18.78 15.78
C ARG D 203 9.02 20.32 15.80
N THR D 204 7.86 20.86 15.45
CA THR D 204 7.66 22.32 15.44
C THR D 204 7.93 22.90 16.82
N MET D 205 7.23 22.36 17.83
CA MET D 205 7.40 22.81 19.22
C MET D 205 8.84 22.68 19.70
N ARG D 206 9.54 21.66 19.23
CA ARG D 206 10.96 21.44 19.54
CA ARG D 206 10.93 21.47 19.62
C ARG D 206 11.83 22.57 19.03
N GLN D 207 11.59 22.95 17.78
CA GLN D 207 12.33 24.06 17.14
C GLN D 207 12.03 25.40 17.81
N ARG D 208 10.76 25.65 18.10
CA ARG D 208 10.34 26.88 18.76
C ARG D 208 10.78 26.94 20.20
N ALA D 209 10.92 25.78 20.85
CA ALA D 209 11.43 25.73 22.22
C ALA D 209 12.93 26.07 22.26
N LEU D 210 13.68 25.51 21.33
CA LEU D 210 15.12 25.77 21.24
C LEU D 210 15.38 27.25 20.93
N SER D 211 14.73 27.72 19.88
CA SER D 211 14.71 29.14 19.50
C SER D 211 14.37 30.09 20.67
N THR D 212 13.30 29.77 21.39
CA THR D 212 12.77 30.64 22.45
C THR D 212 13.61 30.69 23.72
N TYR D 213 14.24 29.57 24.08
CA TYR D 213 15.00 29.48 25.34
C TYR D 213 16.16 30.51 25.48
N LYS D 214 16.60 31.13 24.38
CA LYS D 214 17.44 32.35 24.44
C LYS D 214 16.88 33.42 25.39
N GLN D 215 15.57 33.60 25.32
CA GLN D 215 14.89 34.68 26.02
C GLN D 215 14.79 34.52 27.54
N MET D 216 15.15 33.36 28.06
CA MET D 216 15.24 33.19 29.51
C MET D 216 16.50 33.87 30.07
N GLY D 217 17.48 34.13 29.20
CA GLY D 217 18.74 34.78 29.58
C GLY D 217 19.67 33.90 30.39
N GLU D 218 19.45 32.58 30.34
CA GLU D 218 20.13 31.63 31.21
C GLU D 218 21.53 31.29 30.70
N GLN D 219 22.48 31.14 31.64
CA GLN D 219 23.85 30.77 31.27
C GLN D 219 23.87 29.41 30.61
N ARG D 220 23.27 28.42 31.26
CA ARG D 220 23.20 27.07 30.69
C ARG D 220 22.13 26.94 29.60
N GLU D 221 22.50 26.21 28.56
CA GLU D 221 21.64 25.98 27.41
C GLU D 221 20.59 24.92 27.74
N LEU D 222 19.50 24.92 26.97
CA LEU D 222 18.45 23.91 27.07
C LEU D 222 18.96 22.60 26.52
N GLN D 223 18.98 21.56 27.36
CA GLN D 223 19.38 20.20 26.94
C GLN D 223 18.29 19.54 26.16
N GLU D 224 18.67 18.49 25.42
CA GLU D 224 17.73 17.72 24.64
C GLU D 224 18.12 16.27 24.74
N GLY D 225 17.17 15.34 24.71
CA GLY D 225 17.53 13.92 24.77
C GLY D 225 16.41 12.93 24.89
N THR D 226 16.76 11.67 25.13
CA THR D 226 15.80 10.57 25.26
C THR D 226 15.46 10.25 26.74
N TYR D 227 14.17 10.10 27.03
CA TYR D 227 13.68 9.69 28.35
C TYR D 227 13.36 8.20 28.34
N VAL D 228 13.88 7.50 29.35
CA VAL D 228 13.54 6.09 29.53
C VAL D 228 12.65 5.95 30.75
N MET D 229 11.57 5.20 30.60
CA MET D 229 10.70 4.86 31.71
C MET D 229 11.05 3.50 32.33
N VAL D 230 11.29 3.50 33.64
CA VAL D 230 11.38 2.28 34.43
C VAL D 230 10.25 2.36 35.49
N ALA D 231 9.70 1.23 35.88
CA ALA D 231 8.50 1.23 36.73
C ALA D 231 8.74 1.75 38.16
N GLY D 232 9.90 1.46 38.76
CA GLY D 232 10.14 1.76 40.15
C GLY D 232 9.33 0.84 41.07
N PRO D 233 9.17 1.20 42.34
CA PRO D 233 9.53 2.45 42.94
C PRO D 233 10.93 2.55 43.53
N SER D 234 11.70 1.46 43.57
CA SER D 234 13.04 1.51 44.12
C SER D 234 13.95 2.19 43.08
N PHE D 235 15.00 2.84 43.54
CA PHE D 235 15.92 3.50 42.62
C PHE D 235 16.92 2.50 42.02
N GLU D 236 17.64 2.93 40.98
CA GLU D 236 18.42 2.03 40.15
C GLU D 236 19.80 1.71 40.75
N THR D 237 20.25 0.49 40.49
CA THR D 237 21.58 0.10 40.88
C THR D 237 22.58 0.71 39.86
N VAL D 238 23.85 0.70 40.20
CA VAL D 238 24.87 1.21 39.28
C VAL D 238 24.83 0.43 37.97
N ALA D 239 24.79 -0.90 38.05
CA ALA D 239 24.71 -1.72 36.83
C ALA D 239 23.46 -1.40 36.01
N GLU D 240 22.35 -1.10 36.68
CA GLU D 240 21.11 -0.78 35.96
C GLU D 240 21.28 0.58 35.26
N CYS D 241 21.93 1.53 35.92
CA CYS D 241 22.19 2.82 35.28
C CYS D 241 23.08 2.69 34.06
N ARG D 242 24.09 1.85 34.14
CA ARG D 242 24.93 1.57 32.96
C ARG D 242 24.14 0.97 31.81
N VAL D 243 23.25 0.04 32.12
CA VAL D 243 22.32 -0.50 31.13
C VAL D 243 21.56 0.61 30.39
N LEU D 244 20.95 1.50 31.14
CA LEU D 244 20.08 2.51 30.58
C LEU D 244 20.89 3.49 29.73
N GLN D 245 22.08 3.81 30.20
CA GLN D 245 23.04 4.59 29.41
C GLN D 245 23.37 3.88 28.11
N LYS D 246 23.72 2.59 28.18
CA LYS D 246 24.08 1.81 26.98
C LYS D 246 22.96 1.75 25.96
N LEU D 247 21.70 1.71 26.43
CA LEU D 247 20.54 1.74 25.55
C LEU D 247 20.30 3.12 24.88
N GLY D 248 21.08 4.12 25.27
CA GLY D 248 20.95 5.46 24.68
C GLY D 248 20.01 6.43 25.38
N ALA D 249 19.62 6.14 26.62
CA ALA D 249 18.78 7.03 27.38
C ALA D 249 19.61 8.18 27.95
N ASP D 250 19.02 9.36 27.98
CA ASP D 250 19.68 10.53 28.58
C ASP D 250 19.14 10.86 29.96
N ALA D 251 17.89 10.47 30.21
CA ALA D 251 17.29 10.67 31.50
C ALA D 251 16.34 9.52 31.81
N VAL D 252 16.16 9.30 33.11
CA VAL D 252 15.33 8.21 33.61
C VAL D 252 14.34 8.68 34.66
N GLY D 253 13.11 8.20 34.52
CA GLY D 253 12.12 8.30 35.58
C GLY D 253 11.05 7.25 35.42
N MET D 254 9.98 7.44 36.17
CA MET D 254 8.98 6.43 36.38
C MET D 254 7.62 6.90 35.92
N SER D 255 7.58 7.83 34.97
CA SER D 255 6.28 8.34 34.51
C SER D 255 6.28 8.70 33.03
N THR D 256 5.21 9.40 32.63
CA THR D 256 5.17 10.25 31.44
C THR D 256 4.97 9.49 30.13
N VAL D 257 5.73 8.43 29.91
CA VAL D 257 5.61 7.68 28.69
C VAL D 257 4.21 7.15 28.38
N PRO D 258 3.53 6.55 29.38
CA PRO D 258 2.18 6.04 29.08
C PRO D 258 1.22 7.14 28.65
N GLU D 259 1.37 8.33 29.23
CA GLU D 259 0.45 9.44 28.96
C GLU D 259 0.68 9.90 27.51
N VAL D 260 1.96 9.91 27.11
CA VAL D 260 2.33 10.30 25.77
C VAL D 260 1.73 9.36 24.75
N ILE D 261 1.79 8.07 25.02
CA ILE D 261 1.29 7.07 24.10
C ILE D 261 -0.23 7.21 23.92
N VAL D 262 -0.95 7.43 25.01
CA VAL D 262 -2.38 7.57 24.92
C VAL D 262 -2.73 8.87 24.20
N ALA D 263 -1.95 9.93 24.45
CA ALA D 263 -2.18 11.22 23.78
C ALA D 263 -2.01 11.09 22.27
N ARG D 264 -0.94 10.43 21.84
CA ARG D 264 -0.65 10.26 20.41
C ARG D 264 -1.66 9.36 19.75
N HIS D 265 -2.15 8.38 20.49
CA HIS D 265 -3.20 7.51 19.99
C HIS D 265 -4.44 8.31 19.60
N CYS D 266 -4.84 9.25 20.45
CA CYS D 266 -6.01 10.08 20.12
C CYS D 266 -5.62 11.37 19.39
N GLY D 267 -4.39 11.44 18.88
CA GLY D 267 -3.98 12.48 17.96
C GLY D 267 -3.60 13.82 18.56
N LEU D 268 -3.39 13.89 19.86
CA LEU D 268 -2.94 15.14 20.46
C LEU D 268 -1.49 15.46 20.04
N ARG D 269 -1.19 16.75 19.92
CA ARG D 269 0.18 17.23 19.77
C ARG D 269 0.86 17.12 21.13
N VAL D 270 2.09 16.61 21.16
CA VAL D 270 2.81 16.39 22.42
C VAL D 270 4.20 16.97 22.45
N PHE D 271 4.51 17.65 23.54
CA PHE D 271 5.90 17.91 23.89
C PHE D 271 6.07 17.94 25.41
N GLY D 272 7.32 17.92 25.85
CA GLY D 272 7.58 17.74 27.25
C GLY D 272 8.99 17.97 27.69
N PHE D 273 9.16 18.05 29.00
CA PHE D 273 10.44 18.39 29.60
C PHE D 273 10.72 17.52 30.81
N SER D 274 11.98 17.18 31.00
CA SER D 274 12.44 16.69 32.28
C SER D 274 13.25 17.77 33.00
N LEU D 275 12.94 17.98 34.27
CA LEU D 275 13.84 18.68 35.16
C LEU D 275 14.79 17.63 35.77
N ILE D 276 16.08 17.80 35.53
CA ILE D 276 17.08 16.91 36.06
C ILE D 276 17.35 17.26 37.52
N THR D 277 16.84 16.42 38.43
CA THR D 277 16.94 16.72 39.85
C THR D 277 18.16 16.09 40.49
N ASN D 278 18.81 15.18 39.78
CA ASN D 278 20.00 14.48 40.27
C ASN D 278 20.77 13.80 39.14
N LYS D 279 22.06 13.61 39.35
CA LYS D 279 22.90 12.87 38.40
C LYS D 279 23.10 11.47 38.93
N VAL D 280 22.59 10.47 38.23
CA VAL D 280 22.62 9.11 38.78
C VAL D 280 24.07 8.59 38.78
N ILE D 281 24.37 7.77 39.79
CA ILE D 281 25.73 7.28 40.04
C ILE D 281 26.03 6.11 39.09
N MET D 282 27.07 6.26 38.28
CA MET D 282 27.43 5.31 37.22
C MET D 282 28.65 4.46 37.58
N ASP D 283 29.27 4.74 38.72
CA ASP D 283 30.48 4.04 39.16
C ASP D 283 30.37 3.62 40.59
N TYR D 284 31.17 2.64 40.96
CA TYR D 284 31.22 2.21 42.33
C TYR D 284 32.30 3.05 43.01
N GLU D 285 32.22 3.20 44.31
CA GLU D 285 33.29 3.87 45.04
C GLU D 285 33.51 3.20 46.39
N LYS D 300 13.56 24.09 43.56
CA LYS D 300 12.54 25.14 43.56
C LYS D 300 12.88 26.30 42.59
N GLN D 301 14.15 26.67 42.53
CA GLN D 301 14.57 27.77 41.69
C GLN D 301 14.63 27.31 40.25
N ALA D 302 15.26 26.17 40.06
CA ALA D 302 15.31 25.50 38.75
C ALA D 302 13.90 25.06 38.32
N ALA D 303 13.11 24.63 39.28
CA ALA D 303 11.72 24.31 39.04
C ALA D 303 11.00 25.55 38.52
N GLN D 304 11.14 26.67 39.24
CA GLN D 304 10.56 27.96 38.84
C GLN D 304 11.01 28.37 37.42
N LYS D 305 12.27 28.11 37.11
CA LYS D 305 12.78 28.37 35.77
C LYS D 305 11.96 27.64 34.69
N LEU D 306 11.79 26.33 34.87
CA LEU D 306 11.01 25.53 33.95
C LEU D 306 9.57 25.99 33.91
N GLU D 307 9.02 26.24 35.10
CA GLU D 307 7.64 26.70 35.21
C GLU D 307 7.45 27.95 34.35
N GLN D 308 8.38 28.90 34.50
CA GLN D 308 8.36 30.11 33.71
C GLN D 308 8.47 29.78 32.23
N PHE D 309 9.44 28.93 31.87
CA PHE D 309 9.70 28.63 30.46
C PHE D 309 8.50 28.00 29.76
N VAL D 310 7.78 27.14 30.47
CA VAL D 310 6.57 26.53 29.94
C VAL D 310 5.51 27.62 29.71
N SER D 311 5.40 28.51 30.70
CA SER D 311 4.47 29.64 30.65
C SER D 311 4.73 30.51 29.42
N ILE D 312 6.00 30.84 29.22
CA ILE D 312 6.43 31.59 28.04
C ILE D 312 6.09 30.86 26.73
N LEU D 313 6.30 29.55 26.70
CA LEU D 313 6.08 28.74 25.48
C LEU D 313 4.64 28.61 25.03
N MET D 314 3.70 28.93 25.91
CA MET D 314 2.29 28.92 25.56
C MET D 314 2.03 29.73 24.29
N ALA D 315 2.81 30.80 24.11
CA ALA D 315 2.64 31.71 22.96
C ALA D 315 3.17 31.15 21.64
N SER D 316 3.88 30.01 21.68
CA SER D 316 4.43 29.40 20.46
C SER D 316 3.62 28.19 19.97
N ILE D 317 2.56 27.86 20.68
CA ILE D 317 1.76 26.70 20.36
C ILE D 317 0.78 27.13 19.30
N PRO D 318 0.61 26.34 18.22
CA PRO D 318 -0.40 26.67 17.21
C PRO D 318 -1.80 26.89 17.77
N LEU D 319 -2.59 27.67 17.06
CA LEU D 319 -3.98 27.91 17.43
C LEU D 319 -4.83 26.75 16.94
N PRO D 320 -6.04 26.57 17.52
CA PRO D 320 -6.90 25.46 17.11
C PRO D 320 -7.30 25.48 15.63
N ASN E 38 -2.18 -20.59 35.00
CA ASN E 38 -2.92 -21.25 33.87
C ASN E 38 -4.37 -21.57 34.24
N GLY E 39 -5.30 -20.80 33.68
CA GLY E 39 -6.73 -20.95 33.91
C GLY E 39 -7.34 -22.20 33.31
N TYR E 40 -6.57 -22.96 32.52
CA TYR E 40 -7.01 -24.24 31.94
C TYR E 40 -6.50 -25.45 32.72
N THR E 41 -7.36 -26.44 32.92
CA THR E 41 -6.95 -27.73 33.46
C THR E 41 -6.55 -28.64 32.32
N TYR E 42 -5.88 -29.74 32.65
CA TYR E 42 -5.50 -30.71 31.63
C TYR E 42 -6.73 -31.17 30.85
N GLU E 43 -7.79 -31.44 31.58
CA GLU E 43 -9.05 -31.89 31.01
C GLU E 43 -9.59 -30.95 29.95
N ASP E 44 -9.54 -29.65 30.23
CA ASP E 44 -10.00 -28.66 29.26
C ASP E 44 -9.34 -28.91 27.91
N TYR E 45 -8.02 -29.03 27.91
CA TYR E 45 -7.27 -29.24 26.67
C TYR E 45 -7.75 -30.54 26.05
N LYS E 46 -7.88 -31.58 26.87
CA LYS E 46 -8.25 -32.89 26.38
C LYS E 46 -9.64 -32.88 25.77
N ASN E 47 -10.60 -32.24 26.44
CA ASN E 47 -11.96 -32.11 25.89
C ASN E 47 -11.98 -31.43 24.52
N THR E 48 -11.14 -30.41 24.36
CA THR E 48 -11.11 -29.70 23.08
C THR E 48 -10.50 -30.62 22.02
N ALA E 49 -9.50 -31.41 22.41
CA ALA E 49 -8.88 -32.37 21.52
C ALA E 49 -9.86 -33.49 21.12
N GLU E 50 -10.63 -33.98 22.09
CA GLU E 50 -11.61 -35.03 21.86
C GLU E 50 -12.64 -34.52 20.88
N TYR E 51 -13.27 -33.40 21.23
CA TYR E 51 -14.25 -32.77 20.36
C TYR E 51 -13.79 -32.74 18.90
N LEU E 52 -12.60 -32.20 18.66
CA LEU E 52 -12.11 -32.07 17.30
C LEU E 52 -11.92 -33.43 16.63
N LEU E 53 -11.23 -34.32 17.32
CA LEU E 53 -10.96 -35.69 16.82
C LEU E 53 -12.23 -36.46 16.42
N SER E 54 -13.33 -36.22 17.13
CA SER E 54 -14.59 -36.90 16.88
C SER E 54 -15.48 -36.20 15.83
N HIS E 55 -15.11 -34.98 15.42
CA HIS E 55 -15.88 -34.19 14.47
C HIS E 55 -15.17 -34.00 13.12
N THR E 56 -14.00 -34.61 12.97
CA THR E 56 -13.32 -34.69 11.71
C THR E 56 -12.58 -36.00 11.68
N LYS E 57 -12.18 -36.42 10.48
CA LYS E 57 -11.39 -37.64 10.30
C LYS E 57 -9.95 -37.28 10.05
N HIS E 58 -9.68 -36.02 9.72
CA HIS E 58 -8.32 -35.57 9.48
C HIS E 58 -7.45 -35.88 10.69
N ARG E 59 -6.18 -36.22 10.45
CA ARG E 59 -5.25 -36.53 11.53
C ARG E 59 -3.92 -35.86 11.26
N PRO E 60 -3.81 -34.56 11.60
CA PRO E 60 -2.68 -33.75 11.16
C PRO E 60 -1.40 -34.13 11.87
N GLN E 61 -0.31 -34.12 11.12
CA GLN E 61 1.03 -34.28 11.68
C GLN E 61 1.60 -32.90 11.96
N VAL E 62 1.17 -31.92 11.17
CA VAL E 62 1.79 -30.61 11.16
C VAL E 62 0.73 -29.56 11.46
N ALA E 63 1.06 -28.62 12.33
CA ALA E 63 0.23 -27.44 12.54
C ALA E 63 0.94 -26.20 12.03
N ILE E 64 0.13 -25.28 11.47
CA ILE E 64 0.66 -24.06 10.92
C ILE E 64 -0.13 -22.86 11.42
N ILE E 65 0.58 -21.85 11.93
CA ILE E 65 -0.05 -20.65 12.42
C ILE E 65 0.23 -19.52 11.44
N CYS E 66 -0.83 -18.99 10.85
CA CYS E 66 -0.73 -17.98 9.81
C CYS E 66 -0.76 -16.60 10.41
N GLY E 67 0.29 -15.83 10.15
CA GLY E 67 0.36 -14.44 10.63
C GLY E 67 -0.37 -13.47 9.71
N SER E 68 -0.25 -12.18 10.02
CA SER E 68 -0.95 -11.12 9.29
C SER E 68 -0.71 -11.16 7.78
N GLY E 69 -1.79 -11.19 7.02
CA GLY E 69 -1.74 -11.19 5.56
C GLY E 69 -1.33 -12.52 4.94
N LEU E 70 -1.42 -13.60 5.70
CA LEU E 70 -1.01 -14.92 5.24
C LEU E 70 -2.14 -15.96 5.33
N GLY E 71 -3.36 -15.48 5.55
CA GLY E 71 -4.55 -16.34 5.61
C GLY E 71 -4.77 -17.11 4.32
N GLY E 72 -4.27 -16.55 3.21
CA GLY E 72 -4.32 -17.17 1.88
C GLY E 72 -3.77 -18.58 1.80
N LEU E 73 -2.89 -18.95 2.72
CA LEU E 73 -2.29 -20.28 2.74
C LEU E 73 -3.32 -21.42 2.92
N THR E 74 -4.49 -21.10 3.48
CA THR E 74 -5.59 -22.07 3.58
C THR E 74 -6.23 -22.39 2.23
N ASP E 75 -6.04 -21.50 1.25
CA ASP E 75 -6.51 -21.75 -0.13
C ASP E 75 -5.85 -22.98 -0.75
N LYS E 76 -4.60 -23.23 -0.40
CA LYS E 76 -3.83 -24.33 -1.00
C LYS E 76 -4.17 -25.72 -0.42
N LEU E 77 -5.06 -25.76 0.57
CA LEU E 77 -5.43 -27.02 1.24
C LEU E 77 -6.46 -27.85 0.49
N THR E 78 -6.13 -29.13 0.30
CA THR E 78 -7.05 -30.07 -0.34
C THR E 78 -7.82 -30.86 0.69
N GLN E 79 -9.10 -31.07 0.44
CA GLN E 79 -10.02 -31.78 1.34
C GLN E 79 -10.22 -31.02 2.65
N ALA E 80 -10.20 -29.69 2.55
CA ALA E 80 -10.36 -28.84 3.72
C ALA E 80 -11.61 -29.19 4.55
N GLN E 81 -11.48 -29.10 5.86
CA GLN E 81 -12.64 -29.05 6.75
C GLN E 81 -12.45 -27.91 7.74
N ILE E 82 -13.46 -27.05 7.86
CA ILE E 82 -13.36 -25.82 8.62
C ILE E 82 -14.08 -25.91 9.95
N PHE E 83 -13.42 -25.37 10.98
CA PHE E 83 -14.01 -25.13 12.29
C PHE E 83 -13.79 -23.68 12.64
N ASP E 84 -14.85 -22.93 12.87
CA ASP E 84 -14.71 -21.57 13.38
C ASP E 84 -14.32 -21.68 14.85
N TYR E 85 -13.49 -20.77 15.32
CA TYR E 85 -13.07 -20.80 16.71
C TYR E 85 -14.29 -20.81 17.64
N SER E 86 -15.31 -20.02 17.29
CA SER E 86 -16.52 -19.90 18.10
C SER E 86 -17.24 -21.24 18.38
N GLU E 87 -17.13 -22.21 17.48
CA GLU E 87 -17.79 -23.51 17.69
C GLU E 87 -16.89 -24.55 18.38
N ILE E 88 -15.67 -24.17 18.76
CA ILE E 88 -14.74 -25.09 19.40
C ILE E 88 -14.74 -24.85 20.92
N PRO E 89 -14.91 -25.93 21.71
CA PRO E 89 -14.93 -25.75 23.17
C PRO E 89 -13.61 -25.22 23.75
N ASN E 90 -13.71 -24.30 24.70
CA ASN E 90 -12.56 -23.74 25.45
C ASN E 90 -11.62 -22.85 24.62
N PHE E 91 -11.95 -22.61 23.36
CA PHE E 91 -11.08 -21.87 22.47
C PHE E 91 -11.31 -20.40 22.71
N PRO E 92 -10.24 -19.59 22.69
CA PRO E 92 -10.47 -18.15 22.76
C PRO E 92 -11.17 -17.64 21.49
N ARG E 93 -12.08 -16.69 21.66
CA ARG E 93 -12.84 -16.10 20.56
C ARG E 93 -12.63 -14.59 20.62
N SER E 94 -12.43 -13.94 19.47
CA SER E 94 -12.17 -12.50 19.45
C SER E 94 -13.42 -11.67 19.76
N THR E 95 -13.29 -10.69 20.65
CA THR E 95 -14.39 -9.78 21.01
C THR E 95 -14.44 -8.53 20.09
N VAL E 96 -13.76 -8.59 18.95
CA VAL E 96 -13.56 -7.40 18.09
C VAL E 96 -14.56 -7.39 16.90
N PRO E 97 -14.54 -6.32 16.06
CA PRO E 97 -15.52 -6.23 14.97
C PRO E 97 -15.07 -6.89 13.67
N GLY E 98 -15.67 -8.01 13.33
CA GLY E 98 -15.42 -8.68 12.06
C GLY E 98 -14.18 -9.54 12.06
N HIS E 99 -14.01 -10.34 13.12
CA HIS E 99 -12.92 -11.32 13.19
C HIS E 99 -13.38 -12.57 13.93
N ALA E 100 -13.58 -13.66 13.18
CA ALA E 100 -13.95 -14.95 13.76
C ALA E 100 -12.70 -15.79 14.07
N GLY E 101 -12.02 -16.25 13.02
CA GLY E 101 -10.89 -17.16 13.17
C GLY E 101 -11.29 -18.59 12.92
N ARG E 102 -10.56 -19.25 12.04
CA ARG E 102 -10.91 -20.58 11.59
C ARG E 102 -9.75 -21.51 11.81
N LEU E 103 -10.09 -22.69 12.30
CA LEU E 103 -9.18 -23.81 12.25
C LEU E 103 -9.55 -24.59 10.99
N VAL E 104 -8.55 -24.89 10.16
CA VAL E 104 -8.80 -25.58 8.89
C VAL E 104 -7.90 -26.81 8.76
N PHE E 105 -8.50 -27.99 8.79
CA PHE E 105 -7.78 -29.25 8.56
C PHE E 105 -7.78 -29.56 7.06
N GLY E 106 -6.73 -30.24 6.59
CA GLY E 106 -6.62 -30.59 5.18
C GLY E 106 -5.22 -31.07 4.84
N PHE E 107 -4.99 -31.36 3.56
CA PHE E 107 -3.66 -31.74 3.11
C PHE E 107 -3.05 -30.54 2.40
N LEU E 108 -1.80 -30.26 2.74
CA LEU E 108 -1.04 -29.24 2.07
C LEU E 108 0.07 -29.96 1.39
N ASN E 109 0.12 -29.87 0.05
CA ASN E 109 1.13 -30.57 -0.75
C ASN E 109 1.19 -32.04 -0.35
N GLY E 110 0.01 -32.64 -0.11
CA GLY E 110 -0.07 -34.04 0.32
C GLY E 110 0.23 -34.33 1.77
N ARG E 111 0.58 -33.31 2.55
CA ARG E 111 0.92 -33.50 3.97
C ARG E 111 -0.27 -33.19 4.88
N ALA E 112 -0.62 -34.14 5.74
CA ALA E 112 -1.74 -33.94 6.67
C ALA E 112 -1.39 -32.85 7.68
N CYS E 113 -2.26 -31.85 7.80
CA CYS E 113 -1.93 -30.71 8.60
C CYS E 113 -3.16 -29.91 9.06
N VAL E 114 -2.93 -29.02 10.01
CA VAL E 114 -4.00 -28.13 10.51
C VAL E 114 -3.48 -26.70 10.56
N MET E 115 -4.36 -25.76 10.23
CA MET E 115 -3.96 -24.37 10.11
C MET E 115 -4.79 -23.43 10.96
N MET E 116 -4.11 -22.58 11.72
CA MET E 116 -4.74 -21.46 12.40
C MET E 116 -4.76 -20.29 11.43
N GLN E 117 -5.97 -19.87 11.07
CA GLN E 117 -6.17 -18.66 10.30
C GLN E 117 -6.69 -17.63 11.28
N GLY E 118 -5.79 -16.75 11.71
CA GLY E 118 -6.08 -15.85 12.80
C GLY E 118 -5.43 -16.38 14.06
N ARG E 119 -4.45 -15.63 14.57
CA ARG E 119 -3.78 -15.97 15.82
C ARG E 119 -4.11 -14.93 16.88
N PHE E 120 -3.80 -15.27 18.12
CA PHE E 120 -4.02 -14.35 19.22
C PHE E 120 -2.75 -13.57 19.57
N HIS E 121 -2.95 -12.37 20.10
CA HIS E 121 -1.83 -11.55 20.54
C HIS E 121 -2.03 -11.03 21.97
N MET E 122 -0.93 -10.95 22.69
CA MET E 122 -0.91 -10.35 24.01
C MET E 122 -1.59 -8.98 23.99
N TYR E 123 -1.32 -8.19 22.94
CA TYR E 123 -1.82 -6.81 22.86
C TYR E 123 -3.35 -6.69 22.77
N GLU E 124 -4.02 -7.76 22.36
CA GLU E 124 -5.50 -7.74 22.32
C GLU E 124 -6.08 -7.85 23.72
N GLY E 125 -5.24 -8.27 24.67
CA GLY E 125 -5.65 -8.41 26.06
C GLY E 125 -5.68 -9.83 26.54
N TYR E 126 -5.34 -10.79 25.69
CA TYR E 126 -5.36 -12.20 26.06
C TYR E 126 -4.18 -12.53 26.94
N PRO E 127 -4.39 -13.31 28.00
CA PRO E 127 -3.25 -13.83 28.73
C PRO E 127 -2.48 -14.87 27.91
N LEU E 128 -1.21 -15.06 28.23
CA LEU E 128 -0.38 -15.94 27.42
C LEU E 128 -0.87 -17.37 27.40
N TYR E 129 -1.57 -17.81 28.44
CA TYR E 129 -2.08 -19.18 28.44
C TYR E 129 -3.28 -19.37 27.49
N LYS E 130 -3.88 -18.26 27.05
CA LYS E 130 -4.91 -18.31 26.00
C LYS E 130 -4.28 -18.19 24.63
N VAL E 131 -3.34 -17.26 24.51
CA VAL E 131 -2.60 -17.10 23.27
C VAL E 131 -2.05 -18.43 22.79
N THR E 132 -1.57 -19.24 23.74
CA THR E 132 -0.89 -20.48 23.39
C THR E 132 -1.75 -21.75 23.60
N PHE E 133 -3.00 -21.59 23.98
CA PHE E 133 -3.93 -22.73 24.17
C PHE E 133 -4.05 -23.70 22.96
N PRO E 134 -4.17 -23.15 21.75
CA PRO E 134 -4.22 -24.00 20.56
C PRO E 134 -3.03 -24.94 20.43
N VAL E 135 -1.84 -24.47 20.80
CA VAL E 135 -0.64 -25.29 20.62
C VAL E 135 -0.70 -26.57 21.42
N ARG E 136 -1.21 -26.50 22.64
CA ARG E 136 -1.31 -27.73 23.43
C ARG E 136 -2.40 -28.65 22.93
N VAL E 137 -3.44 -28.07 22.32
CA VAL E 137 -4.48 -28.86 21.70
C VAL E 137 -3.89 -29.67 20.55
N PHE E 138 -3.14 -28.99 19.68
CA PHE E 138 -2.48 -29.60 18.53
C PHE E 138 -1.65 -30.77 18.98
N HIS E 139 -0.86 -30.56 20.01
CA HIS E 139 -0.09 -31.63 20.58
C HIS E 139 -1.00 -32.83 20.86
N LEU E 140 -2.14 -32.59 21.51
CA LEU E 140 -3.04 -33.70 21.87
C LEU E 140 -3.75 -34.31 20.68
N LEU E 141 -3.85 -33.59 19.57
CA LEU E 141 -4.34 -34.16 18.32
C LEU E 141 -3.35 -35.15 17.71
N GLY E 142 -2.08 -35.04 18.07
CA GLY E 142 -1.05 -35.92 17.51
C GLY E 142 -0.03 -35.18 16.64
N VAL E 143 -0.24 -33.89 16.44
CA VAL E 143 0.75 -33.04 15.74
C VAL E 143 2.11 -33.19 16.41
N ASP E 144 3.15 -33.26 15.59
CA ASP E 144 4.52 -33.32 16.08
C ASP E 144 5.38 -32.20 15.51
N THR E 145 4.80 -31.32 14.70
CA THR E 145 5.56 -30.25 14.08
C THR E 145 4.73 -28.99 14.03
N LEU E 146 5.35 -27.85 14.33
CA LEU E 146 4.70 -26.54 14.29
C LEU E 146 5.48 -25.60 13.40
N VAL E 147 4.75 -25.00 12.47
CA VAL E 147 5.31 -24.00 11.61
C VAL E 147 4.65 -22.72 12.02
N VAL E 148 5.47 -21.70 12.28
CA VAL E 148 4.95 -20.40 12.63
C VAL E 148 5.32 -19.39 11.56
N THR E 149 4.40 -18.47 11.29
CA THR E 149 4.65 -17.39 10.36
C THR E 149 4.20 -16.08 10.93
N ASN E 150 4.86 -15.01 10.52
CA ASN E 150 4.42 -13.70 10.99
C ASN E 150 4.87 -12.61 10.07
N ALA E 151 4.29 -11.43 10.27
CA ALA E 151 4.68 -10.22 9.58
C ALA E 151 5.55 -9.41 10.53
N ALA E 152 6.76 -9.10 10.14
CA ALA E 152 7.65 -8.38 11.02
C ALA E 152 8.23 -7.14 10.36
N GLY E 153 8.71 -6.21 11.19
CA GLY E 153 9.48 -5.07 10.73
C GLY E 153 10.94 -5.46 10.71
N GLY E 154 11.67 -5.00 9.71
CA GLY E 154 13.06 -5.39 9.54
C GLY E 154 13.96 -4.40 10.24
N LEU E 155 14.92 -4.92 11.00
CA LEU E 155 15.90 -4.12 11.73
C LEU E 155 17.28 -4.26 11.13
N ASN E 156 17.55 -5.42 10.52
CA ASN E 156 18.82 -5.62 9.85
C ASN E 156 18.84 -4.77 8.59
N PRO E 157 19.84 -3.88 8.46
CA PRO E 157 19.86 -2.92 7.35
C PRO E 157 19.81 -3.57 5.98
N LYS E 158 20.38 -4.77 5.85
CA LYS E 158 20.41 -5.43 4.54
C LYS E 158 19.10 -6.11 4.15
N PHE E 159 18.10 -6.14 5.01
CA PHE E 159 16.80 -6.69 4.60
C PHE E 159 16.10 -5.71 3.69
N GLU E 160 15.11 -6.20 2.93
CA GLU E 160 14.24 -5.34 2.13
C GLU E 160 12.81 -5.79 2.30
N VAL E 161 11.88 -4.86 2.08
CA VAL E 161 10.46 -5.18 2.12
C VAL E 161 10.23 -6.36 1.17
N GLY E 162 9.43 -7.33 1.59
CA GLY E 162 9.18 -8.53 0.80
C GLY E 162 10.10 -9.69 1.13
N ASP E 163 11.25 -9.43 1.78
CA ASP E 163 12.15 -10.50 2.19
C ASP E 163 11.46 -11.52 3.07
N ILE E 164 12.00 -12.75 3.04
CA ILE E 164 11.60 -13.80 3.96
C ILE E 164 12.80 -14.06 4.84
N MET E 165 12.57 -14.01 6.16
CA MET E 165 13.58 -14.34 7.15
C MET E 165 13.23 -15.68 7.77
N LEU E 166 14.10 -16.65 7.53
CA LEU E 166 14.07 -17.90 8.25
C LEU E 166 14.47 -17.61 9.70
N ILE E 167 13.59 -17.96 10.64
CA ILE E 167 13.84 -17.67 12.06
C ILE E 167 14.90 -18.61 12.60
N ARG E 168 16.04 -18.04 12.92
CA ARG E 168 17.13 -18.76 13.54
C ARG E 168 16.98 -18.85 15.07
N ASP E 169 16.56 -17.75 15.68
CA ASP E 169 16.54 -17.62 17.14
C ASP E 169 15.60 -16.49 17.56
N HIS E 170 15.29 -16.42 18.85
CA HIS E 170 14.48 -15.30 19.32
C HIS E 170 14.95 -14.66 20.59
N ILE E 171 14.43 -13.47 20.84
CA ILE E 171 14.70 -12.73 22.06
C ILE E 171 13.31 -12.45 22.65
N ASN E 172 12.99 -13.08 23.78
CA ASN E 172 11.67 -12.93 24.41
C ASN E 172 11.69 -11.84 25.49
N LEU E 173 11.46 -10.60 25.09
CA LEU E 173 11.48 -9.48 26.02
C LEU E 173 10.36 -9.55 27.06
N PRO E 174 9.14 -9.87 26.64
CA PRO E 174 8.12 -10.08 27.68
C PRO E 174 8.52 -11.16 28.68
N GLY E 175 9.02 -12.30 28.19
CA GLY E 175 9.51 -13.39 29.05
C GLY E 175 10.56 -12.99 30.07
N PHE E 176 11.50 -12.13 29.70
CA PHE E 176 12.45 -11.61 30.70
C PHE E 176 11.72 -11.09 31.96
N SER E 177 10.58 -10.42 31.74
CA SER E 177 9.91 -9.67 32.80
C SER E 177 8.81 -10.41 33.56
N GLY E 178 8.43 -11.58 33.10
CA GLY E 178 7.41 -12.37 33.81
C GLY E 178 6.37 -12.94 32.89
N GLN E 179 6.23 -12.34 31.73
CA GLN E 179 5.22 -12.77 30.77
C GLN E 179 5.78 -13.92 29.91
N ASN E 180 5.64 -15.11 30.48
CA ASN E 180 6.08 -16.32 29.85
C ASN E 180 4.91 -17.28 29.99
N PRO E 181 4.50 -17.93 28.90
CA PRO E 181 3.29 -18.73 28.97
C PRO E 181 3.41 -19.96 29.88
N LEU E 182 4.61 -20.31 30.29
CA LEU E 182 4.81 -21.45 31.18
C LEU E 182 4.76 -21.06 32.65
N ARG E 183 4.55 -19.79 32.95
CA ARG E 183 4.45 -19.33 34.33
C ARG E 183 3.31 -20.03 35.04
N GLY E 184 3.58 -20.44 36.28
CA GLY E 184 2.63 -21.18 37.10
C GLY E 184 3.11 -22.60 37.34
N PRO E 185 2.26 -23.42 37.97
CA PRO E 185 2.57 -24.84 38.18
C PRO E 185 2.75 -25.58 36.87
N ASN E 186 3.78 -26.42 36.83
CA ASN E 186 4.12 -27.12 35.61
C ASN E 186 3.38 -28.43 35.57
N ASP E 187 2.81 -28.74 34.42
CA ASP E 187 2.14 -30.02 34.23
C ASP E 187 3.05 -30.96 33.45
N GLU E 188 3.56 -31.96 34.15
CA GLU E 188 4.50 -32.93 33.57
C GLU E 188 3.95 -33.81 32.43
N ARG E 189 2.63 -33.81 32.27
CA ARG E 189 2.02 -34.47 31.11
C ARG E 189 2.33 -33.73 29.81
N PHE E 190 2.63 -32.43 29.92
CA PHE E 190 3.08 -31.65 28.76
C PHE E 190 4.60 -31.59 28.63
N GLY E 191 5.32 -31.30 29.70
CA GLY E 191 6.77 -31.04 29.60
C GLY E 191 7.45 -30.81 30.94
N ASP E 192 8.75 -30.50 30.88
CA ASP E 192 9.54 -30.23 32.08
C ASP E 192 9.23 -28.84 32.67
N ARG E 193 9.63 -28.68 33.92
CA ARG E 193 9.56 -27.42 34.62
C ARG E 193 10.48 -26.41 33.92
N PHE E 194 11.67 -26.84 33.54
CA PHE E 194 12.68 -25.93 32.97
C PHE E 194 13.14 -26.37 31.59
N PRO E 195 12.33 -26.11 30.52
CA PRO E 195 12.74 -26.55 29.18
C PRO E 195 13.75 -25.63 28.52
N ALA E 196 14.70 -26.21 27.81
CA ALA E 196 15.72 -25.46 27.04
C ALA E 196 15.07 -24.84 25.82
N MET E 197 15.51 -23.64 25.46
CA MET E 197 15.03 -23.00 24.24
C MET E 197 16.15 -22.68 23.27
N SER E 198 17.38 -23.01 23.62
CA SER E 198 18.55 -22.67 22.78
C SER E 198 18.55 -23.36 21.40
N ASP E 199 17.88 -24.51 21.31
CA ASP E 199 17.74 -25.28 20.08
C ASP E 199 16.26 -25.28 19.58
N ALA E 200 15.55 -24.20 19.82
CA ALA E 200 14.13 -24.14 19.52
C ALA E 200 13.78 -24.23 18.03
N TYR E 201 14.61 -23.63 17.17
CA TYR E 201 14.31 -23.59 15.74
C TYR E 201 15.08 -24.72 15.06
N ASP E 202 14.33 -25.79 14.76
CA ASP E 202 14.89 -27.07 14.32
C ASP E 202 16.00 -26.91 13.29
N ARG E 203 17.18 -27.45 13.58
CA ARG E 203 18.33 -27.30 12.68
C ARG E 203 18.17 -28.05 11.35
N THR E 204 17.57 -29.23 11.39
CA THR E 204 17.33 -30.02 10.17
C THR E 204 16.44 -29.21 9.22
N MET E 205 15.33 -28.69 9.73
CA MET E 205 14.42 -27.94 8.87
C MET E 205 15.04 -26.68 8.32
N ARG E 206 15.97 -26.09 9.06
CA ARG E 206 16.69 -24.90 8.63
CA ARG E 206 16.61 -24.88 8.60
C ARG E 206 17.56 -25.21 7.42
N GLN E 207 18.35 -26.26 7.54
CA GLN E 207 19.24 -26.70 6.46
C GLN E 207 18.46 -27.05 5.18
N ARG E 208 17.36 -27.78 5.35
CA ARG E 208 16.50 -28.18 4.23
CA ARG E 208 16.52 -28.19 4.23
C ARG E 208 15.78 -27.00 3.63
N ALA E 209 15.45 -26.00 4.45
CA ALA E 209 14.81 -24.79 3.96
C ALA E 209 15.79 -23.95 3.13
N LEU E 210 17.02 -23.88 3.57
CA LEU E 210 18.03 -23.12 2.84
C LEU E 210 18.32 -23.79 1.51
N SER E 211 18.50 -25.10 1.56
CA SER E 211 18.68 -25.95 0.38
C SER E 211 17.49 -25.82 -0.59
N THR E 212 16.26 -26.00 -0.09
CA THR E 212 15.07 -25.87 -0.95
C THR E 212 14.96 -24.48 -1.63
N TYR E 213 15.33 -23.40 -0.93
CA TYR E 213 15.17 -22.04 -1.48
C TYR E 213 16.14 -21.73 -2.62
N LYS E 214 17.34 -22.30 -2.56
CA LYS E 214 18.32 -22.13 -3.63
C LYS E 214 17.78 -22.62 -4.98
N GLN E 215 16.81 -23.53 -4.91
CA GLN E 215 16.18 -24.09 -6.10
C GLN E 215 14.86 -23.40 -6.41
N MET E 216 14.80 -22.07 -6.27
CA MET E 216 13.63 -21.31 -6.75
C MET E 216 14.02 -20.11 -7.60
N GLY E 217 15.30 -20.02 -7.98
CA GLY E 217 15.81 -18.96 -8.82
C GLY E 217 15.39 -17.55 -8.43
N GLU E 218 14.97 -17.37 -7.17
CA GLU E 218 14.33 -16.14 -6.72
C GLU E 218 15.28 -14.96 -6.81
N GLN E 219 14.70 -13.79 -7.01
CA GLN E 219 15.46 -12.56 -7.09
C GLN E 219 16.31 -12.43 -5.83
N ARG E 220 15.66 -12.41 -4.66
CA ARG E 220 16.37 -12.25 -3.38
C ARG E 220 16.55 -13.57 -2.61
N GLU E 221 17.76 -13.77 -2.09
CA GLU E 221 18.10 -14.92 -1.25
C GLU E 221 17.33 -14.94 0.08
N LEU E 222 17.09 -16.16 0.59
CA LEU E 222 16.36 -16.35 1.85
C LEU E 222 17.18 -15.77 2.99
N GLN E 223 16.60 -14.80 3.71
CA GLN E 223 17.29 -14.21 4.85
C GLN E 223 17.24 -15.12 6.06
N GLU E 224 18.08 -14.84 7.03
CA GLU E 224 18.10 -15.62 8.24
C GLU E 224 18.45 -14.73 9.42
N GLY E 225 17.75 -14.88 10.54
CA GLY E 225 18.03 -14.03 11.69
C GLY E 225 17.18 -14.21 12.92
N THR E 226 17.39 -13.29 13.86
CA THR E 226 16.76 -13.36 15.19
C THR E 226 15.50 -12.52 15.23
N TYR E 227 14.39 -13.13 15.63
CA TYR E 227 13.14 -12.39 15.85
C TYR E 227 13.07 -11.91 17.32
N VAL E 228 12.78 -10.64 17.53
CA VAL E 228 12.54 -10.12 18.87
C VAL E 228 11.07 -9.81 19.02
N MET E 229 10.44 -10.35 20.07
CA MET E 229 9.05 -10.02 20.37
C MET E 229 8.95 -8.83 21.32
N VAL E 230 8.08 -7.87 20.98
CA VAL E 230 7.69 -6.80 21.88
C VAL E 230 6.20 -6.85 21.97
N ALA E 231 5.65 -6.34 23.07
CA ALA E 231 4.24 -6.53 23.34
C ALA E 231 3.34 -5.70 22.43
N GLY E 232 3.73 -4.45 22.16
CA GLY E 232 2.86 -3.51 21.45
C GLY E 232 1.69 -3.13 22.35
N PRO E 233 0.56 -2.66 21.76
CA PRO E 233 0.28 -2.51 20.33
C PRO E 233 0.88 -1.28 19.63
N SER E 234 1.25 -0.23 20.37
CA SER E 234 1.88 0.94 19.72
C SER E 234 3.15 0.49 19.01
N PHE E 235 3.53 1.17 17.93
CA PHE E 235 4.76 0.84 17.22
C PHE E 235 5.90 1.58 17.87
N GLU E 236 7.12 1.20 17.48
CA GLU E 236 8.31 1.54 18.22
C GLU E 236 8.80 2.91 17.82
N THR E 237 9.50 3.58 18.72
CA THR E 237 10.16 4.84 18.42
C THR E 237 11.49 4.55 17.77
N VAL E 238 12.16 5.60 17.30
CA VAL E 238 13.50 5.46 16.76
C VAL E 238 14.48 4.97 17.84
N ALA E 239 14.43 5.59 19.02
CA ALA E 239 15.31 5.17 20.12
C ALA E 239 15.10 3.70 20.48
N GLU E 240 13.84 3.25 20.45
CA GLU E 240 13.52 1.85 20.76
C GLU E 240 14.06 0.91 19.68
N CYS E 241 13.85 1.25 18.41
CA CYS E 241 14.39 0.46 17.31
C CYS E 241 15.89 0.33 17.39
N ARG E 242 16.59 1.39 17.78
CA ARG E 242 18.06 1.30 17.90
C ARG E 242 18.44 0.35 19.02
N VAL E 243 17.71 0.39 20.14
CA VAL E 243 17.88 -0.60 21.21
C VAL E 243 17.76 -2.04 20.69
N LEU E 244 16.68 -2.31 19.96
CA LEU E 244 16.46 -3.64 19.45
C LEU E 244 17.58 -4.10 18.55
N GLN E 245 18.10 -3.18 17.73
CA GLN E 245 19.20 -3.48 16.84
C GLN E 245 20.47 -3.79 17.59
N LYS E 246 20.83 -2.93 18.53
CA LYS E 246 22.01 -3.14 19.38
C LYS E 246 21.97 -4.46 20.14
N LEU E 247 20.76 -4.92 20.42
CA LEU E 247 20.57 -6.19 21.13
C LEU E 247 20.73 -7.38 20.20
N GLY E 248 20.90 -7.11 18.89
CA GLY E 248 21.16 -8.17 17.93
C GLY E 248 19.91 -8.78 17.34
N ALA E 249 18.79 -8.08 17.41
CA ALA E 249 17.58 -8.53 16.74
C ALA E 249 17.64 -8.13 15.26
N ASP E 250 17.18 -9.01 14.40
CA ASP E 250 17.06 -8.73 12.96
C ASP E 250 15.67 -8.29 12.53
N ALA E 251 14.64 -8.82 13.20
CA ALA E 251 13.27 -8.45 12.92
C ALA E 251 12.45 -8.37 14.21
N VAL E 252 11.41 -7.54 14.18
CA VAL E 252 10.63 -7.28 15.36
C VAL E 252 9.15 -7.43 15.05
N GLY E 253 8.43 -8.06 15.98
CA GLY E 253 6.99 -8.15 15.89
C GLY E 253 6.38 -8.44 17.26
N MET E 254 5.09 -8.77 17.26
CA MET E 254 4.30 -8.85 18.49
C MET E 254 3.66 -10.22 18.74
N SER E 255 4.29 -11.27 18.26
CA SER E 255 3.71 -12.59 18.39
C SER E 255 4.75 -13.68 18.39
N THR E 256 4.24 -14.90 18.27
CA THR E 256 5.03 -16.06 17.86
C THR E 256 5.85 -16.70 18.98
N VAL E 257 6.69 -15.91 19.65
CA VAL E 257 7.59 -16.46 20.67
C VAL E 257 6.82 -17.31 21.73
N PRO E 258 5.68 -16.83 22.23
CA PRO E 258 4.97 -17.64 23.24
C PRO E 258 4.57 -19.03 22.71
N GLU E 259 4.01 -19.06 21.50
CA GLU E 259 3.61 -20.30 20.85
C GLU E 259 4.81 -21.23 20.69
N VAL E 260 5.94 -20.68 20.29
CA VAL E 260 7.15 -21.50 20.16
C VAL E 260 7.56 -22.12 21.48
N ILE E 261 7.51 -21.33 22.54
CA ILE E 261 7.95 -21.82 23.85
C ILE E 261 7.07 -22.99 24.29
N VAL E 262 5.76 -22.83 24.16
CA VAL E 262 4.83 -23.89 24.57
C VAL E 262 4.97 -25.13 23.68
N ALA E 263 5.27 -24.91 22.39
CA ALA E 263 5.50 -26.01 21.46
C ALA E 263 6.73 -26.79 21.86
N ARG E 264 7.81 -26.07 22.14
CA ARG E 264 9.04 -26.75 22.55
C ARG E 264 8.88 -27.44 23.88
N HIS E 265 8.05 -26.88 24.76
CA HIS E 265 7.80 -27.48 26.06
C HIS E 265 7.14 -28.85 25.94
N CYS E 266 6.20 -29.00 25.00
CA CYS E 266 5.58 -30.31 24.80
C CYS E 266 6.23 -31.10 23.66
N GLY E 267 7.44 -30.69 23.25
CA GLY E 267 8.28 -31.50 22.39
C GLY E 267 7.98 -31.52 20.90
N LEU E 268 7.27 -30.53 20.40
CA LEU E 268 7.04 -30.41 18.97
C LEU E 268 8.27 -29.87 18.27
N ARG E 269 8.50 -30.35 17.06
CA ARG E 269 9.54 -29.77 16.20
C ARG E 269 9.01 -28.41 15.73
N VAL E 270 9.89 -27.41 15.63
CA VAL E 270 9.45 -26.06 15.30
C VAL E 270 10.36 -25.40 14.29
N PHE E 271 9.75 -24.74 13.32
CA PHE E 271 10.48 -23.77 12.50
C PHE E 271 9.47 -22.75 12.02
N GLY E 272 9.95 -21.65 11.48
CA GLY E 272 9.05 -20.63 11.01
C GLY E 272 9.71 -19.48 10.28
N PHE E 273 8.89 -18.53 9.85
CA PHE E 273 9.36 -17.44 9.02
C PHE E 273 8.70 -16.12 9.39
N SER E 274 9.45 -15.05 9.18
CA SER E 274 8.93 -13.70 9.23
C SER E 274 8.92 -13.14 7.81
N LEU E 275 7.82 -12.50 7.44
CA LEU E 275 7.77 -11.70 6.22
C LEU E 275 8.07 -10.24 6.57
N ILE E 276 9.13 -9.68 5.99
CA ILE E 276 9.53 -8.29 6.26
C ILE E 276 8.62 -7.30 5.52
N THR E 277 7.63 -6.77 6.22
CA THR E 277 6.60 -5.94 5.60
C THR E 277 6.94 -4.45 5.65
N ASN E 278 7.98 -4.11 6.39
CA ASN E 278 8.51 -2.75 6.38
C ASN E 278 9.91 -2.72 6.97
N LYS E 279 10.65 -1.66 6.66
CA LYS E 279 11.96 -1.42 7.25
C LYS E 279 11.79 -0.31 8.27
N VAL E 280 12.11 -0.61 9.53
CA VAL E 280 11.80 0.33 10.60
C VAL E 280 12.79 1.47 10.55
N ILE E 281 12.34 2.64 10.97
CA ILE E 281 13.14 3.85 10.85
C ILE E 281 14.15 3.90 12.01
N MET E 282 15.43 4.05 11.66
CA MET E 282 16.54 4.06 12.61
C MET E 282 17.18 5.44 12.73
N ASP E 283 16.63 6.43 12.03
CA ASP E 283 17.16 7.79 12.07
C ASP E 283 16.03 8.79 12.18
N TYR E 284 16.39 9.98 12.67
CA TYR E 284 15.42 11.07 12.74
C TYR E 284 15.33 11.79 11.38
N GLN E 301 1.91 -10.34 -2.91
CA GLN E 301 2.83 -11.06 -3.79
C GLN E 301 3.98 -11.72 -3.02
N ALA E 302 4.70 -10.94 -2.22
CA ALA E 302 5.71 -11.50 -1.31
C ALA E 302 5.05 -12.50 -0.38
N ALA E 303 3.83 -12.18 0.05
CA ALA E 303 3.03 -13.09 0.87
C ALA E 303 2.81 -14.42 0.15
N GLN E 304 2.32 -14.36 -1.09
CA GLN E 304 2.06 -15.57 -1.86
C GLN E 304 3.34 -16.37 -2.01
N LYS E 305 4.45 -15.67 -2.18
CA LYS E 305 5.76 -16.31 -2.30
C LYS E 305 6.13 -17.11 -1.05
N LEU E 306 5.87 -16.54 0.12
CA LEU E 306 6.06 -17.25 1.39
C LEU E 306 5.06 -18.39 1.55
N GLU E 307 3.79 -18.11 1.25
CA GLU E 307 2.76 -19.15 1.29
C GLU E 307 3.16 -20.35 0.43
N GLN E 308 3.68 -20.07 -0.77
CA GLN E 308 4.11 -21.14 -1.67
C GLN E 308 5.33 -21.88 -1.11
N PHE E 309 6.29 -21.13 -0.56
CA PHE E 309 7.52 -21.75 -0.05
C PHE E 309 7.22 -22.70 1.10
N VAL E 310 6.27 -22.31 1.95
CA VAL E 310 5.83 -23.15 3.06
C VAL E 310 5.21 -24.43 2.52
N SER E 311 4.37 -24.27 1.49
CA SER E 311 3.68 -25.38 0.86
C SER E 311 4.68 -26.39 0.30
N ILE E 312 5.68 -25.87 -0.39
CA ILE E 312 6.75 -26.71 -0.93
C ILE E 312 7.43 -27.51 0.19
N LEU E 313 7.79 -26.81 1.27
CA LEU E 313 8.59 -27.42 2.34
C LEU E 313 7.93 -28.57 3.08
N MET E 314 6.60 -28.67 3.03
CA MET E 314 5.90 -29.80 3.65
C MET E 314 6.57 -31.12 3.30
N ALA E 315 7.00 -31.25 2.04
CA ALA E 315 7.70 -32.44 1.54
C ALA E 315 8.96 -32.75 2.32
N SER E 316 9.66 -31.71 2.77
CA SER E 316 10.91 -31.87 3.53
C SER E 316 10.75 -32.17 5.03
N ILE E 317 9.53 -32.07 5.55
CA ILE E 317 9.29 -32.31 6.97
C ILE E 317 9.41 -33.81 7.22
N PRO E 318 10.25 -34.23 8.21
CA PRO E 318 10.39 -35.66 8.49
C PRO E 318 9.06 -36.32 8.77
N LEU E 319 9.02 -37.65 8.64
CA LEU E 319 7.79 -38.41 8.86
C LEU E 319 7.68 -38.86 10.31
N PRO E 320 6.43 -39.09 10.80
CA PRO E 320 6.20 -39.66 12.13
C PRO E 320 7.01 -40.94 12.38
N GLY F 39 -1.33 -7.45 49.38
CA GLY F 39 -1.86 -8.72 49.96
C GLY F 39 -1.74 -8.78 51.48
N TYR F 40 -0.53 -8.68 52.02
CA TYR F 40 -0.31 -8.79 53.46
C TYR F 40 -0.34 -7.44 54.13
N THR F 41 -0.84 -7.39 55.36
CA THR F 41 -0.75 -6.16 56.15
C THR F 41 0.47 -6.26 57.08
N TYR F 42 0.82 -5.13 57.67
CA TYR F 42 1.89 -5.08 58.64
C TYR F 42 1.63 -6.08 59.75
N GLU F 43 0.39 -6.10 60.19
CA GLU F 43 -0.01 -6.98 61.24
C GLU F 43 0.19 -8.45 60.87
N ASP F 44 -0.02 -8.82 59.60
CA ASP F 44 0.18 -10.21 59.19
C ASP F 44 1.64 -10.58 59.42
N TYR F 45 2.57 -9.71 58.99
CA TYR F 45 3.98 -9.98 59.16
C TYR F 45 4.25 -10.10 60.64
N LYS F 46 3.68 -9.20 61.43
CA LYS F 46 3.96 -9.21 62.87
C LYS F 46 3.47 -10.46 63.59
N ASN F 47 2.29 -10.94 63.22
CA ASN F 47 1.72 -12.16 63.82
C ASN F 47 2.61 -13.37 63.52
N THR F 48 3.08 -13.46 62.28
CA THR F 48 3.93 -14.57 61.88
C THR F 48 5.19 -14.52 62.72
N ALA F 49 5.79 -13.33 62.81
CA ALA F 49 6.99 -13.17 63.61
C ALA F 49 6.78 -13.54 65.08
N GLU F 50 5.65 -13.16 65.65
CA GLU F 50 5.32 -13.46 67.08
C GLU F 50 5.05 -14.94 67.29
N TYR F 51 4.45 -15.60 66.32
CA TYR F 51 4.33 -17.04 66.39
C TYR F 51 5.72 -17.64 66.58
N LEU F 52 6.65 -17.27 65.69
CA LEU F 52 7.97 -17.86 65.68
C LEU F 52 8.66 -17.58 66.99
N LEU F 53 8.61 -16.33 67.43
CA LEU F 53 9.35 -15.90 68.62
C LEU F 53 8.89 -16.59 69.90
N SER F 54 7.62 -16.97 69.93
CA SER F 54 7.05 -17.66 71.09
C SER F 54 7.17 -19.17 70.96
N HIS F 55 7.56 -19.69 69.80
CA HIS F 55 7.77 -21.10 69.63
C HIS F 55 9.25 -21.53 69.60
N THR F 56 10.16 -20.56 69.64
CA THR F 56 11.58 -20.88 69.72
C THR F 56 12.30 -19.90 70.59
N LYS F 57 13.33 -20.35 71.28
CA LYS F 57 14.15 -19.45 72.04
C LYS F 57 15.35 -18.96 71.22
N HIS F 58 15.49 -19.44 70.00
CA HIS F 58 16.50 -18.90 69.09
C HIS F 58 16.16 -17.46 68.72
N ARG F 59 17.21 -16.64 68.72
CA ARG F 59 17.09 -15.25 68.35
C ARG F 59 18.12 -14.93 67.25
N PRO F 60 17.78 -15.20 65.99
CA PRO F 60 18.78 -15.10 64.94
C PRO F 60 19.17 -13.66 64.58
N GLN F 61 20.46 -13.42 64.33
CA GLN F 61 20.93 -12.13 63.84
C GLN F 61 20.96 -12.14 62.32
N VAL F 62 21.10 -13.32 61.75
CA VAL F 62 21.36 -13.46 60.32
C VAL F 62 20.37 -14.45 59.73
N ALA F 63 19.76 -14.10 58.61
CA ALA F 63 18.93 -15.00 57.86
C ALA F 63 19.66 -15.38 56.60
N ILE F 64 19.56 -16.65 56.23
CA ILE F 64 20.20 -17.16 55.02
C ILE F 64 19.21 -17.88 54.16
N ILE F 65 19.09 -17.45 52.91
CA ILE F 65 18.28 -18.13 51.92
C ILE F 65 19.15 -19.06 51.09
N CYS F 66 18.90 -20.36 51.20
CA CYS F 66 19.61 -21.40 50.47
C CYS F 66 19.01 -21.52 49.10
N GLY F 67 19.82 -21.35 48.07
CA GLY F 67 19.37 -21.62 46.70
C GLY F 67 19.34 -23.08 46.34
N SER F 68 18.98 -23.35 45.09
CA SER F 68 18.92 -24.73 44.57
C SER F 68 20.23 -25.46 44.70
N GLY F 69 20.17 -26.66 45.28
CA GLY F 69 21.34 -27.49 45.50
C GLY F 69 22.13 -27.11 46.74
N LEU F 70 21.66 -26.09 47.47
CA LEU F 70 22.41 -25.59 48.62
C LEU F 70 21.74 -25.82 49.97
N GLY F 71 20.69 -26.65 49.99
CA GLY F 71 20.08 -27.06 51.25
C GLY F 71 21.04 -27.68 52.25
N GLY F 72 22.09 -28.33 51.74
CA GLY F 72 23.23 -28.82 52.55
C GLY F 72 23.82 -27.87 53.58
N LEU F 73 23.56 -26.58 53.41
CA LEU F 73 24.01 -25.61 54.39
C LEU F 73 23.34 -25.81 55.75
N THR F 74 22.12 -26.35 55.76
CA THR F 74 21.44 -26.65 57.03
C THR F 74 22.14 -27.74 57.82
N ASP F 75 22.93 -28.59 57.16
CA ASP F 75 23.72 -29.60 57.89
C ASP F 75 24.72 -28.99 58.87
N LYS F 76 25.11 -27.74 58.62
CA LYS F 76 26.19 -27.13 59.40
C LYS F 76 25.69 -26.38 60.61
N LEU F 77 24.36 -26.25 60.73
CA LEU F 77 23.79 -25.66 61.93
C LEU F 77 23.96 -26.60 63.09
N THR F 78 24.17 -26.03 64.28
CA THR F 78 24.01 -26.75 65.53
C THR F 78 22.67 -26.34 66.23
N GLN F 79 22.20 -27.20 67.12
CA GLN F 79 21.04 -26.89 67.94
C GLN F 79 19.80 -26.58 67.13
N ALA F 80 19.59 -27.34 66.07
CA ALA F 80 18.61 -27.03 65.05
C ALA F 80 17.17 -27.17 65.56
N GLN F 81 16.37 -26.13 65.29
CA GLN F 81 14.95 -26.20 65.47
C GLN F 81 14.29 -25.93 64.12
N ILE F 82 13.36 -26.79 63.75
CA ILE F 82 12.73 -26.79 62.44
C ILE F 82 11.26 -26.33 62.50
N PHE F 83 10.86 -25.49 61.54
CA PHE F 83 9.46 -25.18 61.28
C PHE F 83 9.15 -25.43 59.83
N ASP F 84 8.26 -26.36 59.52
CA ASP F 84 7.81 -26.54 58.14
C ASP F 84 6.98 -25.32 57.76
N TYR F 85 7.10 -24.85 56.53
CA TYR F 85 6.35 -23.70 56.08
C TYR F 85 4.86 -23.85 56.37
N SER F 86 4.33 -25.06 56.24
CA SER F 86 2.89 -25.35 56.47
C SER F 86 2.40 -25.15 57.91
N GLU F 87 3.29 -25.14 58.89
CA GLU F 87 2.91 -24.85 60.27
C GLU F 87 3.11 -23.38 60.64
N ILE F 88 3.47 -22.52 59.70
CA ILE F 88 3.73 -21.13 60.04
C ILE F 88 2.60 -20.30 59.47
N PRO F 89 1.87 -19.55 60.32
CA PRO F 89 0.80 -18.68 59.87
C PRO F 89 1.24 -17.69 58.80
N ASN F 90 0.45 -17.59 57.74
CA ASN F 90 0.65 -16.64 56.64
C ASN F 90 1.76 -17.02 55.67
N PHE F 91 2.56 -18.03 55.98
CA PHE F 91 3.64 -18.39 55.07
C PHE F 91 3.09 -18.93 53.76
N PRO F 92 3.64 -18.49 52.62
CA PRO F 92 3.29 -19.21 51.39
C PRO F 92 3.70 -20.68 51.48
N ARG F 93 2.97 -21.55 50.83
CA ARG F 93 3.31 -22.97 50.83
C ARG F 93 3.40 -23.43 49.40
N SER F 94 4.33 -24.34 49.13
CA SER F 94 4.45 -25.02 47.82
C SER F 94 3.31 -26.00 47.69
N THR F 95 2.29 -25.67 46.87
CA THR F 95 1.10 -26.52 46.73
C THR F 95 1.43 -27.86 46.07
N VAL F 96 2.40 -27.84 45.16
CA VAL F 96 2.88 -29.05 44.47
C VAL F 96 3.50 -30.03 45.48
N PRO F 97 3.00 -31.28 45.52
CA PRO F 97 3.60 -32.31 46.39
C PRO F 97 5.10 -32.52 46.20
N GLY F 98 5.70 -33.33 47.05
CA GLY F 98 7.13 -33.58 47.01
C GLY F 98 7.91 -32.59 47.85
N HIS F 99 8.00 -31.34 47.38
CA HIS F 99 8.87 -30.31 48.00
C HIS F 99 8.20 -29.42 49.07
N ALA F 100 8.26 -29.88 50.31
CA ALA F 100 7.80 -29.11 51.47
C ALA F 100 8.96 -28.28 52.05
N GLY F 101 8.74 -26.98 52.19
CA GLY F 101 9.78 -26.09 52.69
C GLY F 101 9.78 -25.97 54.20
N ARG F 102 10.90 -25.49 54.71
CA ARG F 102 11.04 -25.23 56.14
C ARG F 102 12.04 -24.12 56.45
N LEU F 103 11.88 -23.54 57.63
CA LEU F 103 12.87 -22.70 58.30
C LEU F 103 13.59 -23.53 59.31
N VAL F 104 14.91 -23.33 59.38
CA VAL F 104 15.72 -23.98 60.39
C VAL F 104 16.50 -22.95 61.17
N PHE F 105 16.25 -22.93 62.47
CA PHE F 105 16.93 -22.00 63.38
C PHE F 105 18.04 -22.75 64.07
N GLY F 106 19.17 -22.09 64.27
CA GLY F 106 20.30 -22.72 64.89
C GLY F 106 21.47 -21.77 64.94
N PHE F 107 22.66 -22.31 65.15
CA PHE F 107 23.89 -21.54 65.19
C PHE F 107 24.75 -22.01 64.00
N LEU F 108 25.24 -21.06 63.21
CA LEU F 108 26.19 -21.37 62.13
C LEU F 108 27.50 -20.76 62.53
N ASN F 109 28.48 -21.63 62.82
CA ASN F 109 29.79 -21.21 63.23
C ASN F 109 29.67 -20.21 64.37
N GLY F 110 28.88 -20.58 65.37
CA GLY F 110 28.72 -19.75 66.55
C GLY F 110 27.75 -18.60 66.41
N ARG F 111 27.28 -18.31 65.20
CA ARG F 111 26.39 -17.18 64.98
C ARG F 111 24.94 -17.58 64.89
N ALA F 112 24.06 -16.89 65.61
CA ALA F 112 22.62 -17.23 65.62
C ALA F 112 22.00 -16.92 64.25
N CYS F 113 21.38 -17.91 63.64
CA CYS F 113 20.75 -17.65 62.37
C CYS F 113 19.54 -18.50 62.05
N VAL F 114 18.88 -18.12 60.98
CA VAL F 114 17.74 -18.84 60.49
C VAL F 114 17.97 -19.03 59.01
N MET F 115 17.74 -20.25 58.56
CA MET F 115 17.87 -20.62 57.16
C MET F 115 16.54 -20.96 56.54
N MET F 116 16.30 -20.45 55.34
CA MET F 116 15.22 -20.86 54.44
C MET F 116 15.69 -21.95 53.56
N GLN F 117 15.09 -23.12 53.72
CA GLN F 117 15.36 -24.24 52.89
C GLN F 117 14.09 -24.44 52.05
N GLY F 118 14.20 -24.03 50.79
CA GLY F 118 13.07 -23.93 49.88
C GLY F 118 12.75 -22.46 49.77
N ARG F 119 12.84 -21.90 48.58
CA ARG F 119 12.57 -20.47 48.39
C ARG F 119 11.54 -20.34 47.30
N PHE F 120 10.89 -19.18 47.21
CA PHE F 120 9.81 -18.99 46.26
C PHE F 120 10.26 -18.21 45.05
N HIS F 121 9.69 -18.57 43.89
CA HIS F 121 10.09 -17.99 42.62
C HIS F 121 8.88 -17.49 41.92
N MET F 122 9.08 -16.39 41.24
CA MET F 122 8.09 -15.80 40.38
C MET F 122 7.53 -16.83 39.38
N TYR F 123 8.42 -17.63 38.76
CA TYR F 123 7.98 -18.58 37.75
C TYR F 123 6.99 -19.64 38.25
N GLU F 124 6.92 -19.88 39.55
CA GLU F 124 5.96 -20.85 40.12
C GLU F 124 4.55 -20.24 40.14
N GLY F 125 4.47 -18.93 39.98
CA GLY F 125 3.19 -18.25 39.97
C GLY F 125 2.97 -17.37 41.18
N TYR F 126 3.90 -17.40 42.13
CA TYR F 126 3.83 -16.51 43.28
C TYR F 126 3.97 -15.08 42.86
N PRO F 127 3.08 -14.23 43.36
CA PRO F 127 3.35 -12.81 43.25
C PRO F 127 4.52 -12.44 44.15
N LEU F 128 5.19 -11.34 43.80
CA LEU F 128 6.40 -10.93 44.49
C LEU F 128 6.22 -10.67 45.98
N TYR F 129 5.05 -10.20 46.41
CA TYR F 129 4.85 -9.97 47.82
C TYR F 129 4.78 -11.28 48.62
N LYS F 130 4.52 -12.41 47.94
CA LYS F 130 4.67 -13.72 48.59
C LYS F 130 6.08 -14.23 48.50
N VAL F 131 6.72 -13.99 47.37
CA VAL F 131 8.11 -14.36 47.22
C VAL F 131 8.90 -13.77 48.35
N THR F 132 8.65 -12.51 48.68
CA THR F 132 9.50 -11.78 49.64
C THR F 132 8.96 -11.68 51.07
N PHE F 133 7.79 -12.26 51.32
CA PHE F 133 7.15 -12.25 52.65
C PHE F 133 8.11 -12.63 53.74
N PRO F 134 8.89 -13.71 53.56
CA PRO F 134 9.75 -14.13 54.66
C PRO F 134 10.78 -13.11 55.09
N VAL F 135 11.26 -12.30 54.14
CA VAL F 135 12.29 -11.32 54.47
C VAL F 135 11.76 -10.30 55.49
N ARG F 136 10.57 -9.80 55.27
CA ARG F 136 9.99 -8.89 56.26
C ARG F 136 9.73 -9.56 57.58
N VAL F 137 9.42 -10.84 57.56
CA VAL F 137 9.29 -11.59 58.80
C VAL F 137 10.60 -11.61 59.54
N PHE F 138 11.67 -11.95 58.82
CA PHE F 138 13.00 -11.99 59.43
C PHE F 138 13.39 -10.70 60.10
N HIS F 139 13.07 -9.59 59.44
CA HIS F 139 13.33 -8.25 60.04
C HIS F 139 12.58 -8.12 61.37
N LEU F 140 11.31 -8.46 61.39
CA LEU F 140 10.52 -8.38 62.61
C LEU F 140 10.99 -9.38 63.68
N LEU F 141 11.69 -10.46 63.27
CA LEU F 141 12.37 -11.33 64.21
C LEU F 141 13.52 -10.68 64.92
N GLY F 142 14.11 -9.64 64.33
CA GLY F 142 15.31 -9.03 64.87
C GLY F 142 16.56 -9.28 64.06
N VAL F 143 16.43 -9.93 62.91
CA VAL F 143 17.57 -10.19 61.99
C VAL F 143 18.05 -8.89 61.37
N ASP F 144 19.36 -8.68 61.32
CA ASP F 144 19.91 -7.44 60.72
C ASP F 144 20.74 -7.69 59.43
N THR F 145 20.90 -8.96 59.10
CA THR F 145 21.72 -9.39 57.95
C THR F 145 21.02 -10.50 57.19
N LEU F 146 20.91 -10.33 55.90
CA LEU F 146 20.42 -11.34 54.98
C LEU F 146 21.53 -11.79 54.05
N VAL F 147 21.76 -13.10 54.03
CA VAL F 147 22.64 -13.75 53.07
C VAL F 147 21.78 -14.45 52.02
N VAL F 148 22.03 -14.11 50.76
CA VAL F 148 21.33 -14.73 49.64
C VAL F 148 22.27 -15.61 48.87
N THR F 149 21.83 -16.84 48.60
CA THR F 149 22.56 -17.73 47.69
C THR F 149 21.64 -18.17 46.59
N ASN F 150 22.23 -18.49 45.44
CA ASN F 150 21.49 -19.04 44.32
C ASN F 150 22.40 -19.84 43.40
N ALA F 151 21.77 -20.52 42.45
CA ALA F 151 22.45 -21.25 41.42
C ALA F 151 22.23 -20.46 40.14
N ALA F 152 23.28 -20.22 39.37
CA ALA F 152 23.18 -19.34 38.18
C ALA F 152 23.97 -19.82 36.97
N GLY F 153 23.56 -19.33 35.81
CA GLY F 153 24.22 -19.59 34.53
C GLY F 153 25.31 -18.55 34.33
N GLY F 154 26.53 -19.00 34.08
CA GLY F 154 27.67 -18.08 33.85
C GLY F 154 27.49 -17.43 32.52
N LEU F 155 27.54 -16.12 32.49
CA LEU F 155 27.55 -15.39 31.22
C LEU F 155 28.93 -14.85 30.92
N ASN F 156 29.73 -14.63 31.94
CA ASN F 156 31.08 -14.10 31.76
C ASN F 156 31.98 -15.23 31.23
N PRO F 157 32.64 -15.02 30.07
CA PRO F 157 33.43 -16.11 29.48
C PRO F 157 34.48 -16.70 30.41
N LYS F 158 35.02 -15.92 31.35
CA LYS F 158 36.09 -16.46 32.18
C LYS F 158 35.58 -17.32 33.33
N PHE F 159 34.26 -17.38 33.52
CA PHE F 159 33.70 -18.19 34.61
C PHE F 159 33.69 -19.65 34.17
N GLU F 160 33.89 -20.57 35.12
CA GLU F 160 33.74 -22.01 34.85
C GLU F 160 32.71 -22.60 35.79
N VAL F 161 32.07 -23.69 35.37
CA VAL F 161 31.16 -24.44 36.26
C VAL F 161 31.86 -24.71 37.58
N GLY F 162 31.13 -24.52 38.68
CA GLY F 162 31.68 -24.69 40.04
C GLY F 162 32.27 -23.43 40.62
N ASP F 163 32.46 -22.39 39.80
CA ASP F 163 32.87 -21.09 40.35
C ASP F 163 31.81 -20.50 41.29
N ILE F 164 32.30 -19.73 42.24
CA ILE F 164 31.49 -18.95 43.16
C ILE F 164 31.64 -17.53 42.73
N MET F 165 30.51 -16.84 42.54
CA MET F 165 30.54 -15.41 42.20
C MET F 165 29.98 -14.61 43.38
N LEU F 166 30.83 -13.80 44.00
CA LEU F 166 30.40 -12.80 44.94
C LEU F 166 29.57 -11.81 44.17
N ILE F 167 28.34 -11.56 44.62
CA ILE F 167 27.43 -10.67 43.93
C ILE F 167 27.79 -9.24 44.33
N ARG F 168 28.16 -8.47 43.32
CA ARG F 168 28.50 -7.08 43.49
C ARG F 168 27.31 -6.18 43.23
N ASP F 169 26.43 -6.59 42.32
CA ASP F 169 25.33 -5.76 41.88
C ASP F 169 24.32 -6.60 41.14
N HIS F 170 23.17 -6.04 40.81
CA HIS F 170 22.21 -6.79 40.02
C HIS F 170 21.55 -5.94 38.98
N ILE F 171 20.86 -6.61 38.07
CA ILE F 171 20.01 -5.95 37.11
C ILE F 171 18.64 -6.61 37.18
N ASN F 172 17.63 -5.82 37.54
CA ASN F 172 16.28 -6.35 37.81
C ASN F 172 15.39 -6.20 36.60
N LEU F 173 15.46 -7.13 35.66
CA LEU F 173 14.69 -6.96 34.41
C LEU F 173 13.18 -7.00 34.74
N PRO F 174 12.72 -7.92 35.59
CA PRO F 174 11.26 -7.83 35.87
C PRO F 174 10.88 -6.50 36.47
N GLY F 175 11.74 -5.99 37.35
CA GLY F 175 11.53 -4.68 37.97
C GLY F 175 11.39 -3.49 37.01
N PHE F 176 12.19 -3.42 35.96
CA PHE F 176 12.01 -2.39 34.93
C PHE F 176 10.56 -2.29 34.42
N SER F 177 9.89 -3.43 34.30
CA SER F 177 8.60 -3.51 33.66
C SER F 177 7.40 -3.43 34.58
N GLY F 178 7.61 -3.45 35.87
CA GLY F 178 6.51 -3.37 36.81
C GLY F 178 6.57 -4.40 37.91
N GLN F 179 7.31 -5.48 37.70
CA GLN F 179 7.37 -6.55 38.69
C GLN F 179 8.43 -6.23 39.72
N ASN F 180 8.05 -5.32 40.61
CA ASN F 180 8.86 -4.91 41.72
C ASN F 180 8.06 -5.22 42.97
N PRO F 181 8.68 -5.82 43.98
CA PRO F 181 7.94 -6.25 45.17
C PRO F 181 7.41 -5.10 46.00
N LEU F 182 7.93 -3.88 45.80
CA LEU F 182 7.48 -2.70 46.56
C LEU F 182 6.34 -1.98 45.91
N ARG F 183 5.97 -2.40 44.71
CA ARG F 183 4.90 -1.72 43.97
C ARG F 183 3.58 -1.76 44.77
N GLY F 184 2.85 -0.67 44.79
CA GLY F 184 1.70 -0.51 45.66
C GLY F 184 1.99 0.48 46.75
N PRO F 185 1.05 0.63 47.71
CA PRO F 185 1.23 1.54 48.82
C PRO F 185 2.46 1.21 49.63
N ASN F 186 3.19 2.23 50.06
CA ASN F 186 4.33 1.97 50.91
C ASN F 186 3.90 1.94 52.37
N ASP F 187 4.60 1.15 53.18
CA ASP F 187 4.44 1.13 54.61
C ASP F 187 5.72 1.62 55.24
N GLU F 188 5.68 2.74 55.98
CA GLU F 188 6.90 3.37 56.53
C GLU F 188 7.37 2.70 57.79
N ARG F 189 6.57 1.79 58.34
CA ARG F 189 7.10 0.88 59.39
C ARG F 189 8.19 -0.03 58.82
N PHE F 190 8.18 -0.30 57.51
CA PHE F 190 9.26 -1.04 56.88
C PHE F 190 10.34 -0.14 56.27
N GLY F 191 9.96 0.84 55.47
CA GLY F 191 10.94 1.75 54.91
C GLY F 191 10.34 2.83 54.03
N ASP F 192 11.20 3.43 53.21
CA ASP F 192 10.88 4.60 52.43
C ASP F 192 10.11 4.25 51.16
N ARG F 193 9.41 5.22 50.60
CA ARG F 193 8.68 5.06 49.33
C ARG F 193 9.64 4.74 48.18
N PHE F 194 10.78 5.44 48.13
CA PHE F 194 11.72 5.31 47.00
C PHE F 194 13.10 4.93 47.56
N PRO F 195 13.28 3.66 48.00
CA PRO F 195 14.56 3.29 48.54
C PRO F 195 15.63 3.13 47.45
N ALA F 196 16.85 3.53 47.79
CA ALA F 196 18.03 3.37 46.91
C ALA F 196 18.54 1.93 46.95
N MET F 197 19.03 1.47 45.80
CA MET F 197 19.58 0.14 45.64
C MET F 197 21.05 0.12 45.19
N SER F 198 21.63 1.29 44.98
CA SER F 198 22.99 1.39 44.44
C SER F 198 24.02 0.86 45.41
N ASP F 199 23.70 0.86 46.68
CA ASP F 199 24.59 0.27 47.70
C ASP F 199 24.02 -1.04 48.33
N ALA F 200 23.25 -1.81 47.55
CA ALA F 200 22.55 -3.02 48.06
C ALA F 200 23.48 -4.06 48.63
N TYR F 201 24.63 -4.28 47.97
CA TYR F 201 25.51 -5.38 48.35
C TYR F 201 26.65 -4.82 49.17
N ASP F 202 26.60 -5.17 50.46
CA ASP F 202 27.39 -4.53 51.48
C ASP F 202 28.90 -4.56 51.20
N ARG F 203 29.50 -3.37 51.20
CA ARG F 203 30.91 -3.18 50.82
C ARG F 203 31.84 -3.84 51.82
N THR F 204 31.55 -3.68 53.10
CA THR F 204 32.37 -4.31 54.13
C THR F 204 32.42 -5.81 53.98
N MET F 205 31.27 -6.46 53.75
CA MET F 205 31.25 -7.91 53.62
C MET F 205 31.95 -8.36 52.35
N ARG F 206 31.87 -7.53 51.30
CA ARG F 206 32.59 -7.82 50.05
CA ARG F 206 32.55 -7.91 50.08
C ARG F 206 34.08 -7.92 50.30
N GLN F 207 34.63 -6.87 50.94
CA GLN F 207 36.06 -6.84 51.28
C GLN F 207 36.44 -8.02 52.15
N ARG F 208 35.67 -8.30 53.20
CA ARG F 208 36.01 -9.41 54.07
C ARG F 208 35.96 -10.76 53.39
N ALA F 209 35.02 -10.92 52.47
CA ALA F 209 34.89 -12.14 51.71
C ALA F 209 36.09 -12.34 50.78
N LEU F 210 36.47 -11.31 50.02
CA LEU F 210 37.65 -11.42 49.11
C LEU F 210 38.88 -11.72 49.95
N SER F 211 39.03 -11.00 51.03
CA SER F 211 40.16 -11.19 51.92
C SER F 211 40.18 -12.60 52.54
N THR F 212 39.04 -13.08 53.03
CA THR F 212 38.97 -14.44 53.60
C THR F 212 39.31 -15.48 52.54
N TYR F 213 38.87 -15.27 51.31
CA TYR F 213 39.09 -16.26 50.25
C TYR F 213 40.57 -16.31 49.76
N LYS F 214 41.29 -15.19 49.78
CA LYS F 214 42.72 -15.20 49.39
C LYS F 214 43.50 -16.18 50.27
N GLN F 215 43.08 -16.35 51.52
CA GLN F 215 43.74 -17.26 52.46
C GLN F 215 43.36 -18.73 52.31
N MET F 216 42.47 -19.08 51.40
CA MET F 216 41.94 -20.45 51.31
C MET F 216 42.69 -21.39 50.37
N GLY F 217 43.66 -20.87 49.61
CA GLY F 217 44.53 -21.75 48.83
C GLY F 217 43.81 -22.41 47.69
N GLU F 218 42.83 -21.71 47.12
CA GLU F 218 42.02 -22.26 46.06
C GLU F 218 42.69 -22.06 44.70
N GLN F 219 42.58 -23.04 43.82
CA GLN F 219 43.10 -22.93 42.44
C GLN F 219 42.36 -21.90 41.58
N ARG F 220 41.04 -21.80 41.73
CA ARG F 220 40.25 -20.77 41.05
C ARG F 220 39.97 -19.61 42.00
N GLU F 221 39.90 -18.41 41.46
CA GLU F 221 39.61 -17.22 42.25
C GLU F 221 38.15 -17.13 42.64
N LEU F 222 37.87 -16.40 43.71
CA LEU F 222 36.51 -15.92 43.96
C LEU F 222 36.16 -14.88 42.89
N GLN F 223 35.23 -15.26 42.04
CA GLN F 223 34.69 -14.36 41.07
C GLN F 223 33.78 -13.31 41.71
N GLU F 224 33.50 -12.29 40.94
CA GLU F 224 32.71 -11.15 41.40
C GLU F 224 32.02 -10.53 40.17
N GLY F 225 30.82 -10.02 40.37
CA GLY F 225 30.06 -9.54 39.24
C GLY F 225 28.58 -9.31 39.47
N THR F 226 27.90 -9.07 38.35
CA THR F 226 26.55 -8.62 38.33
C THR F 226 25.62 -9.79 38.00
N TYR F 227 24.60 -9.93 38.84
CA TYR F 227 23.54 -10.95 38.66
C TYR F 227 22.37 -10.32 38.01
N VAL F 228 21.86 -10.95 36.96
CA VAL F 228 20.67 -10.45 36.29
C VAL F 228 19.57 -11.45 36.55
N MET F 229 18.39 -10.96 36.93
CA MET F 229 17.23 -11.82 37.11
C MET F 229 16.38 -11.80 35.85
N VAL F 230 16.03 -12.96 35.36
CA VAL F 230 14.97 -13.11 34.37
C VAL F 230 13.90 -13.97 35.03
N ALA F 231 12.65 -13.92 34.58
CA ALA F 231 11.56 -14.58 35.30
C ALA F 231 11.57 -16.09 35.15
N GLY F 232 11.96 -16.57 33.98
CA GLY F 232 11.93 -18.02 33.68
C GLY F 232 10.51 -18.41 33.33
N PRO F 233 10.18 -19.72 33.42
CA PRO F 233 11.00 -20.84 33.85
C PRO F 233 11.83 -21.45 32.72
N SER F 234 11.43 -21.21 31.48
CA SER F 234 12.16 -21.77 30.37
C SER F 234 13.57 -21.14 30.28
N PHE F 235 14.53 -21.90 29.82
CA PHE F 235 15.90 -21.43 29.76
C PHE F 235 16.15 -20.53 28.55
N GLU F 236 17.28 -19.86 28.58
CA GLU F 236 17.52 -18.75 27.67
C GLU F 236 17.95 -19.25 26.31
N THR F 237 17.57 -18.53 25.26
CA THR F 237 18.10 -18.80 23.95
C THR F 237 19.49 -18.20 23.86
N VAL F 238 20.21 -18.56 22.80
CA VAL F 238 21.58 -18.04 22.60
C VAL F 238 21.51 -16.54 22.41
N ALA F 239 20.60 -16.09 21.56
CA ALA F 239 20.43 -14.65 21.33
C ALA F 239 20.09 -13.88 22.65
N GLU F 240 19.28 -14.48 23.51
CA GLU F 240 18.91 -13.91 24.80
C GLU F 240 20.17 -13.83 25.68
N CYS F 241 20.99 -14.87 25.66
CA CYS F 241 22.21 -14.85 26.46
C CYS F 241 23.17 -13.74 26.05
N ARG F 242 23.22 -13.45 24.76
CA ARG F 242 24.09 -12.41 24.22
C ARG F 242 23.56 -11.04 24.64
N VAL F 243 22.23 -10.91 24.71
CA VAL F 243 21.60 -9.69 25.19
C VAL F 243 22.07 -9.40 26.61
N LEU F 244 21.95 -10.41 27.47
CA LEU F 244 22.28 -10.27 28.87
C LEU F 244 23.74 -9.93 29.08
N GLN F 245 24.60 -10.54 28.28
CA GLN F 245 26.01 -10.21 28.26
C GLN F 245 26.26 -8.75 27.82
N LYS F 246 25.61 -8.31 26.77
CA LYS F 246 25.77 -6.92 26.31
C LYS F 246 25.32 -5.91 27.37
N LEU F 247 24.31 -6.30 28.16
CA LEU F 247 23.79 -5.47 29.25
C LEU F 247 24.75 -5.41 30.44
N GLY F 248 25.80 -6.21 30.41
CA GLY F 248 26.82 -6.17 31.46
C GLY F 248 26.65 -7.18 32.58
N ALA F 249 25.77 -8.18 32.38
CA ALA F 249 25.55 -9.21 33.38
C ALA F 249 26.60 -10.31 33.31
N ASP F 250 27.09 -10.74 34.47
CA ASP F 250 28.04 -11.85 34.57
C ASP F 250 27.39 -13.20 34.86
N ALA F 251 26.19 -13.17 35.44
CA ALA F 251 25.46 -14.41 35.76
C ALA F 251 23.99 -14.12 35.69
N VAL F 252 23.23 -15.15 35.35
CA VAL F 252 21.79 -15.05 35.22
C VAL F 252 21.08 -16.13 36.03
N GLY F 253 20.00 -15.73 36.69
CA GLY F 253 19.08 -16.70 37.30
C GLY F 253 17.71 -16.08 37.42
N MET F 254 16.86 -16.75 38.20
CA MET F 254 15.42 -16.48 38.24
C MET F 254 14.94 -16.13 39.65
N SER F 255 15.85 -15.72 40.52
CA SER F 255 15.50 -15.44 41.91
C SER F 255 16.26 -14.26 42.49
N THR F 256 16.15 -14.10 43.78
CA THR F 256 17.11 -13.35 44.62
C THR F 256 16.91 -11.84 44.67
N VAL F 257 16.80 -11.21 43.51
CA VAL F 257 16.65 -9.77 43.43
C VAL F 257 15.43 -9.19 44.21
N PRO F 258 14.25 -9.81 44.11
CA PRO F 258 13.09 -9.27 44.87
C PRO F 258 13.35 -9.27 46.36
N GLU F 259 14.01 -10.32 46.85
CA GLU F 259 14.37 -10.41 48.26
C GLU F 259 15.38 -9.35 48.66
N VAL F 260 16.37 -9.09 47.80
CA VAL F 260 17.40 -8.07 48.10
C VAL F 260 16.73 -6.71 48.25
N ILE F 261 15.81 -6.42 47.36
CA ILE F 261 15.10 -5.13 47.36
C ILE F 261 14.26 -4.95 48.64
N VAL F 262 13.50 -5.98 49.00
CA VAL F 262 12.69 -5.87 50.19
C VAL F 262 13.61 -5.81 51.39
N ALA F 263 14.70 -6.56 51.36
CA ALA F 263 15.67 -6.52 52.46
C ALA F 263 16.24 -5.12 52.68
N ARG F 264 16.64 -4.47 51.60
CA ARG F 264 17.28 -3.14 51.73
C ARG F 264 16.25 -2.08 52.07
N HIS F 265 15.00 -2.28 51.61
CA HIS F 265 13.93 -1.38 51.96
C HIS F 265 13.77 -1.31 53.51
N CYS F 266 13.90 -2.44 54.19
CA CYS F 266 13.73 -2.47 55.64
C CYS F 266 15.05 -2.39 56.41
N GLY F 267 16.14 -2.07 55.73
CA GLY F 267 17.38 -1.79 56.42
C GLY F 267 18.32 -2.93 56.69
N LEU F 268 18.09 -4.12 56.14
CA LEU F 268 19.01 -5.22 56.41
C LEU F 268 20.31 -5.04 55.61
N ARG F 269 21.43 -5.38 56.23
CA ARG F 269 22.68 -5.62 55.54
C ARG F 269 22.53 -6.88 54.64
N VAL F 270 22.92 -6.76 53.37
CA VAL F 270 22.81 -7.83 52.40
C VAL F 270 24.13 -8.24 51.78
N PHE F 271 24.39 -9.54 51.73
CA PHE F 271 25.42 -10.01 50.79
C PHE F 271 25.07 -11.39 50.27
N GLY F 272 25.75 -11.77 49.20
CA GLY F 272 25.45 -13.07 48.63
C GLY F 272 26.33 -13.56 47.52
N PHE F 273 25.99 -14.77 47.07
CA PHE F 273 26.78 -15.54 46.16
C PHE F 273 25.94 -16.32 45.20
N SER F 274 26.41 -16.38 43.95
CA SER F 274 25.86 -17.27 42.98
C SER F 274 26.82 -18.44 42.83
N LEU F 275 26.30 -19.65 42.83
CA LEU F 275 27.09 -20.81 42.37
C LEU F 275 26.83 -21.02 40.87
N ILE F 276 27.90 -20.98 40.09
CA ILE F 276 27.79 -21.12 38.63
C ILE F 276 27.67 -22.58 38.28
N THR F 277 26.46 -23.01 37.89
CA THR F 277 26.15 -24.42 37.69
C THR F 277 26.09 -24.77 36.20
N ASN F 278 26.18 -23.77 35.33
CA ASN F 278 26.42 -24.00 33.92
C ASN F 278 26.97 -22.77 33.25
N LYS F 279 27.73 -22.97 32.17
CA LYS F 279 28.15 -21.90 31.24
C LYS F 279 27.16 -21.83 30.13
N VAL F 280 26.41 -20.74 30.06
CA VAL F 280 25.36 -20.67 29.06
C VAL F 280 26.02 -20.63 27.68
N ILE F 281 25.30 -21.11 26.68
CA ILE F 281 25.82 -21.21 25.33
C ILE F 281 25.70 -19.84 24.64
N MET F 282 26.82 -19.31 24.16
CA MET F 282 26.86 -18.00 23.49
C MET F 282 27.00 -18.06 21.96
N ASP F 283 27.22 -19.27 21.42
CA ASP F 283 27.41 -19.47 19.97
C ASP F 283 26.58 -20.63 19.43
N TYR F 284 26.24 -20.58 18.16
CA TYR F 284 25.35 -21.58 17.55
C TYR F 284 26.07 -22.87 17.12
N LYS F 300 27.89 -30.77 43.64
CA LYS F 300 27.77 -31.15 45.05
C LYS F 300 29.04 -30.78 45.83
N GLN F 301 30.18 -30.93 45.17
CA GLN F 301 31.44 -30.58 45.78
C GLN F 301 31.66 -29.07 45.71
N ALA F 302 31.33 -28.47 44.58
CA ALA F 302 31.38 -27.02 44.47
C ALA F 302 30.34 -26.42 45.42
N ALA F 303 29.15 -27.01 45.44
CA ALA F 303 28.08 -26.64 46.36
C ALA F 303 28.54 -26.69 47.81
N GLN F 304 29.20 -27.77 48.21
CA GLN F 304 29.76 -27.93 49.55
C GLN F 304 30.80 -26.86 49.87
N LYS F 305 31.55 -26.46 48.86
CA LYS F 305 32.57 -25.42 49.03
C LYS F 305 31.92 -24.07 49.39
N LEU F 306 30.91 -23.66 48.61
CA LEU F 306 30.18 -22.43 48.91
C LEU F 306 29.56 -22.46 50.31
N GLU F 307 29.05 -23.62 50.69
CA GLU F 307 28.36 -23.76 51.98
C GLU F 307 29.38 -23.52 53.07
N GLN F 308 30.55 -24.16 52.94
CA GLN F 308 31.58 -24.00 53.93
C GLN F 308 32.03 -22.54 53.96
N PHE F 309 32.12 -21.90 52.80
CA PHE F 309 32.57 -20.48 52.74
C PHE F 309 31.57 -19.59 53.50
N VAL F 310 30.29 -19.78 53.25
CA VAL F 310 29.29 -18.96 53.94
C VAL F 310 29.41 -19.17 55.45
N SER F 311 29.62 -20.41 55.86
CA SER F 311 29.77 -20.71 57.27
C SER F 311 30.98 -19.97 57.87
N ILE F 312 32.12 -20.01 57.19
CA ILE F 312 33.33 -19.29 57.65
C ILE F 312 33.08 -17.80 57.74
N LEU F 313 32.37 -17.25 56.77
CA LEU F 313 32.06 -15.81 56.76
C LEU F 313 31.15 -15.28 57.89
N MET F 314 30.48 -16.17 58.60
CA MET F 314 29.66 -15.72 59.73
C MET F 314 30.55 -14.96 60.71
N ALA F 315 31.77 -15.44 60.88
CA ALA F 315 32.75 -14.81 61.75
C ALA F 315 33.05 -13.36 61.36
N SER F 316 32.91 -13.03 60.08
CA SER F 316 33.17 -11.68 59.56
C SER F 316 32.00 -10.68 59.64
N ILE F 317 30.83 -11.10 60.12
CA ILE F 317 29.62 -10.23 60.12
C ILE F 317 29.67 -9.42 61.40
N PRO F 318 29.47 -8.11 61.33
CA PRO F 318 29.52 -7.36 62.59
C PRO F 318 28.41 -7.79 63.60
N LEU F 319 28.65 -7.60 64.89
CA LEU F 319 27.64 -7.88 65.90
C LEU F 319 26.59 -6.78 65.83
N PRO F 320 25.35 -7.06 66.31
CA PRO F 320 24.21 -6.11 66.29
C PRO F 320 24.48 -4.77 66.98
P PO4 G . -0.60 -9.49 -40.58
O1 PO4 G . -0.26 -8.25 -39.78
O2 PO4 G . 0.71 -10.06 -41.04
O3 PO4 G . -1.31 -10.47 -39.70
O4 PO4 G . -1.48 -9.28 -41.78
P PO4 H . -4.22 10.44 -12.00
O1 PO4 H . -3.42 11.43 -11.21
O2 PO4 H . -3.45 9.15 -11.97
O3 PO4 H . -5.59 10.25 -11.39
O4 PO4 H . -4.36 10.97 -13.39
P PO4 I . -21.58 18.37 -41.01
O1 PO4 I . -22.66 17.48 -41.49
O2 PO4 I . -21.40 19.54 -41.89
O3 PO4 I . -22.13 18.77 -39.69
O4 PO4 I . -20.26 17.71 -40.84
C1 GOL J . -13.14 -12.76 -47.24
O1 GOL J . -11.79 -12.25 -47.22
C2 GOL J . -14.18 -11.63 -47.27
O2 GOL J . -13.88 -10.74 -48.36
C3 GOL J . -15.60 -12.18 -47.47
O3 GOL J . -16.08 -13.10 -46.45
P PO4 K . 7.41 12.48 38.19
O1 PO4 K . 7.81 11.59 37.05
O2 PO4 K . 8.20 12.18 39.44
O3 PO4 K . 7.76 13.91 37.85
O4 PO4 K . 5.92 12.30 38.44
P PO4 L . 1.63 -11.29 13.21
O1 PO4 L . 2.15 -11.68 11.86
O2 PO4 L . 2.83 -11.27 14.15
O3 PO4 L . 1.04 -9.90 13.09
O4 PO4 L . 0.57 -12.24 13.68
P PO4 M . 17.77 -20.61 42.68
O1 PO4 M . 16.98 -21.57 41.87
O2 PO4 M . 19.20 -21.08 42.71
O3 PO4 M . 17.66 -19.25 42.11
O4 PO4 M . 17.29 -20.60 44.08
C1 GOL N . 19.14 -10.17 68.21
O1 GOL N . 20.14 -10.48 67.21
C2 GOL N . 17.68 -10.49 67.80
O2 GOL N . 16.80 -10.50 68.93
C3 GOL N . 17.55 -11.91 67.22
O3 GOL N . 16.33 -12.22 66.53
#